data_9DYM
#
_entry.id   9DYM
#
_cell.length_a   1.00
_cell.length_b   1.00
_cell.length_c   1.00
_cell.angle_alpha   90.00
_cell.angle_beta   90.00
_cell.angle_gamma   90.00
#
_symmetry.space_group_name_H-M   'P 1'
#
loop_
_entity.id
_entity.type
_entity.pdbx_description
1 polymer Bestrophin-1
2 non-polymer 'CALCIUM ION'
3 non-polymer '4-AMINOBENZOIC ACID'
4 non-polymer 'CHLORIDE ION'
5 water water
#
_entity_poly.entity_id   1
_entity_poly.type   'polypeptide(L)'
_entity_poly.pdbx_seq_one_letter_code
;MTITYTSQVANARLGSFSRLLLCWRGSIYKLLYGEFLIFLLCYYIIRFIYRLALTEEQQLMFEKLTLYCDSYIQLIPISF
VLGFYVTLVVTRWWNQYENLPWPDRLMSLVSGFVEGKDEQGRLLRRTLIRYANLGNVLILRSVSTAVYKRFPSAQHLVQA
GFMTPAEHKQLEKLSLPHNMFWVPWVWFANLSMKAWLGGRIRDPILLQSLLNEMNTLRTQCGHLYAYDWISIPLVYTQVV
TVAVYSFFLTCLVGRQFLNPAKAYPGHELDLVVPVFTFLQFFFYVGWLKVAEQLINPFGEDDDDFETNWIVDRNLQVSLL
AVDEMHQDLPRMEPDMYWNKPEPQPPYTAASAQFRRASFMGSTFNISLNKEEMEFQPNQEDEEDAHAGIIGRFLGLQSHD
HHPPRANSRTKLLWPKRESLLHEGLPKNHKAAKQNVRGQEDNKAWKLKAVDAFKSAPLYQRPGYYSAPQTPLSPTPMFFP
LEPSAPSKLHSVTGIDTKDKSLKTVSSGAKKSFELLSESDGALMEHPEVSQVRRKTVEFNLTDMPEIPENHLKEPLEQSP
TNIHTTLKDHMDPYWALENRDEAHS
;
_entity_poly.pdbx_strand_id   D,B,E,A,C
#
loop_
_chem_comp.id
_chem_comp.type
_chem_comp.name
_chem_comp.formula
CA non-polymer 'CALCIUM ION' 'Ca 2'
CL non-polymer 'CHLORIDE ION' 'Cl -1'
PAB non-polymer '4-AMINOBENZOIC ACID' 'C7 H7 N O2'
#
# COMPACT_ATOMS: atom_id res chain seq x y z
N THR A 2 -11.13 -18.12 14.87
CA THR A 2 -11.36 -16.70 14.72
C THR A 2 -12.31 -16.23 15.81
N ILE A 3 -11.88 -15.28 16.62
CA ILE A 3 -12.74 -14.65 17.65
C ILE A 3 -13.36 -13.41 17.02
N THR A 4 -14.67 -13.41 16.90
CA THR A 4 -15.40 -12.31 16.25
C THR A 4 -16.06 -11.47 17.34
N TYR A 5 -15.73 -10.19 17.39
CA TYR A 5 -16.36 -9.26 18.34
C TYR A 5 -16.88 -8.03 17.60
N THR A 6 -17.20 -8.16 16.33
CA THR A 6 -17.73 -7.04 15.52
C THR A 6 -19.02 -6.51 16.13
N SER A 7 -19.90 -7.39 16.58
CA SER A 7 -21.21 -6.99 17.14
C SER A 7 -20.99 -6.15 18.40
N GLN A 8 -19.98 -6.51 19.19
CA GLN A 8 -19.74 -5.87 20.51
C GLN A 8 -19.23 -4.44 20.27
N VAL A 9 -18.52 -4.19 19.19
CA VAL A 9 -17.89 -2.88 18.97
C VAL A 9 -18.58 -2.12 17.84
N ALA A 10 -19.85 -2.38 17.59
CA ALA A 10 -20.59 -1.69 16.50
C ALA A 10 -20.65 -0.18 16.76
N ASN A 11 -20.92 0.23 17.99
CA ASN A 11 -21.00 1.67 18.36
C ASN A 11 -19.89 2.00 19.34
N ALA A 12 -19.45 3.24 19.34
CA ALA A 12 -18.49 3.77 20.32
C ALA A 12 -19.27 4.15 21.58
N ARG A 13 -19.66 3.14 22.33
CA ARG A 13 -20.40 3.33 23.59
C ARG A 13 -19.42 3.61 24.74
N LEU A 14 -19.97 3.80 25.93
CA LEU A 14 -19.19 4.05 27.15
C LEU A 14 -18.32 2.84 27.46
N GLY A 15 -17.00 2.99 27.37
CA GLY A 15 -16.05 1.91 27.62
C GLY A 15 -16.30 0.71 26.72
N SER A 16 -16.39 0.97 25.41
CA SER A 16 -16.64 -0.09 24.39
C SER A 16 -15.52 -1.12 24.42
N PHE A 17 -14.29 -0.63 24.43
CA PHE A 17 -13.11 -1.51 24.39
C PHE A 17 -12.84 -2.08 25.77
N SER A 18 -13.31 -1.44 26.82
CA SER A 18 -13.07 -1.91 28.21
C SER A 18 -13.85 -3.21 28.45
N ARG A 19 -15.03 -3.34 27.86
CA ARG A 19 -15.84 -4.56 28.06
C ARG A 19 -15.17 -5.77 27.39
N LEU A 20 -14.28 -5.55 26.44
CA LEU A 20 -13.55 -6.67 25.79
C LEU A 20 -12.46 -7.20 26.68
N LEU A 21 -12.11 -6.53 27.77
CA LEU A 21 -11.02 -7.02 28.66
C LEU A 21 -11.52 -8.19 29.50
N LEU A 22 -12.82 -8.50 29.48
CA LEU A 22 -13.35 -9.68 30.23
C LEU A 22 -13.49 -10.88 29.30
N CYS A 23 -12.67 -11.00 28.27
CA CYS A 23 -12.70 -12.15 27.33
C CYS A 23 -11.51 -13.05 27.60
N TRP A 24 -11.70 -14.35 27.59
CA TRP A 24 -10.60 -15.32 27.83
C TRP A 24 -10.15 -15.94 26.51
N ARG A 25 -11.09 -16.42 25.70
CA ARG A 25 -10.76 -17.04 24.41
C ARG A 25 -10.14 -16.01 23.48
N GLY A 26 -8.98 -16.35 22.93
CA GLY A 26 -8.18 -15.50 22.04
C GLY A 26 -7.85 -14.17 22.68
N SER A 27 -7.51 -14.19 23.95
CA SER A 27 -7.17 -12.98 24.73
C SER A 27 -5.67 -12.90 24.97
N ILE A 28 -5.26 -11.76 25.45
CA ILE A 28 -3.85 -11.48 25.81
C ILE A 28 -3.47 -12.31 27.02
N TYR A 29 -4.36 -12.46 28.00
CA TYR A 29 -4.06 -13.21 29.24
C TYR A 29 -3.71 -14.66 28.90
N LYS A 30 -4.53 -15.27 28.06
CA LYS A 30 -4.31 -16.69 27.65
C LYS A 30 -2.97 -16.79 26.92
N LEU A 31 -2.58 -15.75 26.20
CA LEU A 31 -1.36 -15.82 25.38
C LEU A 31 -0.13 -15.67 26.25
N LEU A 32 -0.15 -14.81 27.27
CA LEU A 32 1.12 -14.50 27.98
C LEU A 32 1.12 -14.89 29.46
N TYR A 33 0.17 -15.67 29.94
CA TYR A 33 0.16 -15.98 31.39
C TYR A 33 1.38 -16.82 31.77
N GLY A 34 1.76 -17.78 30.94
CA GLY A 34 2.94 -18.62 31.24
C GLY A 34 4.23 -17.82 31.32
N GLU A 35 4.45 -16.95 30.33
CA GLU A 35 5.66 -16.12 30.28
C GLU A 35 5.64 -15.17 31.47
N PHE A 36 4.46 -14.61 31.82
CA PHE A 36 4.35 -13.69 32.96
C PHE A 36 4.71 -14.44 34.24
N LEU A 37 4.22 -15.67 34.40
CA LEU A 37 4.50 -16.42 35.65
C LEU A 37 5.99 -16.69 35.74
N ILE A 38 6.64 -17.07 34.64
CA ILE A 38 8.09 -17.34 34.69
C ILE A 38 8.83 -16.04 35.05
N PHE A 39 8.46 -14.92 34.45
CA PHE A 39 9.14 -13.64 34.71
C PHE A 39 8.94 -13.25 36.17
N LEU A 40 7.72 -13.41 36.69
CA LEU A 40 7.42 -13.06 38.09
C LEU A 40 8.26 -13.93 39.03
N LEU A 41 8.32 -15.21 38.76
CA LEU A 41 9.09 -16.16 39.62
C LEU A 41 10.57 -15.75 39.61
N CYS A 42 11.13 -15.45 38.45
CA CYS A 42 12.55 -15.04 38.36
C CYS A 42 12.76 -13.73 39.10
N TYR A 43 11.86 -12.77 38.92
CA TYR A 43 12.00 -11.43 39.56
C TYR A 43 11.99 -11.58 41.08
N TYR A 44 11.10 -12.39 41.60
CA TYR A 44 10.99 -12.52 43.07
C TYR A 44 12.08 -13.42 43.63
N ILE A 45 12.62 -14.33 42.84
CA ILE A 45 13.83 -15.08 43.28
C ILE A 45 15.00 -14.09 43.40
N ILE A 46 15.17 -13.23 42.42
CA ILE A 46 16.28 -12.25 42.47
C ILE A 46 16.07 -11.32 43.66
N ARG A 47 14.84 -10.89 43.89
CA ARG A 47 14.55 -9.97 45.02
C ARG A 47 14.90 -10.65 46.34
N PHE A 48 14.50 -11.90 46.52
CA PHE A 48 14.78 -12.63 47.77
C PHE A 48 16.27 -12.87 47.93
N ILE A 49 16.96 -13.17 46.84
CA ILE A 49 18.44 -13.36 46.90
C ILE A 49 19.08 -12.05 47.34
N TYR A 50 18.67 -10.93 46.78
CA TYR A 50 19.28 -9.61 47.11
C TYR A 50 18.98 -9.24 48.56
N ARG A 51 17.78 -9.51 49.04
CA ARG A 51 17.38 -9.10 50.40
C ARG A 51 17.97 -10.03 51.46
N LEU A 52 18.17 -11.31 51.16
CA LEU A 52 18.59 -12.29 52.21
C LEU A 52 20.00 -12.82 51.99
N ALA A 53 20.33 -13.31 50.80
CA ALA A 53 21.61 -14.05 50.57
C ALA A 53 22.80 -13.09 50.57
N LEU A 54 22.65 -11.93 49.94
CA LEU A 54 23.81 -11.02 49.73
C LEU A 54 24.15 -10.33 51.05
N THR A 55 25.45 -10.21 51.32
CA THR A 55 25.96 -9.47 52.48
C THR A 55 25.99 -7.97 52.16
N GLU A 56 26.49 -7.17 53.08
CA GLU A 56 26.45 -5.70 52.97
C GLU A 56 27.20 -5.24 51.72
N GLU A 57 28.44 -5.69 51.55
CA GLU A 57 29.29 -5.27 50.39
C GLU A 57 28.63 -5.80 49.12
N GLN A 58 28.12 -7.03 49.16
CA GLN A 58 27.47 -7.64 47.99
C GLN A 58 26.17 -6.88 47.70
N GLN A 59 25.47 -6.45 48.73
CA GLN A 59 24.22 -5.65 48.54
C GLN A 59 24.59 -4.32 47.90
N LEU A 60 25.68 -3.70 48.31
CA LEU A 60 26.10 -2.42 47.71
C LEU A 60 26.45 -2.62 46.24
N MET A 61 27.14 -3.71 45.92
CA MET A 61 27.50 -4.03 44.52
C MET A 61 26.22 -4.25 43.71
N PHE A 62 25.24 -4.97 44.26
CA PHE A 62 23.98 -5.27 43.57
C PHE A 62 23.22 -3.96 43.32
N GLU A 63 23.25 -3.04 44.29
CA GLU A 63 22.55 -1.76 44.12
C GLU A 63 23.21 -0.94 43.01
N LYS A 64 24.55 -0.97 42.94
CA LYS A 64 25.28 -0.28 41.86
C LYS A 64 24.89 -0.91 40.53
N LEU A 65 24.81 -2.23 40.47
CA LEU A 65 24.43 -2.94 39.22
C LEU A 65 23.02 -2.52 38.81
N THR A 66 22.09 -2.41 39.76
CA THR A 66 20.71 -1.99 39.44
C THR A 66 20.71 -0.55 38.90
N LEU A 67 21.46 0.33 39.52
CA LEU A 67 21.52 1.74 39.05
C LEU A 67 22.13 1.76 37.65
N TYR A 68 23.11 0.92 37.37
CA TYR A 68 23.81 0.93 36.05
C TYR A 68 22.87 0.36 34.99
N CYS A 69 22.08 -0.65 35.34
CA CYS A 69 21.08 -1.25 34.43
C CYS A 69 19.99 -0.24 34.14
N ASP A 70 19.59 0.60 35.09
CA ASP A 70 18.44 1.51 34.92
C ASP A 70 18.59 2.43 33.71
N SER A 71 19.80 2.80 33.34
CA SER A 71 20.05 3.71 32.21
C SER A 71 19.86 3.01 30.86
N TYR A 72 19.84 1.69 30.78
CA TYR A 72 19.83 0.94 29.51
C TYR A 72 18.48 0.27 29.24
N ILE A 73 17.43 0.61 29.97
CA ILE A 73 16.10 -0.05 29.81
C ILE A 73 15.20 0.89 28.99
N GLN A 74 15.80 1.68 28.11
CA GLN A 74 15.10 2.63 27.22
C GLN A 74 14.08 1.93 26.29
N LEU A 75 12.85 2.42 26.27
CA LEU A 75 11.74 1.76 25.51
C LEU A 75 11.67 2.28 24.06
N ILE A 76 12.40 3.30 23.69
CA ILE A 76 12.33 3.90 22.31
C ILE A 76 12.71 2.91 21.21
N PRO A 77 13.81 2.13 21.33
CA PRO A 77 14.15 1.10 20.36
C PRO A 77 13.18 -0.10 20.31
N ILE A 78 12.75 -0.62 21.46
CA ILE A 78 11.91 -1.85 21.49
C ILE A 78 10.56 -1.53 20.85
N SER A 79 10.00 -0.35 21.07
CA SER A 79 8.75 0.09 20.41
C SER A 79 8.94 0.23 18.89
N PHE A 80 10.07 0.74 18.44
CA PHE A 80 10.34 0.92 16.99
C PHE A 80 10.42 -0.45 16.30
N VAL A 81 11.19 -1.37 16.87
CA VAL A 81 11.36 -2.69 16.21
C VAL A 81 10.00 -3.43 16.26
N LEU A 82 9.31 -3.36 17.39
CA LEU A 82 8.05 -4.08 17.58
C LEU A 82 7.02 -3.52 16.61
N GLY A 83 6.94 -2.22 16.45
CA GLY A 83 5.89 -1.62 15.62
C GLY A 83 6.09 -1.99 14.18
N PHE A 84 7.30 -1.86 13.64
CA PHE A 84 7.58 -2.23 12.24
C PHE A 84 7.34 -3.73 12.01
N TYR A 85 7.83 -4.58 12.90
CA TYR A 85 7.68 -6.03 12.74
C TYR A 85 6.19 -6.41 12.78
N VAL A 86 5.45 -5.84 13.72
CA VAL A 86 4.04 -6.26 13.88
C VAL A 86 3.26 -5.72 12.70
N THR A 87 3.60 -4.55 12.20
CA THR A 87 2.95 -4.01 10.98
C THR A 87 3.15 -4.98 9.81
N LEU A 88 4.36 -5.47 9.62
CA LEU A 88 4.63 -6.45 8.53
C LEU A 88 3.79 -7.71 8.77
N VAL A 89 3.76 -8.20 10.00
CA VAL A 89 3.04 -9.45 10.29
C VAL A 89 1.56 -9.25 10.00
N VAL A 90 0.99 -8.13 10.42
CA VAL A 90 -0.46 -7.89 10.25
C VAL A 90 -0.78 -7.72 8.77
N THR A 91 0.07 -7.05 8.04
CA THR A 91 -0.10 -6.91 6.57
C THR A 91 -0.14 -8.29 5.93
N ARG A 92 0.83 -9.13 6.27
CA ARG A 92 0.91 -10.49 5.67
C ARG A 92 -0.32 -11.27 6.10
N TRP A 93 -0.79 -11.07 7.32
CA TRP A 93 -1.95 -11.84 7.85
C TRP A 93 -3.20 -11.52 7.03
N TRP A 94 -3.44 -10.26 6.79
CA TRP A 94 -4.62 -9.89 5.98
C TRP A 94 -4.43 -10.30 4.51
N ASN A 95 -3.23 -10.21 3.98
CA ASN A 95 -2.97 -10.68 2.59
C ASN A 95 -3.22 -12.18 2.52
N GLN A 96 -2.84 -12.92 3.53
CA GLN A 96 -3.07 -14.38 3.55
C GLN A 96 -4.55 -14.64 3.57
N TYR A 97 -5.31 -13.87 4.30
CA TYR A 97 -6.77 -14.08 4.31
C TYR A 97 -7.35 -13.75 2.92
N GLU A 98 -6.87 -12.69 2.31
CA GLU A 98 -7.39 -12.25 0.99
C GLU A 98 -7.13 -13.30 -0.08
N ASN A 99 -6.21 -14.24 0.16
CA ASN A 99 -5.85 -15.28 -0.84
C ASN A 99 -6.55 -16.58 -0.52
N LEU A 100 -7.48 -16.60 0.41
CA LEU A 100 -8.32 -17.82 0.63
C LEU A 100 -9.26 -17.91 -0.55
N PRO A 101 -9.26 -19.04 -1.28
CA PRO A 101 -10.09 -19.15 -2.48
C PRO A 101 -11.57 -19.41 -2.13
N TRP A 102 -12.45 -18.65 -2.75
CA TRP A 102 -13.92 -18.82 -2.66
C TRP A 102 -14.42 -19.11 -4.06
N PRO A 103 -15.13 -20.22 -4.31
CA PRO A 103 -15.61 -20.56 -5.65
C PRO A 103 -16.88 -19.84 -6.14
N ASP A 104 -17.26 -18.74 -5.51
CA ASP A 104 -18.59 -18.13 -5.73
C ASP A 104 -18.71 -17.54 -7.15
N ARG A 105 -17.67 -16.87 -7.63
CA ARG A 105 -17.67 -16.36 -9.02
C ARG A 105 -17.67 -17.54 -10.00
N LEU A 106 -16.79 -18.50 -9.74
CA LEU A 106 -16.67 -19.65 -10.64
C LEU A 106 -17.95 -20.44 -10.59
N MET A 107 -18.55 -20.59 -9.42
CA MET A 107 -19.73 -21.46 -9.28
C MET A 107 -20.90 -20.80 -10.02
N SER A 108 -21.00 -19.46 -9.97
CA SER A 108 -22.07 -18.76 -10.72
C SER A 108 -21.86 -19.00 -12.23
N LEU A 109 -20.63 -18.86 -12.71
CA LEU A 109 -20.36 -19.06 -14.16
C LEU A 109 -20.62 -20.52 -14.56
N VAL A 110 -20.27 -21.49 -13.73
CA VAL A 110 -20.49 -22.91 -14.09
C VAL A 110 -22.00 -23.19 -14.06
N SER A 111 -22.72 -22.65 -13.10
CA SER A 111 -24.20 -22.81 -13.03
C SER A 111 -24.84 -22.24 -14.28
N GLY A 112 -24.41 -21.07 -14.73
CA GLY A 112 -25.02 -20.42 -15.89
C GLY A 112 -24.63 -21.10 -17.20
N PHE A 113 -23.35 -21.18 -17.45
CA PHE A 113 -22.79 -21.43 -18.80
C PHE A 113 -22.90 -22.89 -19.18
N VAL A 114 -22.52 -23.81 -18.33
CA VAL A 114 -22.53 -25.25 -18.67
C VAL A 114 -23.97 -25.73 -18.74
N GLU A 115 -24.43 -26.05 -19.94
CA GLU A 115 -25.86 -26.34 -20.18
C GLU A 115 -26.14 -27.82 -20.00
N GLY A 116 -27.42 -28.13 -19.82
CA GLY A 116 -27.88 -29.51 -19.69
C GLY A 116 -28.52 -29.80 -18.36
N LYS A 117 -29.82 -30.10 -18.35
CA LYS A 117 -30.50 -30.57 -17.12
C LYS A 117 -30.53 -32.10 -17.07
N ASP A 118 -29.89 -32.78 -18.00
CA ASP A 118 -29.79 -34.25 -17.97
C ASP A 118 -28.67 -34.70 -17.03
N GLU A 119 -28.44 -36.00 -16.96
CA GLU A 119 -27.40 -36.59 -16.08
C GLU A 119 -26.02 -36.10 -16.52
N GLN A 120 -25.77 -36.01 -17.81
CA GLN A 120 -24.42 -35.66 -18.30
C GLN A 120 -24.11 -34.22 -17.94
N GLY A 121 -25.05 -33.30 -18.08
CA GLY A 121 -24.83 -31.90 -17.70
C GLY A 121 -24.62 -31.74 -16.21
N ARG A 122 -25.42 -32.43 -15.41
CA ARG A 122 -25.26 -32.43 -13.95
C ARG A 122 -23.86 -32.93 -13.59
N LEU A 123 -23.46 -34.02 -14.21
CA LEU A 123 -22.15 -34.65 -13.89
C LEU A 123 -21.02 -33.71 -14.30
N LEU A 124 -21.17 -33.05 -15.44
CA LEU A 124 -20.12 -32.12 -15.92
C LEU A 124 -20.00 -30.91 -14.99
N ARG A 125 -21.11 -30.32 -14.60
CA ARG A 125 -21.07 -29.14 -13.71
C ARG A 125 -20.51 -29.54 -12.36
N ARG A 126 -20.95 -30.66 -11.81
CA ARG A 126 -20.48 -31.09 -10.49
C ARG A 126 -18.98 -31.38 -10.58
N THR A 127 -18.53 -31.99 -11.66
CA THR A 127 -17.10 -32.36 -11.80
C THR A 127 -16.25 -31.10 -11.88
N LEU A 128 -16.70 -30.09 -12.62
CA LEU A 128 -15.91 -28.85 -12.72
C LEU A 128 -15.80 -28.19 -11.34
N ILE A 129 -16.92 -28.04 -10.67
CA ILE A 129 -16.89 -27.34 -9.36
C ILE A 129 -16.13 -28.20 -8.34
N ARG A 130 -16.17 -29.52 -8.49
CA ARG A 130 -15.42 -30.42 -7.59
C ARG A 130 -13.92 -30.25 -7.85
N TYR A 131 -13.52 -30.06 -9.09
CA TYR A 131 -12.09 -29.84 -9.37
C TYR A 131 -11.64 -28.55 -8.68
N ALA A 132 -12.45 -27.51 -8.73
CA ALA A 132 -12.12 -26.25 -8.04
C ALA A 132 -11.96 -26.49 -6.53
N ASN A 133 -12.92 -27.18 -5.94
CA ASN A 133 -12.89 -27.46 -4.49
C ASN A 133 -11.69 -28.37 -4.14
N LEU A 134 -11.36 -29.30 -5.02
CA LEU A 134 -10.24 -30.24 -4.77
C LEU A 134 -8.94 -29.47 -4.77
N GLY A 135 -8.76 -28.56 -5.72
CA GLY A 135 -7.55 -27.73 -5.74
C GLY A 135 -7.43 -26.93 -4.45
N ASN A 136 -8.53 -26.33 -4.04
CA ASN A 136 -8.53 -25.50 -2.81
C ASN A 136 -8.14 -26.37 -1.63
N VAL A 137 -8.76 -27.54 -1.48
CA VAL A 137 -8.51 -28.38 -0.28
C VAL A 137 -7.09 -28.92 -0.33
N LEU A 138 -6.54 -29.17 -1.51
CA LEU A 138 -5.15 -29.66 -1.60
C LEU A 138 -4.18 -28.59 -1.05
N ILE A 139 -4.34 -27.35 -1.49
CA ILE A 139 -3.42 -26.29 -1.00
C ILE A 139 -3.69 -26.05 0.50
N LEU A 140 -4.93 -26.13 0.93
CA LEU A 140 -5.24 -25.83 2.36
C LEU A 140 -4.63 -26.90 3.25
N ARG A 141 -4.77 -28.17 2.88
CA ARG A 141 -4.15 -29.24 3.70
C ARG A 141 -2.63 -29.16 3.58
N SER A 142 -2.10 -28.51 2.57
CA SER A 142 -0.64 -28.27 2.48
C SER A 142 -0.23 -27.19 3.47
N VAL A 143 -1.07 -26.20 3.71
CA VAL A 143 -0.62 -24.99 4.47
C VAL A 143 -1.28 -24.93 5.84
N SER A 144 -2.41 -25.59 6.07
CA SER A 144 -3.19 -25.46 7.32
C SER A 144 -3.05 -26.73 8.15
N THR A 145 -2.73 -26.60 9.41
CA THR A 145 -2.58 -27.78 10.32
C THR A 145 -3.94 -28.38 10.64
N ALA A 146 -4.98 -27.57 10.78
CA ALA A 146 -6.33 -28.11 11.09
C ALA A 146 -6.84 -28.97 9.94
N VAL A 147 -6.68 -28.48 8.71
CA VAL A 147 -7.15 -29.22 7.51
C VAL A 147 -6.29 -30.49 7.37
N TYR A 148 -5.01 -30.40 7.64
CA TYR A 148 -4.14 -31.59 7.54
C TYR A 148 -4.60 -32.62 8.55
N LYS A 149 -4.91 -32.20 9.77
CA LYS A 149 -5.38 -33.15 10.80
C LYS A 149 -6.69 -33.75 10.35
N ARG A 150 -7.49 -33.01 9.58
CA ARG A 150 -8.76 -33.58 9.06
C ARG A 150 -8.47 -34.52 7.89
N PHE A 151 -7.50 -34.20 7.03
CA PHE A 151 -7.18 -35.01 5.84
C PHE A 151 -5.69 -35.31 5.84
N PRO A 152 -5.22 -36.21 6.71
CA PRO A 152 -3.79 -36.48 6.80
C PRO A 152 -3.24 -37.28 5.61
N SER A 153 -4.08 -37.71 4.68
CA SER A 153 -3.62 -38.44 3.47
C SER A 153 -4.61 -38.25 2.33
N ALA A 154 -4.21 -38.55 1.12
CA ALA A 154 -5.11 -38.43 -0.05
C ALA A 154 -6.22 -39.47 0.07
N GLN A 155 -5.97 -40.59 0.73
CA GLN A 155 -7.04 -41.59 0.95
C GLN A 155 -8.12 -40.96 1.84
N HIS A 156 -7.76 -40.09 2.77
CA HIS A 156 -8.76 -39.39 3.58
C HIS A 156 -9.59 -38.46 2.70
N LEU A 157 -8.96 -37.83 1.71
CA LEU A 157 -9.73 -36.99 0.74
C LEU A 157 -10.68 -37.87 -0.06
N VAL A 158 -10.26 -39.07 -0.41
CA VAL A 158 -11.14 -40.01 -1.13
C VAL A 158 -12.31 -40.43 -0.26
N GLN A 159 -12.04 -40.74 1.00
CA GLN A 159 -13.12 -41.19 1.93
C GLN A 159 -14.07 -40.03 2.21
N ALA A 160 -13.57 -38.81 2.25
CA ALA A 160 -14.39 -37.63 2.56
C ALA A 160 -15.18 -37.17 1.33
N GLY A 161 -14.92 -37.72 0.15
CA GLY A 161 -15.69 -37.37 -1.07
C GLY A 161 -15.17 -36.15 -1.82
N PHE A 162 -14.01 -35.62 -1.45
CA PHE A 162 -13.37 -34.55 -2.24
C PHE A 162 -12.80 -35.14 -3.53
N MET A 163 -12.41 -36.40 -3.51
CA MET A 163 -11.65 -36.98 -4.63
C MET A 163 -12.22 -38.36 -4.91
N THR A 164 -12.50 -38.64 -6.17
CA THR A 164 -12.94 -39.99 -6.56
C THR A 164 -11.72 -40.91 -6.61
N PRO A 165 -11.89 -42.22 -6.41
CA PRO A 165 -10.80 -43.16 -6.60
C PRO A 165 -10.10 -43.07 -7.96
N ALA A 166 -10.83 -42.76 -9.03
CA ALA A 166 -10.24 -42.53 -10.35
C ALA A 166 -9.32 -41.31 -10.30
N GLU A 167 -9.74 -40.25 -9.66
CA GLU A 167 -8.90 -39.03 -9.55
C GLU A 167 -7.69 -39.33 -8.68
N HIS A 168 -7.85 -40.14 -7.65
CA HIS A 168 -6.70 -40.53 -6.79
C HIS A 168 -5.70 -41.32 -7.63
N LYS A 169 -6.18 -42.25 -8.44
CA LYS A 169 -5.29 -43.07 -9.29
C LYS A 169 -4.56 -42.15 -10.26
N GLN A 170 -5.26 -41.19 -10.86
CA GLN A 170 -4.64 -40.28 -11.84
C GLN A 170 -3.58 -39.43 -11.14
N LEU A 171 -3.85 -38.95 -9.94
CA LEU A 171 -2.85 -38.16 -9.19
C LEU A 171 -1.62 -39.00 -8.86
N GLU A 172 -1.82 -40.26 -8.49
CA GLU A 172 -0.69 -41.18 -8.21
C GLU A 172 0.12 -41.37 -9.50
N LYS A 173 -0.56 -41.51 -10.63
CA LYS A 173 0.10 -41.74 -11.94
C LYS A 173 0.92 -40.50 -12.33
N LEU A 174 0.42 -39.30 -12.03
CA LEU A 174 1.11 -38.04 -12.44
C LEU A 174 2.20 -37.66 -11.47
N SER A 175 2.43 -38.40 -10.40
CA SER A 175 3.18 -37.91 -9.21
C SER A 175 4.57 -37.42 -9.59
N LEU A 176 4.90 -36.21 -9.15
CA LEU A 176 6.24 -35.59 -9.31
C LEU A 176 6.78 -35.30 -7.91
N PRO A 177 8.09 -35.05 -7.76
CA PRO A 177 8.66 -34.70 -6.46
C PRO A 177 8.35 -33.26 -6.03
N HIS A 178 7.09 -32.85 -6.15
CA HIS A 178 6.63 -31.53 -5.73
C HIS A 178 5.21 -31.66 -5.18
N ASN A 179 4.72 -30.59 -4.59
CA ASN A 179 3.31 -30.49 -4.21
C ASN A 179 2.46 -30.55 -5.49
N MET A 180 1.44 -31.39 -5.48
CA MET A 180 0.60 -31.60 -6.68
C MET A 180 -0.71 -30.85 -6.59
N PHE A 181 -0.72 -29.68 -5.97
CA PHE A 181 -1.99 -28.93 -5.81
C PHE A 181 -2.41 -28.30 -7.14
N TRP A 182 -1.50 -28.20 -8.09
CA TRP A 182 -1.78 -27.52 -9.39
C TRP A 182 -2.59 -28.42 -10.34
N VAL A 183 -2.66 -29.72 -10.07
CA VAL A 183 -3.24 -30.68 -11.02
C VAL A 183 -4.71 -30.39 -11.30
N PRO A 184 -5.57 -30.14 -10.30
CA PRO A 184 -6.98 -29.97 -10.62
C PRO A 184 -7.25 -28.78 -11.57
N TRP A 185 -6.38 -27.78 -11.60
CA TRP A 185 -6.58 -26.65 -12.52
C TRP A 185 -6.36 -27.09 -13.97
N VAL A 186 -5.35 -27.91 -14.23
CA VAL A 186 -5.15 -28.48 -15.59
C VAL A 186 -6.33 -29.38 -15.93
N TRP A 187 -6.81 -30.15 -14.96
CA TRP A 187 -7.99 -31.00 -15.19
C TRP A 187 -9.18 -30.13 -15.53
N PHE A 188 -9.36 -29.02 -14.84
CA PHE A 188 -10.51 -28.12 -15.08
C PHE A 188 -10.41 -27.56 -16.49
N ALA A 189 -9.23 -27.15 -16.89
CA ALA A 189 -9.05 -26.55 -18.24
C ALA A 189 -9.39 -27.60 -19.30
N ASN A 190 -8.91 -28.80 -19.13
CA ASN A 190 -9.14 -29.87 -20.14
C ASN A 190 -10.62 -30.24 -20.16
N LEU A 191 -11.24 -30.34 -19.00
CA LEU A 191 -12.68 -30.71 -18.97
C LEU A 191 -13.54 -29.58 -19.55
N SER A 192 -13.17 -28.32 -19.33
CA SER A 192 -13.92 -27.17 -19.90
C SER A 192 -13.79 -27.20 -21.42
N MET A 193 -12.59 -27.49 -21.91
CA MET A 193 -12.38 -27.55 -23.36
C MET A 193 -13.21 -28.68 -23.94
N LYS A 194 -13.26 -29.83 -23.26
CA LYS A 194 -14.05 -30.98 -23.72
C LYS A 194 -15.53 -30.61 -23.72
N ALA A 195 -15.99 -29.89 -22.70
CA ALA A 195 -17.41 -29.45 -22.61
C ALA A 195 -17.73 -28.51 -23.77
N TRP A 196 -16.86 -27.57 -24.07
CA TRP A 196 -17.09 -26.63 -25.20
C TRP A 196 -17.10 -27.38 -26.52
N LEU A 197 -16.20 -28.33 -26.71
CA LEU A 197 -16.18 -29.11 -27.98
C LEU A 197 -17.42 -29.99 -28.06
N GLY A 198 -17.97 -30.41 -26.94
CA GLY A 198 -19.18 -31.25 -26.90
C GLY A 198 -20.47 -30.48 -26.99
N GLY A 199 -20.42 -29.16 -27.08
CA GLY A 199 -21.62 -28.31 -27.21
C GLY A 199 -22.27 -27.95 -25.89
N ARG A 200 -21.73 -28.40 -24.76
CA ARG A 200 -22.31 -28.08 -23.44
C ARG A 200 -22.04 -26.62 -23.12
N ILE A 201 -20.92 -26.08 -23.52
CA ILE A 201 -20.65 -24.62 -23.41
C ILE A 201 -20.90 -24.04 -24.80
N ARG A 202 -21.81 -23.10 -24.88
CA ARG A 202 -22.35 -22.67 -26.21
C ARG A 202 -21.37 -21.77 -26.95
N ASP A 203 -20.52 -21.03 -26.26
CA ASP A 203 -19.64 -20.06 -26.95
C ASP A 203 -18.27 -20.06 -26.33
N PRO A 204 -17.19 -19.84 -27.12
CA PRO A 204 -15.84 -19.75 -26.57
C PRO A 204 -15.62 -18.56 -25.64
N ILE A 205 -16.44 -17.53 -25.75
CA ILE A 205 -16.41 -16.35 -24.82
C ILE A 205 -16.74 -16.85 -23.41
N LEU A 206 -17.71 -17.74 -23.32
CA LEU A 206 -18.13 -18.33 -22.03
C LEU A 206 -17.00 -19.19 -21.48
N LEU A 207 -16.34 -19.94 -22.34
CA LEU A 207 -15.23 -20.81 -21.93
C LEU A 207 -14.10 -19.92 -21.38
N GLN A 208 -13.82 -18.80 -22.04
CA GLN A 208 -12.76 -17.87 -21.59
C GLN A 208 -13.10 -17.30 -20.20
N SER A 209 -14.37 -17.00 -19.96
CA SER A 209 -14.83 -16.50 -18.64
C SER A 209 -14.62 -17.56 -17.57
N LEU A 210 -14.94 -18.81 -17.87
CA LEU A 210 -14.77 -19.91 -16.88
C LEU A 210 -13.29 -20.04 -16.54
N LEU A 211 -12.44 -20.03 -17.56
CA LEU A 211 -11.00 -20.22 -17.34
C LEU A 211 -10.39 -19.05 -16.58
N ASN A 212 -10.86 -17.83 -16.83
CA ASN A 212 -10.34 -16.64 -16.10
C ASN A 212 -10.67 -16.77 -14.61
N GLU A 213 -11.86 -17.22 -14.28
CA GLU A 213 -12.23 -17.42 -12.86
C GLU A 213 -11.37 -18.52 -12.24
N MET A 214 -11.20 -19.60 -12.96
CA MET A 214 -10.40 -20.72 -12.43
C MET A 214 -8.97 -20.23 -12.19
N ASN A 215 -8.42 -19.46 -13.13
CA ASN A 215 -7.02 -19.00 -13.03
C ASN A 215 -6.88 -18.03 -11.87
N THR A 216 -7.89 -17.23 -11.60
CA THR A 216 -7.88 -16.37 -10.40
C THR A 216 -7.76 -17.24 -9.13
N LEU A 217 -8.54 -18.28 -9.06
CA LEU A 217 -8.44 -19.21 -7.90
C LEU A 217 -7.04 -19.85 -7.87
N ARG A 218 -6.48 -20.20 -9.03
CA ARG A 218 -5.13 -20.78 -9.05
C ARG A 218 -4.13 -19.77 -8.47
N THR A 219 -4.24 -18.50 -8.87
CA THR A 219 -3.30 -17.48 -8.37
C THR A 219 -3.44 -17.36 -6.85
N GLN A 220 -4.66 -17.37 -6.34
CA GLN A 220 -4.87 -17.28 -4.87
C GLN A 220 -4.20 -18.46 -4.18
N CYS A 221 -4.35 -19.66 -4.71
CA CYS A 221 -3.74 -20.89 -4.13
C CYS A 221 -2.21 -20.75 -4.18
N GLY A 222 -1.69 -20.25 -5.27
CA GLY A 222 -0.25 -20.05 -5.37
C GLY A 222 0.26 -19.06 -4.34
N HIS A 223 -0.50 -18.00 -4.10
CA HIS A 223 -0.13 -17.00 -3.06
C HIS A 223 -0.13 -17.68 -1.70
N LEU A 224 -1.11 -18.53 -1.43
CA LEU A 224 -1.16 -19.24 -0.15
C LEU A 224 0.10 -20.10 0.00
N TYR A 225 0.44 -20.83 -1.04
CA TYR A 225 1.64 -21.69 -1.02
C TYR A 225 2.89 -20.84 -0.78
N ALA A 226 2.95 -19.69 -1.42
CA ALA A 226 4.13 -18.79 -1.32
C ALA A 226 4.26 -18.29 0.11
N TYR A 227 3.16 -17.86 0.71
CA TYR A 227 3.19 -17.35 2.10
C TYR A 227 3.62 -18.49 3.03
N ASP A 228 3.14 -19.70 2.79
CA ASP A 228 3.49 -20.86 3.63
C ASP A 228 4.99 -21.15 3.50
N TRP A 229 5.52 -21.02 2.30
CA TRP A 229 6.93 -21.36 2.04
C TRP A 229 7.85 -20.23 2.46
N ILE A 230 7.64 -19.05 1.95
CA ILE A 230 8.55 -17.91 2.17
C ILE A 230 8.10 -17.27 3.47
N SER A 231 8.68 -17.70 4.56
CA SER A 231 8.42 -17.15 5.92
C SER A 231 8.99 -15.73 5.98
N ILE A 232 8.56 -14.96 6.96
CA ILE A 232 9.24 -13.68 7.30
C ILE A 232 10.68 -14.06 7.63
N PRO A 233 11.69 -13.33 7.15
CA PRO A 233 13.07 -13.77 7.36
C PRO A 233 13.35 -14.08 8.83
N LEU A 234 13.99 -15.21 9.10
CA LEU A 234 14.23 -15.65 10.48
C LEU A 234 15.11 -14.63 11.20
N VAL A 235 15.98 -13.93 10.49
CA VAL A 235 16.86 -12.95 11.16
C VAL A 235 16.00 -11.83 11.77
N TYR A 236 14.97 -11.39 11.09
CA TYR A 236 14.08 -10.31 11.57
C TYR A 236 13.34 -10.77 12.83
N THR A 237 12.81 -11.97 12.81
CA THR A 237 12.10 -12.56 13.96
C THR A 237 13.06 -12.69 15.14
N GLN A 238 14.26 -13.18 14.89
CA GLN A 238 15.27 -13.35 15.97
C GLN A 238 15.63 -11.99 16.54
N VAL A 239 15.75 -10.97 15.69
CA VAL A 239 16.12 -9.62 16.15
C VAL A 239 15.04 -9.11 17.11
N VAL A 240 13.79 -9.23 16.71
CA VAL A 240 12.69 -8.65 17.53
C VAL A 240 12.58 -9.46 18.82
N THR A 241 12.73 -10.77 18.75
CA THR A 241 12.67 -11.62 19.96
C THR A 241 13.78 -11.21 20.92
N VAL A 242 14.99 -11.04 20.40
CA VAL A 242 16.15 -10.70 21.24
C VAL A 242 15.89 -9.33 21.88
N ALA A 243 15.36 -8.38 21.14
CA ALA A 243 15.07 -7.03 21.69
C ALA A 243 14.14 -7.17 22.90
N VAL A 244 13.02 -7.84 22.72
CA VAL A 244 12.01 -7.92 23.82
C VAL A 244 12.60 -8.68 25.01
N TYR A 245 13.23 -9.82 24.76
CA TYR A 245 13.69 -10.70 25.86
C TYR A 245 14.87 -10.06 26.57
N SER A 246 15.73 -9.35 25.85
CA SER A 246 16.86 -8.64 26.48
C SER A 246 16.30 -7.53 27.36
N PHE A 247 15.28 -6.82 26.90
CA PHE A 247 14.65 -5.75 27.69
C PHE A 247 14.15 -6.33 29.02
N PHE A 248 13.43 -7.44 28.97
CA PHE A 248 12.81 -7.97 30.20
C PHE A 248 13.77 -8.83 31.00
N LEU A 249 14.92 -9.20 30.47
CA LEU A 249 15.98 -9.83 31.31
C LEU A 249 16.74 -8.74 32.03
N THR A 250 16.98 -7.61 31.38
CA THR A 250 17.58 -6.44 32.07
C THR A 250 16.64 -5.96 33.17
N CYS A 251 15.34 -5.91 32.91
CA CYS A 251 14.33 -5.48 33.91
C CYS A 251 14.38 -6.36 35.16
N LEU A 252 14.90 -7.57 35.07
CA LEU A 252 14.95 -8.48 36.24
C LEU A 252 15.84 -7.85 37.32
N VAL A 253 16.92 -7.19 36.90
CA VAL A 253 17.88 -6.57 37.86
C VAL A 253 17.61 -5.07 37.97
N GLY A 254 17.44 -4.37 36.85
CA GLY A 254 17.27 -2.91 36.82
C GLY A 254 16.01 -2.43 37.48
N ARG A 255 14.99 -3.25 37.59
CA ARG A 255 13.69 -2.85 38.16
C ARG A 255 13.52 -3.50 39.52
N GLN A 256 14.61 -3.82 40.21
CA GLN A 256 14.54 -4.25 41.62
C GLN A 256 14.39 -3.00 42.48
N PHE A 257 13.58 -3.12 43.52
CA PHE A 257 13.39 -2.02 44.50
C PHE A 257 14.56 -2.08 45.49
N LEU A 258 15.49 -1.15 45.36
CA LEU A 258 16.65 -1.10 46.29
C LEU A 258 16.17 -0.64 47.67
N ASN A 259 17.03 -0.79 48.66
CA ASN A 259 16.67 -0.44 50.06
C ASN A 259 16.37 1.04 50.12
N PRO A 260 15.16 1.45 50.57
CA PRO A 260 14.83 2.88 50.64
C PRO A 260 15.66 3.63 51.68
N ALA A 261 16.25 2.93 52.64
CA ALA A 261 17.20 3.44 53.65
C ALA A 261 18.34 4.23 52.99
N LYS A 262 18.85 3.76 51.86
CA LYS A 262 19.99 4.38 51.17
C LYS A 262 19.54 5.57 50.33
N ALA A 263 18.23 5.77 50.13
CA ALA A 263 17.64 6.99 49.53
C ALA A 263 18.20 7.19 48.11
N TYR A 264 18.32 6.10 47.35
CA TYR A 264 18.72 6.19 45.93
C TYR A 264 17.68 6.99 45.17
N PRO A 265 18.10 7.78 44.17
CA PRO A 265 17.15 8.43 43.25
C PRO A 265 16.28 7.41 42.51
N GLY A 266 14.97 7.46 42.76
CA GLY A 266 13.98 6.61 42.10
C GLY A 266 13.66 5.36 42.90
N HIS A 267 14.34 5.11 44.01
CA HIS A 267 14.05 3.91 44.85
C HIS A 267 13.58 4.31 46.24
N GLU A 268 12.99 5.49 46.36
CA GLU A 268 12.56 6.05 47.66
C GLU A 268 11.37 5.24 48.19
N LEU A 269 10.51 4.76 47.29
CA LEU A 269 9.32 3.98 47.72
C LEU A 269 9.53 2.52 47.33
N ASP A 270 9.39 1.63 48.31
CA ASP A 270 9.57 0.18 48.09
C ASP A 270 8.21 -0.51 47.98
N LEU A 271 7.57 -0.37 46.83
CA LEU A 271 6.42 -1.24 46.49
C LEU A 271 6.95 -2.65 46.29
N VAL A 272 6.26 -3.67 46.77
CA VAL A 272 6.73 -5.06 46.55
C VAL A 272 6.51 -5.40 45.06
N VAL A 273 5.39 -4.98 44.51
CA VAL A 273 4.94 -5.35 43.15
C VAL A 273 5.31 -4.24 42.18
N PRO A 274 6.18 -4.51 41.19
CA PRO A 274 6.58 -3.49 40.23
C PRO A 274 5.47 -3.29 39.19
N VAL A 275 4.54 -2.40 39.50
CA VAL A 275 3.31 -2.26 38.68
C VAL A 275 3.70 -1.77 37.29
N PHE A 276 4.64 -0.86 37.18
CA PHE A 276 5.01 -0.28 35.87
C PHE A 276 5.79 -1.31 35.06
N THR A 277 6.66 -2.07 35.71
CA THR A 277 7.40 -3.13 35.01
C THR A 277 6.42 -4.20 34.51
N PHE A 278 5.44 -4.56 35.31
CA PHE A 278 4.43 -5.56 34.87
C PHE A 278 3.56 -4.99 33.76
N LEU A 279 3.21 -3.71 33.80
CA LEU A 279 2.43 -3.09 32.70
C LEU A 279 3.28 -3.11 31.43
N GLN A 280 4.55 -2.77 31.54
CA GLN A 280 5.46 -2.76 30.37
C GLN A 280 5.54 -4.17 29.83
N PHE A 281 5.62 -5.17 30.71
CA PHE A 281 5.68 -6.59 30.28
C PHE A 281 4.43 -6.91 29.50
N PHE A 282 3.28 -6.59 30.06
CA PHE A 282 1.96 -6.79 29.42
C PHE A 282 1.99 -6.17 28.02
N PHE A 283 2.35 -4.91 27.90
CA PHE A 283 2.31 -4.22 26.59
C PHE A 283 3.28 -4.88 25.62
N TYR A 284 4.57 -4.94 25.93
CA TYR A 284 5.59 -5.34 24.93
C TYR A 284 5.52 -6.83 24.63
N VAL A 285 5.37 -7.67 25.64
CA VAL A 285 5.24 -9.12 25.37
C VAL A 285 3.89 -9.39 24.69
N GLY A 286 2.85 -8.66 24.99
CA GLY A 286 1.59 -8.86 24.27
C GLY A 286 1.69 -8.43 22.84
N TRP A 287 2.41 -7.37 22.57
CA TRP A 287 2.63 -6.91 21.18
C TRP A 287 3.38 -7.99 20.43
N LEU A 288 4.37 -8.62 21.07
CA LEU A 288 5.12 -9.72 20.43
C LEU A 288 4.19 -10.92 20.27
N LYS A 289 3.30 -11.19 21.21
CA LYS A 289 2.38 -12.34 21.12
C LYS A 289 1.35 -12.12 19.98
N VAL A 290 1.02 -10.89 19.68
CA VAL A 290 0.15 -10.57 18.52
C VAL A 290 0.87 -11.13 17.30
N ALA A 291 2.15 -10.80 17.13
CA ALA A 291 2.94 -11.32 15.99
C ALA A 291 3.02 -12.85 16.06
N GLU A 292 3.27 -13.39 17.25
CA GLU A 292 3.48 -14.84 17.41
C GLU A 292 2.23 -15.59 16.95
N GLN A 293 1.05 -15.07 17.29
CA GLN A 293 -0.21 -15.72 16.90
C GLN A 293 -0.50 -15.47 15.41
N LEU A 294 -0.21 -14.29 14.90
CA LEU A 294 -0.59 -13.93 13.52
C LEU A 294 0.43 -14.38 12.48
N ILE A 295 1.62 -14.80 12.89
CA ILE A 295 2.71 -15.08 11.92
C ILE A 295 2.30 -16.26 11.03
N ASN A 296 1.61 -17.25 11.60
CA ASN A 296 1.04 -18.36 10.80
C ASN A 296 -0.44 -18.43 11.13
N PRO A 297 -1.29 -17.80 10.32
CA PRO A 297 -2.71 -17.72 10.64
C PRO A 297 -3.51 -18.99 10.34
N PHE A 298 -2.82 -20.07 9.97
CA PHE A 298 -3.49 -21.35 9.59
C PHE A 298 -3.19 -22.41 10.64
N GLY A 299 -2.72 -22.03 11.82
CA GLY A 299 -2.51 -22.99 12.90
C GLY A 299 -3.79 -23.31 13.62
N GLU A 300 -3.72 -23.48 14.93
CA GLU A 300 -4.87 -23.86 15.76
C GLU A 300 -5.08 -22.83 16.87
N ASP A 301 -4.55 -21.62 16.73
CA ASP A 301 -4.83 -20.54 17.70
C ASP A 301 -6.32 -20.18 17.66
N ASP A 302 -6.78 -19.50 18.68
CA ASP A 302 -8.19 -19.05 18.72
C ASP A 302 -8.45 -18.04 17.62
N ASP A 303 -7.48 -17.16 17.35
CA ASP A 303 -7.68 -16.11 16.33
C ASP A 303 -7.21 -16.57 14.95
N ASP A 304 -6.82 -17.81 14.79
CA ASP A 304 -6.44 -18.32 13.44
C ASP A 304 -7.67 -18.58 12.59
N PHE A 305 -7.49 -18.64 11.28
CA PHE A 305 -8.61 -18.78 10.34
C PHE A 305 -9.28 -20.16 10.50
N GLU A 306 -10.60 -20.16 10.36
CA GLU A 306 -11.40 -21.40 10.42
C GLU A 306 -11.44 -21.99 9.02
N THR A 307 -10.35 -22.65 8.65
CA THR A 307 -10.20 -23.24 7.31
C THR A 307 -11.14 -24.43 7.12
N ASN A 308 -11.39 -25.24 8.15
CA ASN A 308 -12.27 -26.42 7.96
C ASN A 308 -13.68 -25.95 7.64
N TRP A 309 -14.13 -24.93 8.31
CA TRP A 309 -15.48 -24.39 8.06
C TRP A 309 -15.53 -23.90 6.61
N ILE A 310 -14.50 -23.20 6.17
CA ILE A 310 -14.47 -22.64 4.80
C ILE A 310 -14.54 -23.79 3.79
N VAL A 311 -13.76 -24.85 4.04
CA VAL A 311 -13.77 -26.05 3.16
C VAL A 311 -15.20 -26.62 3.07
N ASP A 312 -15.84 -26.85 4.18
CA ASP A 312 -17.20 -27.43 4.21
C ASP A 312 -18.19 -26.51 3.52
N ARG A 313 -18.14 -25.22 3.83
CA ARG A 313 -19.13 -24.27 3.26
C ARG A 313 -18.95 -24.21 1.75
N ASN A 314 -17.71 -24.16 1.29
CA ASN A 314 -17.46 -24.01 -0.16
C ASN A 314 -18.03 -25.23 -0.87
N LEU A 315 -17.80 -26.41 -0.35
CA LEU A 315 -18.30 -27.64 -1.00
C LEU A 315 -19.84 -27.64 -1.03
N GLN A 316 -20.47 -27.35 0.09
CA GLN A 316 -21.95 -27.38 0.19
C GLN A 316 -22.53 -26.36 -0.79
N VAL A 317 -21.99 -25.15 -0.77
CA VAL A 317 -22.57 -24.02 -1.53
C VAL A 317 -22.32 -24.28 -3.01
N SER A 318 -21.09 -24.63 -3.39
CA SER A 318 -20.72 -24.80 -4.82
C SER A 318 -21.52 -25.95 -5.44
N LEU A 319 -21.64 -27.05 -4.75
CA LEU A 319 -22.42 -28.18 -5.30
C LEU A 319 -23.89 -27.78 -5.45
N LEU A 320 -24.45 -27.08 -4.47
CA LEU A 320 -25.87 -26.63 -4.55
C LEU A 320 -26.02 -25.66 -5.73
N ALA A 321 -25.07 -24.77 -5.92
CA ALA A 321 -25.17 -23.73 -6.95
C ALA A 321 -25.15 -24.36 -8.34
N VAL A 322 -24.30 -25.35 -8.54
CA VAL A 322 -24.09 -25.89 -9.90
C VAL A 322 -25.07 -27.03 -10.17
N ASP A 323 -25.68 -27.63 -9.16
CA ASP A 323 -26.51 -28.83 -9.39
C ASP A 323 -28.00 -28.50 -9.20
N GLU A 324 -28.40 -28.05 -8.04
CA GLU A 324 -29.85 -27.83 -7.77
C GLU A 324 -30.31 -26.48 -8.30
N MET A 325 -29.43 -25.49 -8.37
CA MET A 325 -29.84 -24.11 -8.70
C MET A 325 -29.61 -23.80 -10.16
N HIS A 326 -29.24 -24.76 -10.99
CA HIS A 326 -29.02 -24.53 -12.43
C HIS A 326 -30.37 -24.44 -13.12
N GLN A 327 -30.63 -23.28 -13.72
CA GLN A 327 -31.88 -22.99 -14.45
C GLN A 327 -33.08 -23.23 -13.54
N ASP A 328 -32.90 -23.02 -12.25
CA ASP A 328 -33.99 -23.09 -11.25
C ASP A 328 -34.16 -21.68 -10.69
N LEU A 329 -34.97 -20.89 -11.38
CA LEU A 329 -35.14 -19.46 -11.04
C LEU A 329 -36.52 -19.26 -10.43
N PRO A 330 -36.65 -18.31 -9.50
CA PRO A 330 -37.97 -17.96 -8.99
C PRO A 330 -38.81 -17.29 -10.09
N ARG A 331 -40.12 -17.41 -9.95
CA ARG A 331 -41.06 -16.87 -10.95
C ARG A 331 -40.80 -15.39 -11.15
N MET A 332 -40.63 -14.96 -12.38
CA MET A 332 -40.28 -13.54 -12.68
C MET A 332 -41.58 -12.78 -12.88
N GLU A 333 -41.94 -11.98 -11.89
CA GLU A 333 -43.22 -11.24 -11.87
C GLU A 333 -42.94 -9.79 -11.54
N PRO A 334 -43.82 -8.86 -11.94
CA PRO A 334 -43.64 -7.47 -11.60
C PRO A 334 -43.53 -7.27 -10.09
N ASP A 335 -42.61 -6.37 -9.71
CA ASP A 335 -42.23 -6.14 -8.31
C ASP A 335 -43.20 -5.12 -7.69
N MET A 336 -42.91 -4.77 -6.45
CA MET A 336 -43.75 -3.86 -5.65
C MET A 336 -43.77 -2.46 -6.26
N TYR A 337 -42.67 -2.05 -6.90
CA TYR A 337 -42.56 -0.68 -7.45
C TYR A 337 -42.70 -0.73 -8.96
N TRP A 338 -43.60 -1.54 -9.49
CA TRP A 338 -43.67 -1.74 -10.95
C TRP A 338 -43.99 -0.42 -11.66
N ASN A 339 -44.93 0.35 -11.15
CA ASN A 339 -45.30 1.65 -11.77
C ASN A 339 -45.11 2.78 -10.77
N LYS A 340 -44.08 2.66 -9.92
CA LYS A 340 -43.72 3.71 -8.95
C LYS A 340 -42.45 4.38 -9.43
N PRO A 341 -42.51 5.63 -9.93
CA PRO A 341 -41.31 6.29 -10.47
C PRO A 341 -40.21 6.49 -9.42
N GLU A 342 -40.58 6.69 -8.16
CA GLU A 342 -39.62 6.92 -7.05
C GLU A 342 -39.98 5.96 -5.94
N PRO A 343 -39.41 4.74 -5.93
CA PRO A 343 -39.61 3.82 -4.82
C PRO A 343 -39.08 4.39 -3.50
N GLN A 344 -39.78 4.10 -2.42
CA GLN A 344 -39.38 4.56 -1.06
C GLN A 344 -39.67 3.45 -0.08
N PRO A 345 -38.74 2.49 0.10
CA PRO A 345 -38.96 1.38 1.03
C PRO A 345 -39.18 1.91 2.44
N PRO A 346 -40.07 1.28 3.22
CA PRO A 346 -40.38 1.76 4.55
C PRO A 346 -39.24 1.56 5.55
N TYR A 347 -39.31 2.33 6.62
CA TYR A 347 -38.41 2.20 7.77
C TYR A 347 -39.19 1.65 8.94
N THR A 348 -38.56 0.79 9.72
CA THR A 348 -39.16 0.31 10.99
C THR A 348 -39.06 1.39 12.05
N ALA A 349 -39.73 1.18 13.17
CA ALA A 349 -39.67 2.12 14.31
C ALA A 349 -38.23 2.20 14.84
N ALA A 350 -37.53 1.06 14.89
CA ALA A 350 -36.14 0.97 15.40
C ALA A 350 -35.18 1.71 14.47
N SER A 351 -35.50 1.80 13.19
CA SER A 351 -34.57 2.32 12.16
C SER A 351 -35.03 3.66 11.60
N ALA A 352 -36.07 4.28 12.14
CA ALA A 352 -36.61 5.53 11.57
C ALA A 352 -35.58 6.64 11.68
N GLN A 353 -34.73 6.62 12.70
CA GLN A 353 -33.73 7.70 12.89
C GLN A 353 -32.61 7.64 11.85
N PHE A 354 -32.48 6.55 11.09
CA PHE A 354 -31.39 6.41 10.11
C PHE A 354 -31.81 6.91 8.74
N ARG A 355 -33.03 7.43 8.59
CA ARG A 355 -33.44 8.05 7.31
C ARG A 355 -32.71 9.38 7.18
N ARG A 356 -31.96 9.53 6.10
CA ARG A 356 -31.17 10.75 5.85
C ARG A 356 -31.55 11.35 4.50
N ALA A 357 -31.40 12.66 4.37
CA ALA A 357 -31.44 13.31 3.04
C ALA A 357 -30.13 13.00 2.32
N SER A 358 -30.20 12.93 1.00
CA SER A 358 -29.03 12.65 0.13
C SER A 358 -27.98 13.74 0.26
N PHE A 359 -26.72 13.33 0.23
CA PHE A 359 -25.56 14.25 0.14
C PHE A 359 -25.43 14.69 -1.32
N MET A 360 -25.56 15.99 -1.57
CA MET A 360 -25.59 16.51 -2.96
C MET A 360 -24.25 17.10 -3.38
N GLY A 361 -23.19 16.89 -2.60
CA GLY A 361 -21.87 17.47 -2.89
C GLY A 361 -21.49 18.59 -1.98
N SER A 362 -20.20 18.77 -1.75
CA SER A 362 -19.67 19.78 -0.80
C SER A 362 -19.88 21.19 -1.34
N THR A 363 -20.12 21.36 -2.61
CA THR A 363 -20.27 22.71 -3.21
C THR A 363 -21.74 23.12 -3.25
N PHE A 364 -22.66 22.32 -2.72
CA PHE A 364 -24.10 22.56 -2.92
C PHE A 364 -24.51 23.88 -2.26
N ASN A 365 -23.96 24.15 -1.09
CA ASN A 365 -24.44 25.25 -0.21
C ASN A 365 -23.58 26.51 -0.38
N ILE A 366 -22.72 26.56 -1.39
CA ILE A 366 -21.98 27.82 -1.70
C ILE A 366 -23.00 28.83 -2.25
N SER A 367 -23.00 30.04 -1.69
CA SER A 367 -23.90 31.13 -2.13
C SER A 367 -23.09 32.15 -2.93
N LEU A 368 -23.60 32.52 -4.10
CA LEU A 368 -22.97 33.58 -4.93
C LEU A 368 -24.01 34.66 -5.26
N ASN A 369 -23.53 35.86 -5.45
CA ASN A 369 -24.35 37.02 -5.85
C ASN A 369 -24.75 36.87 -7.32
N LYS A 370 -25.72 37.66 -7.76
CA LYS A 370 -26.10 37.71 -9.18
C LYS A 370 -24.92 38.21 -10.02
N GLU A 371 -24.16 39.17 -9.51
CA GLU A 371 -22.98 39.73 -10.22
C GLU A 371 -21.88 38.66 -10.34
N GLU A 372 -21.74 37.80 -9.32
CA GLU A 372 -20.68 36.77 -9.32
C GLU A 372 -21.00 35.68 -10.35
N MET A 373 -22.25 35.55 -10.78
CA MET A 373 -22.75 34.36 -11.48
C MET A 373 -22.91 34.65 -12.98
N GLU A 374 -22.70 35.87 -13.48
CA GLU A 374 -22.83 36.09 -14.93
C GLU A 374 -21.50 35.73 -15.59
N PHE A 375 -21.59 35.07 -16.73
CA PHE A 375 -20.42 34.69 -17.54
C PHE A 375 -19.74 35.95 -18.06
N GLN A 376 -18.42 35.94 -18.05
CA GLN A 376 -17.65 37.05 -18.69
C GLN A 376 -17.17 36.60 -20.07
N PRO A 377 -17.27 37.51 -21.07
CA PRO A 377 -16.82 37.20 -22.43
C PRO A 377 -15.29 37.15 -22.55
N THR B 2 -2.19 24.47 -7.98
CA THR B 2 -1.03 23.57 -7.93
C THR B 2 0.26 24.38 -8.13
N ILE B 3 1.16 24.29 -7.17
CA ILE B 3 2.50 24.92 -7.30
C ILE B 3 3.45 23.87 -7.85
N THR B 4 3.99 24.09 -9.03
CA THR B 4 4.90 23.10 -9.64
C THR B 4 6.32 23.59 -9.54
N TYR B 5 7.20 22.84 -8.88
CA TYR B 5 8.63 23.16 -8.78
C TYR B 5 9.47 21.96 -9.18
N THR B 6 8.94 21.10 -10.03
CA THR B 6 9.69 19.90 -10.49
C THR B 6 10.99 20.28 -11.20
N SER B 7 10.95 21.33 -12.03
CA SER B 7 12.12 21.76 -12.81
C SER B 7 13.22 22.24 -11.86
N GLN B 8 12.84 22.89 -10.76
CA GLN B 8 13.81 23.51 -9.83
C GLN B 8 14.55 22.42 -9.07
N VAL B 9 13.90 21.29 -8.83
CA VAL B 9 14.49 20.22 -7.99
C VAL B 9 14.88 19.02 -8.84
N ALA B 10 15.15 19.19 -10.13
CA ALA B 10 15.51 18.06 -11.01
C ALA B 10 16.80 17.39 -10.52
N ASN B 11 17.80 18.19 -10.14
CA ASN B 11 19.11 17.69 -9.68
C ASN B 11 19.29 18.08 -8.21
N ALA B 12 20.05 17.28 -7.50
CA ALA B 12 20.36 17.53 -6.08
C ALA B 12 21.59 18.43 -6.05
N ARG B 13 21.38 19.70 -6.38
CA ARG B 13 22.43 20.72 -6.43
C ARG B 13 22.68 21.29 -5.03
N LEU B 14 23.60 22.23 -4.94
CA LEU B 14 23.97 22.88 -3.65
C LEU B 14 22.78 23.66 -3.11
N GLY B 15 22.26 23.22 -1.98
CA GLY B 15 21.08 23.83 -1.33
C GLY B 15 19.89 23.87 -2.26
N SER B 16 19.55 22.72 -2.85
CA SER B 16 18.41 22.60 -3.80
C SER B 16 17.11 22.96 -3.09
N PHE B 17 16.91 22.42 -1.91
CA PHE B 17 15.66 22.63 -1.15
C PHE B 17 15.71 23.98 -0.46
N SER B 18 16.88 24.54 -0.22
CA SER B 18 17.01 25.83 0.49
C SER B 18 16.51 26.96 -0.42
N ARG B 19 16.71 26.85 -1.71
CA ARG B 19 16.25 27.90 -2.65
C ARG B 19 14.72 27.94 -2.71
N LEU B 20 14.04 26.87 -2.33
CA LEU B 20 12.56 26.85 -2.31
C LEU B 20 12.02 27.63 -1.11
N LEU B 21 12.85 28.01 -0.14
CA LEU B 21 12.38 28.82 1.00
C LEU B 21 12.17 30.27 0.58
N LEU B 22 12.54 30.67 -0.63
CA LEU B 22 12.30 32.03 -1.15
C LEU B 22 11.02 32.07 -2.00
N CYS B 23 10.06 31.20 -1.74
CA CYS B 23 8.79 31.15 -2.51
C CYS B 23 7.67 31.65 -1.62
N TRP B 24 6.74 32.42 -2.16
CA TRP B 24 5.58 32.94 -1.37
C TRP B 24 4.31 32.17 -1.72
N ARG B 25 4.03 31.98 -3.01
CA ARG B 25 2.80 31.28 -3.44
C ARG B 25 2.88 29.81 -3.00
N GLY B 26 1.83 29.36 -2.31
CA GLY B 26 1.71 28.00 -1.74
C GLY B 26 2.85 27.67 -0.82
N SER B 27 3.26 28.63 -0.01
CA SER B 27 4.38 28.48 0.94
C SER B 27 3.87 28.32 2.37
N ILE B 28 4.78 27.96 3.23
CA ILE B 28 4.52 27.83 4.68
C ILE B 28 4.21 29.19 5.29
N TYR B 29 4.94 30.22 4.88
CA TYR B 29 4.77 31.58 5.45
C TYR B 29 3.35 32.06 5.18
N LYS B 30 2.89 31.91 3.94
CA LYS B 30 1.54 32.34 3.55
C LYS B 30 0.51 31.58 4.36
N LEU B 31 0.81 30.33 4.70
CA LEU B 31 -0.19 29.48 5.38
C LEU B 31 -0.29 29.87 6.85
N LEU B 32 0.83 30.17 7.51
CA LEU B 32 0.77 30.31 9.00
C LEU B 32 1.18 31.68 9.51
N TYR B 33 1.22 32.71 8.67
CA TYR B 33 1.62 34.04 9.18
C TYR B 33 0.56 34.58 10.16
N GLY B 34 -0.71 34.39 9.87
CA GLY B 34 -1.79 34.86 10.77
C GLY B 34 -1.74 34.21 12.14
N GLU B 35 -1.60 32.90 12.14
CA GLU B 35 -1.53 32.13 13.42
C GLU B 35 -0.26 32.53 14.17
N PHE B 36 0.84 32.72 13.45
CA PHE B 36 2.11 33.12 14.08
C PHE B 36 1.95 34.50 14.71
N LEU B 37 1.28 35.44 14.03
CA LEU B 37 1.11 36.80 14.59
C LEU B 37 0.26 36.71 15.86
N ILE B 38 -0.81 35.93 15.84
CA ILE B 38 -1.67 35.79 17.04
C ILE B 38 -0.83 35.19 18.19
N PHE B 39 -0.04 34.16 17.90
CA PHE B 39 0.78 33.50 18.94
C PHE B 39 1.78 34.50 19.50
N LEU B 40 2.42 35.27 18.63
CA LEU B 40 3.42 36.29 19.04
C LEU B 40 2.75 37.31 19.96
N LEU B 41 1.57 37.80 19.57
CA LEU B 41 0.88 38.84 20.36
C LEU B 41 0.54 38.26 21.74
N CYS B 42 0.02 37.04 21.79
CA CYS B 42 -0.35 36.42 23.08
C CYS B 42 0.90 36.23 23.94
N TYR B 43 1.98 35.73 23.34
CA TYR B 43 3.22 35.44 24.10
C TYR B 43 3.76 36.73 24.70
N TYR B 44 3.79 37.80 23.94
CA TYR B 44 4.38 39.06 24.45
C TYR B 44 3.43 39.79 25.38
N ILE B 45 2.14 39.58 25.25
CA ILE B 45 1.20 40.11 26.27
C ILE B 45 1.45 39.39 27.59
N ILE B 46 1.59 38.07 27.56
CA ILE B 46 1.85 37.31 28.81
C ILE B 46 3.18 37.77 29.40
N ARG B 47 4.20 37.95 28.56
CA ARG B 47 5.52 38.35 29.05
C ARG B 47 5.42 39.72 29.74
N PHE B 48 4.75 40.68 29.12
CA PHE B 48 4.62 42.03 29.70
C PHE B 48 3.79 41.98 30.98
N ILE B 49 2.75 41.15 31.02
CA ILE B 49 1.93 41.02 32.27
C ILE B 49 2.82 40.48 33.38
N TYR B 50 3.61 39.45 33.10
CA TYR B 50 4.46 38.84 34.14
C TYR B 50 5.52 39.82 34.61
N ARG B 51 6.12 40.57 33.71
CA ARG B 51 7.26 41.44 34.06
C ARG B 51 6.78 42.75 34.69
N LEU B 52 5.59 43.23 34.39
CA LEU B 52 5.15 44.55 34.91
C LEU B 52 3.99 44.43 35.90
N ALA B 53 2.91 43.74 35.55
CA ALA B 53 1.66 43.82 36.35
C ALA B 53 1.79 43.01 37.65
N LEU B 54 2.46 41.86 37.59
CA LEU B 54 2.50 40.94 38.74
C LEU B 54 3.40 41.51 39.85
N THR B 55 2.96 41.33 41.08
CA THR B 55 3.75 41.67 42.28
C THR B 55 4.76 40.54 42.55
N GLU B 56 5.57 40.69 43.58
CA GLU B 56 6.64 39.73 43.90
C GLU B 56 6.05 38.34 44.15
N GLU B 57 5.04 38.24 45.01
CA GLU B 57 4.42 36.92 45.33
C GLU B 57 3.77 36.37 44.05
N GLN B 58 3.11 37.24 43.30
CA GLN B 58 2.45 36.81 42.04
C GLN B 58 3.53 36.39 41.04
N GLN B 59 4.66 37.09 41.01
CA GLN B 59 5.77 36.71 40.11
C GLN B 59 6.30 35.33 40.51
N LEU B 60 6.42 35.07 41.81
CA LEU B 60 6.92 33.76 42.27
C LEU B 60 5.93 32.66 41.88
N MET B 61 4.63 32.93 42.02
CA MET B 61 3.59 31.95 41.64
C MET B 61 3.68 31.70 40.12
N PHE B 62 3.84 32.75 39.33
CA PHE B 62 3.94 32.62 37.86
C PHE B 62 5.17 31.80 37.49
N GLU B 63 6.27 32.02 38.19
CA GLU B 63 7.52 31.28 37.89
C GLU B 63 7.31 29.80 38.21
N LYS B 64 6.64 29.49 39.31
CA LYS B 64 6.36 28.08 39.66
C LYS B 64 5.47 27.47 38.58
N LEU B 65 4.46 28.22 38.13
CA LEU B 65 3.55 27.72 37.07
C LEU B 65 4.35 27.46 35.79
N THR B 66 5.26 28.35 35.44
CA THR B 66 6.08 28.19 34.22
C THR B 66 6.97 26.95 34.36
N LEU B 67 7.59 26.76 35.50
CA LEU B 67 8.45 25.56 35.70
C LEU B 67 7.58 24.31 35.61
N TYR B 68 6.37 24.35 36.12
CA TYR B 68 5.47 23.16 36.14
C TYR B 68 4.99 22.86 34.72
N CYS B 69 4.76 23.88 33.91
CA CYS B 69 4.30 23.72 32.51
C CYS B 69 5.36 23.01 31.67
N ASP B 70 6.64 23.19 31.94
CA ASP B 70 7.71 22.65 31.08
C ASP B 70 7.65 21.12 31.08
N SER B 71 7.25 20.48 32.16
CA SER B 71 7.22 19.00 32.24
C SER B 71 6.16 18.39 31.32
N TYR B 72 5.09 19.11 30.96
CA TYR B 72 4.01 18.54 30.12
C TYR B 72 4.18 18.85 28.63
N ILE B 73 5.28 19.48 28.22
CA ILE B 73 5.58 19.73 26.79
C ILE B 73 6.42 18.56 26.31
N GLN B 74 5.78 17.55 25.73
CA GLN B 74 6.47 16.39 25.10
C GLN B 74 6.30 16.47 23.58
N LEU B 75 7.39 16.29 22.83
CA LEU B 75 7.37 16.34 21.34
C LEU B 75 7.05 14.97 20.75
N ILE B 76 7.21 13.87 21.48
CA ILE B 76 7.04 12.50 20.90
C ILE B 76 5.58 12.24 20.52
N PRO B 77 4.59 12.49 21.40
CA PRO B 77 3.17 12.29 21.09
C PRO B 77 2.61 13.20 19.99
N ILE B 78 2.96 14.49 20.03
CA ILE B 78 2.51 15.44 18.99
C ILE B 78 3.15 15.06 17.66
N SER B 79 4.41 14.65 17.67
CA SER B 79 5.13 14.27 16.42
C SER B 79 4.50 12.99 15.84
N PHE B 80 4.19 12.02 16.69
CA PHE B 80 3.59 10.74 16.22
C PHE B 80 2.20 10.98 15.65
N VAL B 81 1.36 11.71 16.35
CA VAL B 81 -0.03 11.90 15.89
C VAL B 81 -0.02 12.74 14.60
N LEU B 82 0.86 13.74 14.53
CA LEU B 82 0.94 14.59 13.33
C LEU B 82 1.44 13.74 12.18
N GLY B 83 2.44 12.89 12.40
CA GLY B 83 3.01 12.04 11.33
C GLY B 83 1.95 11.13 10.75
N PHE B 84 1.22 10.43 11.60
CA PHE B 84 0.20 9.48 11.13
C PHE B 84 -0.92 10.20 10.40
N TYR B 85 -1.40 11.30 10.97
CA TYR B 85 -2.55 12.03 10.39
C TYR B 85 -2.13 12.63 9.04
N VAL B 86 -0.94 13.19 8.96
CA VAL B 86 -0.54 13.87 7.72
C VAL B 86 -0.28 12.78 6.68
N THR B 87 0.25 11.64 7.06
CA THR B 87 0.44 10.52 6.11
C THR B 87 -0.91 10.11 5.53
N LEU B 88 -1.92 9.97 6.36
CA LEU B 88 -3.28 9.61 5.87
C LEU B 88 -3.79 10.70 4.92
N VAL B 89 -3.62 11.95 5.28
CA VAL B 89 -4.13 13.06 4.44
C VAL B 89 -3.41 13.04 3.10
N VAL B 90 -2.11 12.84 3.08
CA VAL B 90 -1.32 12.87 1.83
C VAL B 90 -1.71 11.67 0.96
N THR B 91 -1.90 10.51 1.57
CA THR B 91 -2.36 9.31 0.84
C THR B 91 -3.70 9.60 0.17
N ARG B 92 -4.64 10.17 0.91
CA ARG B 92 -5.99 10.46 0.38
C ARG B 92 -5.85 11.50 -0.72
N TRP B 93 -4.94 12.45 -0.56
CA TRP B 93 -4.74 13.55 -1.55
C TRP B 93 -4.30 12.97 -2.88
N TRP B 94 -3.33 12.08 -2.85
CA TRP B 94 -2.86 11.47 -4.11
C TRP B 94 -3.92 10.53 -4.68
N ASN B 95 -4.64 9.81 -3.84
CA ASN B 95 -5.72 8.92 -4.34
C ASN B 95 -6.79 9.79 -5.00
N GLN B 96 -7.10 10.94 -4.44
CA GLN B 96 -8.10 11.85 -5.02
C GLN B 96 -7.61 12.31 -6.37
N TYR B 97 -6.34 12.61 -6.50
CA TYR B 97 -5.83 13.04 -7.82
C TYR B 97 -5.92 11.88 -8.81
N GLU B 98 -5.60 10.68 -8.38
CA GLU B 98 -5.60 9.51 -9.28
C GLU B 98 -7.02 9.21 -9.78
N ASN B 99 -8.05 9.75 -9.15
CA ASN B 99 -9.45 9.51 -9.55
C ASN B 99 -9.99 10.66 -10.39
N LEU B 100 -9.15 11.60 -10.80
CA LEU B 100 -9.58 12.64 -11.75
C LEU B 100 -9.73 11.97 -13.11
N PRO B 101 -10.93 12.05 -13.73
CA PRO B 101 -11.16 11.34 -14.98
C PRO B 101 -10.54 12.03 -16.19
N TRP B 102 -9.83 11.28 -17.01
CA TRP B 102 -9.24 11.73 -18.29
C TRP B 102 -9.88 10.91 -19.39
N PRO B 103 -10.46 11.55 -20.43
CA PRO B 103 -11.10 10.82 -21.52
C PRO B 103 -10.16 10.27 -22.63
N ASP B 104 -8.87 10.17 -22.36
CA ASP B 104 -7.89 9.92 -23.44
C ASP B 104 -8.03 8.50 -24.01
N ARG B 105 -8.18 7.50 -23.14
CA ARG B 105 -8.42 6.11 -23.59
C ARG B 105 -9.78 6.03 -24.27
N LEU B 106 -10.78 6.64 -23.66
CA LEU B 106 -12.14 6.57 -24.23
C LEU B 106 -12.14 7.30 -25.56
N MET B 107 -11.47 8.43 -25.63
CA MET B 107 -11.56 9.27 -26.85
C MET B 107 -10.82 8.56 -27.98
N SER B 108 -9.75 7.85 -27.70
CA SER B 108 -9.05 7.05 -28.74
C SER B 108 -10.00 5.95 -29.24
N LEU B 109 -10.68 5.26 -28.34
CA LEU B 109 -11.62 4.19 -28.76
C LEU B 109 -12.79 4.77 -29.55
N VAL B 110 -13.32 5.90 -29.15
CA VAL B 110 -14.47 6.50 -29.87
C VAL B 110 -13.99 6.97 -31.25
N SER B 111 -12.81 7.57 -31.32
CA SER B 111 -12.25 8.03 -32.62
C SER B 111 -12.07 6.83 -33.56
N GLY B 112 -11.56 5.71 -33.05
CA GLY B 112 -11.28 4.54 -33.89
C GLY B 112 -12.57 3.82 -34.29
N PHE B 113 -13.36 3.43 -33.32
CA PHE B 113 -14.41 2.41 -33.49
C PHE B 113 -15.64 2.99 -34.18
N VAL B 114 -16.16 4.12 -33.72
CA VAL B 114 -17.42 4.66 -34.26
C VAL B 114 -17.16 5.20 -35.66
N GLU B 115 -17.70 4.54 -36.66
CA GLU B 115 -17.34 4.80 -38.07
C GLU B 115 -18.24 5.87 -38.65
N GLY B 116 -17.79 6.46 -39.75
CA GLY B 116 -18.58 7.46 -40.50
C GLY B 116 -17.93 8.82 -40.52
N LYS B 117 -17.57 9.30 -41.70
CA LYS B 117 -17.05 10.68 -41.87
C LYS B 117 -18.18 11.62 -42.26
N ASP B 118 -19.43 11.16 -42.30
CA ASP B 118 -20.57 12.03 -42.60
C ASP B 118 -21.02 12.79 -41.35
N GLU B 119 -22.09 13.55 -41.47
CA GLU B 119 -22.63 14.36 -40.35
C GLU B 119 -23.11 13.43 -39.24
N GLN B 120 -23.74 12.33 -39.55
CA GLN B 120 -24.28 11.42 -38.53
C GLN B 120 -23.18 10.79 -37.70
N GLY B 121 -22.11 10.37 -38.33
CA GLY B 121 -20.95 9.80 -37.61
C GLY B 121 -20.27 10.85 -36.73
N ARG B 122 -20.08 12.04 -37.27
CA ARG B 122 -19.50 13.15 -36.49
C ARG B 122 -20.38 13.41 -35.28
N LEU B 123 -21.68 13.49 -35.48
CA LEU B 123 -22.63 13.83 -34.40
C LEU B 123 -22.61 12.72 -33.35
N LEU B 124 -22.54 11.47 -33.78
CA LEU B 124 -22.52 10.33 -32.84
C LEU B 124 -21.24 10.35 -32.01
N ARG B 125 -20.09 10.54 -32.64
CA ARG B 125 -18.81 10.54 -31.90
C ARG B 125 -18.77 11.72 -30.95
N ARG B 126 -19.18 12.90 -31.41
CA ARG B 126 -19.12 14.09 -30.56
C ARG B 126 -20.08 13.89 -29.40
N THR B 127 -21.24 13.30 -29.63
CA THR B 127 -22.23 13.11 -28.55
C THR B 127 -21.69 12.16 -27.50
N LEU B 128 -21.06 11.08 -27.92
CA LEU B 128 -20.52 10.10 -26.95
C LEU B 128 -19.44 10.78 -26.10
N ILE B 129 -18.50 11.46 -26.74
CA ILE B 129 -17.40 12.07 -25.97
C ILE B 129 -17.94 13.22 -25.11
N ARG B 130 -18.99 13.89 -25.58
CA ARG B 130 -19.61 14.98 -24.78
C ARG B 130 -20.30 14.37 -23.54
N TYR B 131 -20.90 13.19 -23.68
CA TYR B 131 -21.51 12.54 -22.51
C TYR B 131 -20.44 12.25 -21.47
N ALA B 132 -19.28 11.76 -21.92
CA ALA B 132 -18.17 11.49 -20.98
C ALA B 132 -17.76 12.78 -20.27
N ASN B 133 -17.57 13.84 -21.04
CA ASN B 133 -17.14 15.13 -20.45
C ASN B 133 -18.23 15.70 -19.51
N LEU B 134 -19.49 15.48 -19.86
CA LEU B 134 -20.62 16.00 -19.05
C LEU B 134 -20.63 15.27 -17.71
N GLY B 135 -20.44 13.98 -17.72
CA GLY B 135 -20.40 13.23 -16.44
C GLY B 135 -19.26 13.74 -15.57
N ASN B 136 -18.10 13.94 -16.19
CA ASN B 136 -16.91 14.41 -15.43
C ASN B 136 -17.22 15.78 -14.83
N VAL B 137 -17.77 16.70 -15.62
CA VAL B 137 -17.99 18.09 -15.13
C VAL B 137 -19.08 18.08 -14.07
N LEU B 138 -20.06 17.18 -14.16
CA LEU B 138 -21.12 17.13 -13.13
C LEU B 138 -20.51 16.74 -11.76
N ILE B 139 -19.69 15.70 -11.75
CA ILE B 139 -19.09 15.28 -10.47
C ILE B 139 -18.11 16.37 -9.99
N LEU B 140 -17.39 17.01 -10.91
CA LEU B 140 -16.39 18.00 -10.49
C LEU B 140 -17.07 19.22 -9.89
N ARG B 141 -18.15 19.70 -10.50
CA ARG B 141 -18.88 20.83 -9.92
C ARG B 141 -19.56 20.41 -8.62
N SER B 142 -19.77 19.12 -8.42
CA SER B 142 -20.30 18.63 -7.12
C SER B 142 -19.21 18.68 -6.06
N VAL B 143 -17.96 18.47 -6.42
CA VAL B 143 -16.90 18.25 -5.39
C VAL B 143 -15.92 19.43 -5.37
N SER B 144 -15.80 20.22 -6.42
CA SER B 144 -14.78 21.29 -6.53
C SER B 144 -15.45 22.65 -6.43
N THR B 145 -14.95 23.50 -5.57
CA THR B 145 -15.52 24.87 -5.38
C THR B 145 -15.20 25.74 -6.58
N ALA B 146 -14.04 25.61 -7.19
CA ALA B 146 -13.69 26.44 -8.37
C ALA B 146 -14.63 26.14 -9.54
N VAL B 147 -14.88 24.85 -9.78
CA VAL B 147 -15.78 24.43 -10.90
C VAL B 147 -17.20 24.89 -10.58
N TYR B 148 -17.61 24.79 -9.32
CA TYR B 148 -18.96 25.22 -8.95
C TYR B 148 -19.08 26.72 -9.18
N LYS B 149 -18.07 27.49 -8.82
CA LYS B 149 -18.11 28.96 -9.05
C LYS B 149 -18.19 29.23 -10.54
N ARG B 150 -17.60 28.35 -11.35
CA ARG B 150 -17.69 28.52 -12.82
C ARG B 150 -19.06 28.09 -13.34
N PHE B 151 -19.63 27.04 -12.76
CA PHE B 151 -20.94 26.50 -13.20
C PHE B 151 -21.85 26.38 -12.00
N PRO B 152 -22.36 27.50 -11.47
CA PRO B 152 -23.20 27.45 -10.27
C PRO B 152 -24.59 26.87 -10.50
N SER B 153 -24.96 26.55 -11.73
CA SER B 153 -26.25 25.91 -12.05
C SER B 153 -26.16 25.11 -13.33
N ALA B 154 -27.10 24.22 -13.56
CA ALA B 154 -27.13 23.42 -14.82
C ALA B 154 -27.38 24.33 -16.01
N GLN B 155 -28.07 25.45 -15.81
CA GLN B 155 -28.25 26.43 -16.89
C GLN B 155 -26.89 26.99 -17.30
N HIS B 156 -25.97 27.14 -16.37
CA HIS B 156 -24.60 27.58 -16.71
C HIS B 156 -23.91 26.53 -17.54
N LEU B 157 -24.15 25.25 -17.25
CA LEU B 157 -23.59 24.15 -18.08
C LEU B 157 -24.18 24.24 -19.49
N VAL B 158 -25.45 24.56 -19.60
CA VAL B 158 -26.09 24.72 -20.94
C VAL B 158 -25.50 25.90 -21.67
N GLN B 159 -25.29 27.02 -20.99
CA GLN B 159 -24.73 28.22 -21.65
C GLN B 159 -23.28 27.95 -22.05
N ALA B 160 -22.54 27.19 -21.27
CA ALA B 160 -21.12 26.91 -21.56
C ALA B 160 -20.99 25.82 -22.63
N GLY B 161 -22.06 25.14 -23.00
CA GLY B 161 -22.00 24.12 -24.07
C GLY B 161 -21.65 22.72 -23.61
N PHE B 162 -21.54 22.49 -22.32
CA PHE B 162 -21.34 21.11 -21.79
C PHE B 162 -22.63 20.29 -21.96
N MET B 163 -23.77 20.96 -22.00
CA MET B 163 -25.07 20.29 -22.00
C MET B 163 -25.97 21.01 -22.99
N THR B 164 -26.63 20.28 -23.86
CA THR B 164 -27.64 20.87 -24.76
C THR B 164 -28.93 21.09 -23.97
N PRO B 165 -29.77 22.04 -24.39
CA PRO B 165 -31.09 22.23 -23.79
C PRO B 165 -31.95 20.96 -23.72
N ALA B 166 -31.86 20.08 -24.73
CA ALA B 166 -32.57 18.79 -24.72
C ALA B 166 -32.04 17.94 -23.58
N GLU B 167 -30.73 17.91 -23.38
CA GLU B 167 -30.13 17.11 -22.29
C GLU B 167 -30.55 17.70 -20.95
N HIS B 168 -30.63 19.02 -20.86
CA HIS B 168 -31.06 19.68 -19.62
C HIS B 168 -32.50 19.28 -19.32
N LYS B 169 -33.36 19.30 -20.33
CA LYS B 169 -34.78 18.93 -20.13
C LYS B 169 -34.86 17.48 -19.66
N GLN B 170 -34.08 16.60 -20.27
CA GLN B 170 -34.10 15.17 -19.90
C GLN B 170 -33.63 14.99 -18.45
N LEU B 171 -32.58 15.71 -18.06
CA LEU B 171 -32.07 15.62 -16.67
C LEU B 171 -33.12 16.13 -15.69
N GLU B 172 -33.83 17.20 -16.03
CA GLU B 172 -34.89 17.71 -15.15
C GLU B 172 -36.01 16.67 -15.04
N LYS B 173 -36.33 16.01 -16.15
CA LYS B 173 -37.39 14.97 -16.17
C LYS B 173 -36.99 13.79 -15.30
N LEU B 174 -35.71 13.41 -15.31
CA LEU B 174 -35.22 12.22 -14.57
C LEU B 174 -34.92 12.53 -13.11
N SER B 175 -35.18 13.75 -12.65
CA SER B 175 -34.67 14.23 -11.34
C SER B 175 -35.17 13.29 -10.21
N LEU B 176 -34.23 12.86 -9.39
CA LEU B 176 -34.46 12.12 -8.13
C LEU B 176 -33.80 12.94 -7.02
N PRO B 177 -34.12 12.67 -5.73
CA PRO B 177 -33.48 13.39 -4.64
C PRO B 177 -32.06 12.94 -4.34
N HIS B 178 -31.24 12.87 -5.40
CA HIS B 178 -29.81 12.52 -5.26
C HIS B 178 -29.03 13.31 -6.30
N ASN B 179 -27.71 13.25 -6.18
CA ASN B 179 -26.83 13.80 -7.21
C ASN B 179 -27.04 13.01 -8.49
N MET B 180 -27.18 13.72 -9.61
CA MET B 180 -27.52 13.08 -10.91
C MET B 180 -26.27 12.97 -11.78
N PHE B 181 -25.09 12.79 -11.22
CA PHE B 181 -23.86 12.73 -12.02
C PHE B 181 -23.76 11.41 -12.76
N TRP B 182 -24.53 10.41 -12.37
CA TRP B 182 -24.46 9.06 -12.98
C TRP B 182 -25.24 9.01 -14.31
N VAL B 183 -26.09 9.97 -14.59
CA VAL B 183 -26.99 9.90 -15.76
C VAL B 183 -26.22 9.86 -17.08
N PRO B 184 -25.20 10.69 -17.32
CA PRO B 184 -24.57 10.66 -18.64
C PRO B 184 -23.93 9.29 -18.96
N TRP B 185 -23.55 8.51 -17.96
CA TRP B 185 -22.98 7.17 -18.22
C TRP B 185 -24.05 6.22 -18.74
N VAL B 186 -25.25 6.28 -18.21
CA VAL B 186 -26.40 5.48 -18.74
C VAL B 186 -26.74 5.98 -20.15
N TRP B 187 -26.66 7.27 -20.37
CA TRP B 187 -26.90 7.82 -21.72
C TRP B 187 -25.83 7.30 -22.67
N PHE B 188 -24.59 7.25 -22.23
CA PHE B 188 -23.47 6.77 -23.08
C PHE B 188 -23.72 5.31 -23.42
N ALA B 189 -24.13 4.51 -22.45
CA ALA B 189 -24.34 3.07 -22.70
C ALA B 189 -25.46 2.90 -23.73
N ASN B 190 -26.54 3.63 -23.56
CA ASN B 190 -27.70 3.49 -24.46
C ASN B 190 -27.34 3.98 -25.85
N LEU B 191 -26.62 5.09 -25.95
CA LEU B 191 -26.22 5.61 -27.29
C LEU B 191 -25.23 4.66 -27.97
N SER B 192 -24.33 4.05 -27.22
CA SER B 192 -23.36 3.09 -27.79
C SER B 192 -24.12 1.86 -28.31
N MET B 193 -25.10 1.40 -27.56
CA MET B 193 -25.89 0.24 -27.99
C MET B 193 -26.65 0.61 -29.28
N LYS B 194 -27.21 1.81 -29.33
CA LYS B 194 -27.96 2.26 -30.53
C LYS B 194 -26.99 2.34 -31.70
N ALA B 195 -25.79 2.84 -31.49
CA ALA B 195 -24.75 2.96 -32.55
C ALA B 195 -24.40 1.57 -33.08
N TRP B 196 -24.21 0.60 -32.20
CA TRP B 196 -23.88 -0.77 -32.63
C TRP B 196 -25.05 -1.38 -33.38
N LEU B 197 -26.28 -1.17 -32.94
CA LEU B 197 -27.43 -1.73 -33.66
C LEU B 197 -27.61 -1.03 -35.00
N GLY B 198 -27.17 0.21 -35.13
CA GLY B 198 -27.26 0.96 -36.38
C GLY B 198 -26.10 0.71 -37.33
N GLY B 199 -25.15 -0.12 -36.97
CA GLY B 199 -24.01 -0.46 -37.84
C GLY B 199 -22.85 0.50 -37.75
N ARG B 200 -22.94 1.56 -36.94
CA ARG B 200 -21.82 2.52 -36.82
C ARG B 200 -20.67 1.88 -36.05
N ILE B 201 -20.95 1.02 -35.08
CA ILE B 201 -19.91 0.20 -34.42
C ILE B 201 -19.98 -1.18 -35.05
N ARG B 202 -18.88 -1.62 -35.65
CA ARG B 202 -18.90 -2.78 -36.56
C ARG B 202 -19.01 -4.10 -35.77
N ASP B 203 -18.50 -4.18 -34.56
CA ASP B 203 -18.47 -5.48 -33.84
C ASP B 203 -18.80 -5.26 -32.38
N PRO B 204 -19.49 -6.22 -31.72
CA PRO B 204 -19.79 -6.11 -30.30
C PRO B 204 -18.55 -6.13 -29.39
N ILE B 205 -17.43 -6.66 -29.87
CA ILE B 205 -16.16 -6.62 -29.11
C ILE B 205 -15.73 -5.16 -28.95
N LEU B 206 -15.94 -4.37 -29.99
CA LEU B 206 -15.61 -2.92 -29.97
C LEU B 206 -16.55 -2.22 -29.00
N LEU B 207 -17.82 -2.59 -28.99
CA LEU B 207 -18.81 -1.99 -28.07
C LEU B 207 -18.40 -2.30 -26.63
N GLN B 208 -17.96 -3.53 -26.36
CA GLN B 208 -17.55 -3.92 -25.00
C GLN B 208 -16.35 -3.09 -24.55
N SER B 209 -15.41 -2.82 -25.46
CA SER B 209 -14.22 -2.00 -25.15
C SER B 209 -14.64 -0.57 -24.82
N LEU B 210 -15.58 0.00 -25.57
CA LEU B 210 -16.04 1.39 -25.33
C LEU B 210 -16.67 1.45 -23.94
N LEU B 211 -17.51 0.46 -23.62
CA LEU B 211 -18.23 0.46 -22.33
C LEU B 211 -17.26 0.26 -21.17
N ASN B 212 -16.22 -0.56 -21.35
CA ASN B 212 -15.23 -0.79 -20.27
C ASN B 212 -14.48 0.52 -19.97
N GLU B 213 -14.15 1.29 -20.97
CA GLU B 213 -13.51 2.59 -20.75
C GLU B 213 -14.48 3.54 -20.03
N MET B 214 -15.71 3.58 -20.49
CA MET B 214 -16.70 4.46 -19.86
C MET B 214 -16.86 4.04 -18.38
N ASN B 215 -16.95 2.76 -18.10
CA ASN B 215 -17.18 2.29 -16.72
C ASN B 215 -15.98 2.60 -15.84
N THR B 216 -14.78 2.58 -16.40
CA THR B 216 -13.60 3.00 -15.64
C THR B 216 -13.77 4.48 -15.24
N LEU B 217 -14.19 5.32 -16.16
CA LEU B 217 -14.43 6.74 -15.84
C LEU B 217 -15.53 6.83 -14.78
N ARG B 218 -16.57 6.02 -14.88
CA ARG B 218 -17.66 6.06 -13.88
C ARG B 218 -17.07 5.73 -12.50
N THR B 219 -16.25 4.71 -12.41
CA THR B 219 -15.66 4.31 -11.13
C THR B 219 -14.81 5.46 -10.56
N GLN B 220 -14.04 6.12 -11.40
CA GLN B 220 -13.24 7.28 -10.94
C GLN B 220 -14.14 8.38 -10.38
N CYS B 221 -15.23 8.68 -11.08
CA CYS B 221 -16.19 9.72 -10.62
C CYS B 221 -16.81 9.30 -9.30
N GLY B 222 -17.15 8.03 -9.17
CA GLY B 222 -17.71 7.55 -7.90
C GLY B 222 -16.73 7.68 -6.77
N HIS B 223 -15.46 7.41 -7.02
CA HIS B 223 -14.41 7.57 -6.00
C HIS B 223 -14.32 9.03 -5.61
N LEU B 224 -14.39 9.94 -6.56
CA LEU B 224 -14.32 11.38 -6.25
C LEU B 224 -15.50 11.73 -5.34
N TYR B 225 -16.69 11.28 -5.68
CA TYR B 225 -17.88 11.56 -4.87
C TYR B 225 -17.71 11.00 -3.47
N ALA B 226 -17.15 9.80 -3.36
CA ALA B 226 -16.96 9.13 -2.06
C ALA B 226 -15.98 9.94 -1.21
N TYR B 227 -14.89 10.38 -1.79
CA TYR B 227 -13.89 11.18 -1.04
C TYR B 227 -14.53 12.50 -0.60
N ASP B 228 -15.35 13.10 -1.43
CA ASP B 228 -16.03 14.37 -1.07
C ASP B 228 -16.99 14.12 0.08
N TRP B 229 -17.67 12.99 0.07
CA TRP B 229 -18.73 12.70 1.06
C TRP B 229 -18.12 12.17 2.34
N ILE B 230 -17.32 11.14 2.28
CA ILE B 230 -16.77 10.47 3.48
C ILE B 230 -15.50 11.24 3.81
N SER B 231 -15.65 12.23 4.69
CA SER B 231 -14.49 13.00 5.18
C SER B 231 -13.63 12.11 6.07
N ILE B 232 -12.39 12.50 6.34
CA ILE B 232 -11.59 11.86 7.42
C ILE B 232 -12.40 12.06 8.68
N PRO B 233 -12.54 11.03 9.55
CA PRO B 233 -13.44 11.17 10.70
C PRO B 233 -13.12 12.43 11.50
N LEU B 234 -14.15 13.18 11.88
CA LEU B 234 -13.95 14.48 12.55
C LEU B 234 -13.26 14.25 13.89
N VAL B 235 -13.44 13.11 14.52
CA VAL B 235 -12.77 12.85 15.82
C VAL B 235 -11.25 12.87 15.61
N TYR B 236 -10.75 12.29 14.54
CA TYR B 236 -9.30 12.23 14.26
C TYR B 236 -8.74 13.65 14.06
N THR B 237 -9.44 14.44 13.26
CA THR B 237 -9.04 15.83 12.99
C THR B 237 -9.06 16.64 14.29
N GLN B 238 -10.10 16.47 15.08
CA GLN B 238 -10.22 17.21 16.36
C GLN B 238 -9.08 16.78 17.30
N VAL B 239 -8.74 15.50 17.31
CA VAL B 239 -7.65 14.99 18.19
C VAL B 239 -6.36 15.69 17.79
N VAL B 240 -6.04 15.71 16.52
CA VAL B 240 -4.73 16.26 16.08
C VAL B 240 -4.73 17.77 16.33
N THR B 241 -5.85 18.44 16.08
CA THR B 241 -5.94 19.90 16.31
C THR B 241 -5.72 20.18 17.79
N VAL B 242 -6.39 19.42 18.65
CA VAL B 242 -6.29 19.63 20.12
C VAL B 242 -4.84 19.40 20.53
N ALA B 243 -4.19 18.36 20.01
CA ALA B 243 -2.78 18.09 20.37
C ALA B 243 -1.92 19.32 20.06
N VAL B 244 -1.99 19.82 18.84
CA VAL B 244 -1.11 20.94 18.43
C VAL B 244 -1.45 22.19 19.25
N TYR B 245 -2.73 22.51 19.39
CA TYR B 245 -3.13 23.78 20.03
C TYR B 245 -2.86 23.72 21.52
N SER B 246 -3.03 22.55 22.14
CA SER B 246 -2.74 22.39 23.58
C SER B 246 -1.23 22.56 23.78
N PHE B 247 -0.44 21.99 22.89
CA PHE B 247 1.04 22.12 22.98
C PHE B 247 1.42 23.60 22.96
N PHE B 248 0.89 24.38 22.05
CA PHE B 248 1.33 25.79 21.93
C PHE B 248 0.63 26.69 22.94
N LEU B 249 -0.50 26.28 23.49
CA LEU B 249 -1.13 27.05 24.60
C LEU B 249 -0.32 26.82 25.88
N THR B 250 0.20 25.62 26.05
CA THR B 250 1.13 25.36 27.18
C THR B 250 2.42 26.16 26.96
N CYS B 251 2.92 26.17 25.74
CA CYS B 251 4.19 26.88 25.41
C CYS B 251 4.01 28.38 25.67
N LEU B 252 2.78 28.89 25.65
CA LEU B 252 2.58 30.34 25.92
C LEU B 252 3.11 30.71 27.32
N VAL B 253 2.94 29.82 28.29
CA VAL B 253 3.38 30.09 29.69
C VAL B 253 4.72 29.40 29.97
N GLY B 254 4.85 28.13 29.60
CA GLY B 254 6.04 27.33 29.91
C GLY B 254 7.30 27.80 29.23
N ARG B 255 7.18 28.54 28.13
CA ARG B 255 8.36 29.01 27.35
C ARG B 255 8.55 30.50 27.58
N GLN B 256 8.13 30.97 28.77
CA GLN B 256 8.35 32.38 29.13
C GLN B 256 9.69 32.49 29.88
N PHE B 257 10.54 33.44 29.48
CA PHE B 257 11.88 33.60 30.08
C PHE B 257 11.69 34.22 31.46
N LEU B 258 11.89 33.42 32.50
CA LEU B 258 11.77 33.92 33.89
C LEU B 258 12.93 34.86 34.21
N ASN B 259 12.87 35.50 35.36
CA ASN B 259 13.90 36.48 35.78
C ASN B 259 15.24 35.76 35.88
N PRO B 260 16.27 36.22 35.14
CA PRO B 260 17.58 35.57 35.22
C PRO B 260 18.25 35.74 36.59
N ALA B 261 17.83 36.72 37.38
CA ALA B 261 18.29 36.93 38.78
C ALA B 261 18.09 35.67 39.62
N LYS B 262 16.87 35.12 39.56
CA LYS B 262 16.65 33.81 40.21
C LYS B 262 17.14 32.82 39.18
N ALA B 263 18.24 32.12 39.43
CA ALA B 263 18.82 31.28 38.37
C ALA B 263 18.11 29.93 38.34
N TYR B 264 16.87 29.92 37.83
CA TYR B 264 16.13 28.66 37.68
C TYR B 264 16.82 27.83 36.59
N PRO B 265 16.94 26.50 36.74
CA PRO B 265 17.53 25.67 35.68
C PRO B 265 16.89 25.90 34.32
N GLY B 266 17.70 26.25 33.32
CA GLY B 266 17.25 26.49 31.95
C GLY B 266 16.82 27.92 31.71
N HIS B 267 16.85 28.78 32.73
CA HIS B 267 16.43 30.19 32.59
C HIS B 267 17.59 31.10 32.95
N GLU B 268 18.83 30.63 32.87
CA GLU B 268 19.99 31.49 33.24
C GLU B 268 20.18 32.57 32.18
N LEU B 269 19.90 32.24 30.92
CA LEU B 269 20.01 33.24 29.82
C LEU B 269 18.61 33.69 29.43
N ASP B 270 18.40 35.00 29.44
CA ASP B 270 17.09 35.59 29.14
C ASP B 270 17.19 36.24 27.76
N LEU B 271 16.80 35.51 26.72
CA LEU B 271 16.53 36.15 25.41
C LEU B 271 15.16 36.82 25.49
N VAL B 272 14.86 37.69 24.56
CA VAL B 272 13.49 38.29 24.48
C VAL B 272 12.70 37.49 23.45
N VAL B 273 13.38 36.96 22.43
CA VAL B 273 12.71 36.18 21.36
C VAL B 273 12.91 34.72 21.63
N PRO B 274 11.86 33.92 21.87
CA PRO B 274 12.02 32.48 22.06
C PRO B 274 12.24 31.77 20.72
N VAL B 275 13.49 31.71 20.31
CA VAL B 275 13.87 31.25 18.95
C VAL B 275 13.41 29.80 18.77
N PHE B 276 13.65 28.95 19.75
CA PHE B 276 13.34 27.51 19.65
C PHE B 276 11.83 27.31 19.67
N THR B 277 11.12 28.07 20.48
CA THR B 277 9.65 27.99 20.53
C THR B 277 9.09 28.41 19.16
N PHE B 278 9.61 29.46 18.57
CA PHE B 278 9.13 29.91 17.24
C PHE B 278 9.49 28.90 16.16
N LEU B 279 10.65 28.28 16.24
CA LEU B 279 11.03 27.24 15.26
C LEU B 279 10.07 26.06 15.42
N GLN B 280 9.77 25.67 16.64
CA GLN B 280 8.85 24.54 16.92
C GLN B 280 7.49 24.93 16.39
N PHE B 281 7.06 26.17 16.54
CA PHE B 281 5.76 26.65 16.01
C PHE B 281 5.76 26.46 14.51
N PHE B 282 6.79 26.96 13.85
CA PHE B 282 6.96 26.80 12.39
C PHE B 282 6.80 25.33 12.01
N PHE B 283 7.59 24.46 12.62
CA PHE B 283 7.59 23.02 12.25
C PHE B 283 6.21 22.42 12.47
N TYR B 284 5.66 22.47 13.68
CA TYR B 284 4.44 21.70 14.03
C TYR B 284 3.21 22.33 13.37
N VAL B 285 3.10 23.64 13.37
CA VAL B 285 1.91 24.29 12.75
C VAL B 285 2.02 24.14 11.22
N GLY B 286 3.20 24.15 10.65
CA GLY B 286 3.33 23.90 9.21
C GLY B 286 2.97 22.48 8.87
N TRP B 287 3.36 21.54 9.71
CA TRP B 287 3.01 20.12 9.50
C TRP B 287 1.49 20.00 9.52
N LEU B 288 0.83 20.70 10.43
CA LEU B 288 -0.65 20.67 10.48
C LEU B 288 -1.22 21.39 9.26
N LYS B 289 -0.60 22.47 8.81
CA LYS B 289 -1.11 23.24 7.66
C LYS B 289 -0.99 22.44 6.37
N VAL B 290 -0.03 21.53 6.30
CA VAL B 290 0.04 20.59 5.15
C VAL B 290 -1.29 19.85 5.08
N ALA B 291 -1.75 19.27 6.19
CA ALA B 291 -3.02 18.53 6.25
C ALA B 291 -4.17 19.51 6.00
N GLU B 292 -4.11 20.70 6.58
CA GLU B 292 -5.21 21.68 6.45
C GLU B 292 -5.43 21.98 4.97
N GLN B 293 -4.35 22.18 4.21
CA GLN B 293 -4.45 22.53 2.78
C GLN B 293 -4.82 21.28 1.96
N LEU B 294 -4.29 20.13 2.31
CA LEU B 294 -4.45 18.92 1.47
C LEU B 294 -5.73 18.14 1.83
N ILE B 295 -6.42 18.47 2.90
CA ILE B 295 -7.57 17.65 3.34
C ILE B 295 -8.69 17.72 2.32
N ASN B 296 -8.87 18.88 1.69
CA ASN B 296 -9.82 19.02 0.54
C ASN B 296 -9.04 19.62 -0.61
N PRO B 297 -8.53 18.79 -1.52
CA PRO B 297 -7.66 19.28 -2.57
C PRO B 297 -8.39 19.93 -3.74
N PHE B 298 -9.71 20.13 -3.63
CA PHE B 298 -10.53 20.72 -4.70
C PHE B 298 -11.02 22.10 -4.29
N GLY B 299 -10.42 22.70 -3.27
CA GLY B 299 -10.77 24.08 -2.89
C GLY B 299 -10.07 25.08 -3.79
N GLU B 300 -9.65 26.19 -3.22
CA GLU B 300 -9.01 27.29 -3.98
C GLU B 300 -7.66 27.62 -3.35
N ASP B 301 -7.05 26.69 -2.62
CA ASP B 301 -5.66 26.87 -2.14
C ASP B 301 -4.71 26.93 -3.33
N ASP B 302 -3.51 27.43 -3.09
CA ASP B 302 -2.49 27.50 -4.15
C ASP B 302 -2.08 26.10 -4.58
N ASP B 303 -1.99 25.17 -3.64
CA ASP B 303 -1.57 23.79 -3.96
C ASP B 303 -2.76 22.89 -4.28
N ASP B 304 -3.96 23.41 -4.35
CA ASP B 304 -5.13 22.59 -4.75
C ASP B 304 -5.14 22.35 -6.25
N PHE B 305 -5.86 21.32 -6.67
CA PHE B 305 -5.89 20.91 -8.09
C PHE B 305 -6.51 21.98 -8.97
N GLU B 306 -5.97 22.11 -10.18
CA GLU B 306 -6.48 23.05 -11.19
C GLU B 306 -7.56 22.30 -11.98
N THR B 307 -8.73 22.19 -11.38
CA THR B 307 -9.85 21.45 -11.97
C THR B 307 -10.40 22.18 -13.20
N ASN B 308 -10.44 23.50 -13.20
CA ASN B 308 -11.04 24.22 -14.35
C ASN B 308 -10.17 24.01 -15.58
N TRP B 309 -8.86 24.02 -15.40
CA TRP B 309 -7.96 23.78 -16.55
C TRP B 309 -8.21 22.37 -17.08
N ILE B 310 -8.32 21.41 -16.18
CA ILE B 310 -8.53 20.00 -16.59
C ILE B 310 -9.85 19.89 -17.37
N VAL B 311 -10.90 20.54 -16.89
CA VAL B 311 -12.21 20.53 -17.58
C VAL B 311 -12.06 21.08 -19.02
N ASP B 312 -11.44 22.24 -19.15
CA ASP B 312 -11.27 22.87 -20.48
C ASP B 312 -10.42 21.98 -21.38
N ARG B 313 -9.30 21.48 -20.86
CA ARG B 313 -8.39 20.69 -21.70
C ARG B 313 -9.11 19.43 -22.16
N ASN B 314 -9.82 18.78 -21.26
CA ASN B 314 -10.48 17.51 -21.61
C ASN B 314 -11.49 17.76 -22.73
N LEU B 315 -12.26 18.81 -22.62
CA LEU B 315 -13.29 19.12 -23.66
C LEU B 315 -12.59 19.37 -25.00
N GLN B 316 -11.59 20.23 -25.02
CA GLN B 316 -10.91 20.61 -26.28
C GLN B 316 -10.29 19.36 -26.92
N VAL B 317 -9.55 18.62 -26.12
CA VAL B 317 -8.76 17.48 -26.64
C VAL B 317 -9.70 16.38 -27.10
N SER B 318 -10.71 16.07 -26.31
CA SER B 318 -11.65 14.98 -26.65
C SER B 318 -12.42 15.31 -27.93
N LEU B 319 -12.88 16.54 -28.06
CA LEU B 319 -13.62 16.91 -29.29
C LEU B 319 -12.69 16.85 -30.50
N LEU B 320 -11.44 17.30 -30.38
CA LEU B 320 -10.48 17.25 -31.51
C LEU B 320 -10.22 15.79 -31.85
N ALA B 321 -10.07 14.93 -30.85
CA ALA B 321 -9.72 13.53 -31.09
C ALA B 321 -10.84 12.81 -31.84
N VAL B 322 -12.06 13.07 -31.45
CA VAL B 322 -13.20 12.26 -32.00
C VAL B 322 -13.75 12.91 -33.26
N ASP B 323 -13.45 14.18 -33.55
CA ASP B 323 -14.08 14.85 -34.69
C ASP B 323 -13.07 15.06 -35.82
N GLU B 324 -11.98 15.78 -35.56
CA GLU B 324 -11.10 16.16 -36.68
C GLU B 324 -10.02 15.12 -36.90
N MET B 325 -9.69 14.33 -35.90
CA MET B 325 -8.58 13.34 -36.01
C MET B 325 -9.14 11.95 -36.31
N HIS B 326 -10.42 11.80 -36.59
CA HIS B 326 -11.00 10.48 -36.93
C HIS B 326 -10.62 10.14 -38.37
N GLN B 327 -9.90 9.04 -38.52
CA GLN B 327 -9.43 8.53 -39.84
C GLN B 327 -8.63 9.61 -40.54
N ASP B 328 -7.98 10.48 -39.80
CA ASP B 328 -7.11 11.53 -40.35
C ASP B 328 -5.69 11.22 -39.87
N LEU B 329 -5.01 10.37 -40.61
CA LEU B 329 -3.65 9.90 -40.24
C LEU B 329 -2.63 10.56 -41.14
N PRO B 330 -1.42 10.79 -40.62
CA PRO B 330 -0.33 11.25 -41.46
C PRO B 330 0.08 10.19 -42.46
N ARG B 331 0.62 10.63 -43.60
CA ARG B 331 1.03 9.73 -44.70
C ARG B 331 1.99 8.68 -44.15
N MET B 332 1.70 7.42 -44.43
CA MET B 332 2.50 6.30 -43.90
C MET B 332 3.65 6.00 -44.85
N GLU B 333 4.85 6.38 -44.44
CA GLU B 333 6.04 6.25 -45.29
C GLU B 333 7.13 5.55 -44.52
N PRO B 334 8.06 4.86 -45.20
CA PRO B 334 9.20 4.24 -44.53
C PRO B 334 9.99 5.27 -43.73
N ASP B 335 10.42 4.86 -42.54
CA ASP B 335 11.10 5.74 -41.58
C ASP B 335 12.58 5.81 -41.90
N MET B 336 13.31 6.52 -41.06
CA MET B 336 14.75 6.77 -41.22
C MET B 336 15.53 5.46 -41.12
N TYR B 337 15.05 4.51 -40.33
CA TYR B 337 15.76 3.24 -40.07
C TYR B 337 15.10 2.11 -40.85
N TRP B 338 14.68 2.35 -42.07
CA TRP B 338 13.90 1.34 -42.82
C TRP B 338 14.74 0.09 -43.05
N ASN B 339 16.00 0.24 -43.42
CA ASN B 339 16.87 -0.94 -43.65
C ASN B 339 18.07 -0.90 -42.69
N LYS B 340 17.87 -0.35 -41.50
CA LYS B 340 18.91 -0.30 -40.45
C LYS B 340 18.54 -1.31 -39.38
N PRO B 341 19.26 -2.45 -39.28
CA PRO B 341 18.92 -3.46 -38.27
C PRO B 341 19.02 -2.96 -36.82
N GLU B 342 19.95 -2.04 -36.56
CA GLU B 342 20.21 -1.48 -35.21
C GLU B 342 20.18 0.02 -35.31
N PRO B 343 18.99 0.64 -35.18
CA PRO B 343 18.90 2.09 -35.18
C PRO B 343 19.67 2.72 -34.01
N GLN B 344 20.27 3.87 -34.27
CA GLN B 344 21.03 4.63 -33.24
C GLN B 344 20.73 6.10 -33.40
N PRO B 345 19.65 6.61 -32.78
CA PRO B 345 19.33 8.03 -32.85
C PRO B 345 20.49 8.86 -32.31
N PRO B 346 20.75 10.03 -32.90
CA PRO B 346 21.86 10.87 -32.47
C PRO B 346 21.62 11.54 -31.13
N TYR B 347 22.73 11.98 -30.53
CA TYR B 347 22.74 12.74 -29.27
C TYR B 347 23.21 14.15 -29.58
N THR B 348 22.63 15.13 -28.91
CA THR B 348 23.09 16.53 -29.01
C THR B 348 24.36 16.69 -28.17
N ALA B 349 25.00 17.84 -28.30
CA ALA B 349 26.20 18.17 -27.50
C ALA B 349 25.83 18.22 -26.02
N ALA B 350 24.67 18.76 -25.69
CA ALA B 350 24.18 18.90 -24.30
C ALA B 350 23.90 17.53 -23.70
N SER B 351 23.55 16.53 -24.50
CA SER B 351 23.07 15.22 -23.99
C SER B 351 24.07 14.11 -24.31
N ALA B 352 25.25 14.42 -24.82
CA ALA B 352 26.22 13.37 -25.22
C ALA B 352 26.68 12.59 -24.01
N GLN B 353 26.71 13.20 -22.82
CA GLN B 353 27.21 12.49 -21.61
C GLN B 353 26.19 11.46 -21.12
N PHE B 354 24.96 11.47 -21.60
CA PHE B 354 23.93 10.52 -21.13
C PHE B 354 23.91 9.27 -21.98
N ARG B 355 24.80 9.14 -22.96
CA ARG B 355 24.93 7.87 -23.72
C ARG B 355 25.58 6.84 -22.81
N ARG B 356 24.87 5.76 -22.56
CA ARG B 356 25.30 4.72 -21.60
C ARG B 356 25.34 3.38 -22.30
N ALA B 357 26.21 2.50 -21.85
CA ALA B 357 26.16 1.07 -22.24
C ALA B 357 24.99 0.42 -21.50
N SER B 358 24.41 -0.59 -22.13
CA SER B 358 23.23 -1.30 -21.58
C SER B 358 23.62 -2.03 -20.29
N PHE B 359 22.70 -2.06 -19.33
CA PHE B 359 22.82 -2.92 -18.14
C PHE B 359 22.42 -4.34 -18.54
N MET B 360 23.35 -5.28 -18.40
CA MET B 360 23.15 -6.65 -18.90
C MET B 360 22.80 -7.63 -17.78
N GLY B 361 22.47 -7.13 -16.59
CA GLY B 361 22.17 -7.99 -15.43
C GLY B 361 23.28 -8.02 -14.40
N SER B 362 22.90 -8.24 -13.16
CA SER B 362 23.83 -8.18 -12.01
C SER B 362 24.80 -9.36 -12.03
N THR B 363 24.52 -10.42 -12.76
CA THR B 363 25.39 -11.61 -12.78
C THR B 363 26.35 -11.56 -13.97
N PHE B 364 26.39 -10.46 -14.72
CA PHE B 364 27.12 -10.43 -16.00
C PHE B 364 28.62 -10.57 -15.74
N ASN B 365 29.12 -9.94 -14.68
CA ASN B 365 30.58 -9.79 -14.45
C ASN B 365 31.10 -10.87 -13.50
N ILE B 366 30.31 -11.88 -13.18
CA ILE B 366 30.80 -13.01 -12.34
C ILE B 366 31.81 -13.82 -13.15
N SER B 367 32.97 -14.08 -12.57
CA SER B 367 34.04 -14.87 -13.21
C SER B 367 34.09 -16.26 -12.58
N LEU B 368 34.10 -17.30 -13.40
CA LEU B 368 34.19 -18.70 -12.91
C LEU B 368 35.31 -19.43 -13.65
N ASN B 369 35.91 -20.40 -12.99
CA ASN B 369 36.93 -21.29 -13.60
C ASN B 369 36.26 -22.27 -14.57
N LYS B 370 37.09 -22.92 -15.37
CA LYS B 370 36.62 -23.96 -16.32
C LYS B 370 36.00 -25.10 -15.53
N GLU B 371 36.60 -25.50 -14.41
CA GLU B 371 36.06 -26.61 -13.58
C GLU B 371 34.73 -26.23 -12.95
N GLU B 372 34.55 -24.95 -12.60
CA GLU B 372 33.33 -24.49 -11.91
C GLU B 372 32.15 -24.50 -12.87
N MET B 373 32.40 -24.42 -14.18
CA MET B 373 31.29 -24.30 -15.17
C MET B 373 30.98 -25.65 -15.80
N GLU B 374 31.59 -26.74 -15.33
CA GLU B 374 31.37 -28.06 -15.96
C GLU B 374 30.13 -28.70 -15.36
N PHE B 375 29.23 -29.18 -16.22
CA PHE B 375 28.03 -29.92 -15.76
C PHE B 375 28.46 -31.25 -15.13
N GLN B 376 27.82 -31.59 -14.03
CA GLN B 376 28.08 -32.87 -13.33
C GLN B 376 26.93 -33.82 -13.62
N PRO B 377 27.21 -35.14 -13.74
CA PRO B 377 26.18 -36.15 -13.92
C PRO B 377 25.39 -36.41 -12.62
N THR C 2 16.08 -20.19 1.21
CA THR C 2 14.86 -19.88 2.01
C THR C 2 14.79 -20.79 3.23
N ILE C 3 14.77 -20.19 4.39
CA ILE C 3 14.60 -20.92 5.67
C ILE C 3 13.13 -20.83 5.99
N THR C 4 12.46 -21.97 6.04
CA THR C 4 11.02 -22.02 6.35
C THR C 4 10.87 -22.50 7.79
N TYR C 5 10.21 -21.71 8.60
CA TYR C 5 9.88 -22.09 10.00
C TYR C 5 8.38 -21.91 10.23
N THR C 6 7.56 -21.93 9.20
CA THR C 6 6.11 -21.76 9.33
C THR C 6 5.51 -22.83 10.26
N SER C 7 5.95 -24.07 10.11
CA SER C 7 5.41 -25.19 10.91
C SER C 7 5.71 -24.97 12.39
N GLN C 8 6.87 -24.40 12.70
CA GLN C 8 7.31 -24.25 14.10
C GLN C 8 6.49 -23.16 14.77
N VAL C 9 6.01 -22.18 14.04
CA VAL C 9 5.31 -21.02 14.63
C VAL C 9 3.82 -21.06 14.29
N ALA C 10 3.25 -22.24 14.03
CA ALA C 10 1.82 -22.34 13.68
C ALA C 10 0.92 -21.81 14.81
N ASN C 11 1.24 -22.18 16.05
CA ASN C 11 0.47 -21.82 17.25
C ASN C 11 1.33 -20.93 18.14
N ALA C 12 0.66 -20.08 18.91
CA ALA C 12 1.33 -19.16 19.84
C ALA C 12 1.52 -19.94 21.15
N ARG C 13 2.49 -20.85 21.12
CA ARG C 13 2.81 -21.70 22.29
C ARG C 13 3.75 -20.95 23.23
N LEU C 14 4.10 -21.58 24.34
CA LEU C 14 4.98 -20.98 25.38
C LEU C 14 6.36 -20.76 24.79
N GLY C 15 6.76 -19.49 24.66
CA GLY C 15 8.05 -19.11 24.10
C GLY C 15 8.22 -19.64 22.69
N SER C 16 7.24 -19.38 21.84
CA SER C 16 7.25 -19.83 20.42
C SER C 16 8.44 -19.22 19.69
N PHE C 17 8.64 -17.93 19.86
CA PHE C 17 9.73 -17.21 19.17
C PHE C 17 11.06 -17.46 19.85
N SER C 18 11.06 -17.84 21.12
CA SER C 18 12.33 -18.09 21.84
C SER C 18 12.99 -19.37 21.32
N ARG C 19 12.21 -20.35 20.91
CA ARG C 19 12.78 -21.62 20.40
C ARG C 19 13.45 -21.39 19.06
N LEU C 20 13.14 -20.32 18.36
CA LEU C 20 13.80 -19.99 17.06
C LEU C 20 15.19 -19.42 17.30
N LEU C 21 15.55 -19.06 18.53
CA LEU C 21 16.93 -18.58 18.80
C LEU C 21 17.93 -19.74 18.80
N LEU C 22 17.47 -20.98 18.75
CA LEU C 22 18.37 -22.15 18.67
C LEU C 22 18.53 -22.62 17.22
N CYS C 23 18.43 -21.72 16.26
CA CYS C 23 18.61 -22.04 14.82
C CYS C 23 19.93 -21.45 14.37
N TRP C 24 20.68 -22.17 13.54
CA TRP C 24 21.96 -21.68 13.00
C TRP C 24 21.79 -21.23 11.55
N ARG C 25 21.17 -22.05 10.72
CA ARG C 25 21.02 -21.70 9.28
C ARG C 25 20.07 -20.52 9.15
N GLY C 26 20.52 -19.49 8.42
CA GLY C 26 19.79 -18.23 8.21
C GLY C 26 19.44 -17.55 9.52
N SER C 27 20.38 -17.56 10.44
CA SER C 27 20.21 -16.94 11.78
C SER C 27 21.00 -15.65 11.87
N ILE C 28 20.76 -14.92 12.95
CA ILE C 28 21.49 -13.66 13.24
C ILE C 28 22.95 -13.96 13.55
N TYR C 29 23.21 -15.05 14.28
CA TYR C 29 24.58 -15.43 14.68
C TYR C 29 25.43 -15.64 13.43
N LYS C 30 24.93 -16.42 12.48
CA LYS C 30 25.68 -16.73 11.24
C LYS C 30 25.92 -15.43 10.47
N LEU C 31 25.00 -14.48 10.57
CA LEU C 31 25.11 -13.26 9.76
C LEU C 31 26.14 -12.32 10.37
N LEU C 32 26.22 -12.21 11.70
CA LEU C 32 27.06 -11.16 12.30
C LEU C 32 28.18 -11.69 13.19
N TYR C 33 28.53 -12.97 13.12
CA TYR C 33 29.61 -13.48 14.02
C TYR C 33 30.95 -12.85 13.65
N GLY C 34 31.23 -12.66 12.37
CA GLY C 34 32.50 -12.03 11.95
C GLY C 34 32.62 -10.60 12.46
N GLU C 35 31.57 -9.81 12.26
CA GLU C 35 31.57 -8.40 12.71
C GLU C 35 31.65 -8.36 14.24
N PHE C 36 30.97 -9.27 14.92
CA PHE C 36 31.01 -9.32 16.40
C PHE C 36 32.42 -9.66 16.87
N LEU C 37 33.08 -10.59 16.20
CA LEU C 37 34.46 -10.96 16.62
C LEU C 37 35.40 -9.77 16.40
N ILE C 38 35.25 -9.06 15.28
CA ILE C 38 36.11 -7.87 15.04
C ILE C 38 35.83 -6.83 16.12
N PHE C 39 34.57 -6.58 16.44
CA PHE C 39 34.21 -5.57 17.46
C PHE C 39 34.77 -5.98 18.81
N LEU C 40 34.67 -7.26 19.16
CA LEU C 40 35.19 -7.79 20.46
C LEU C 40 36.72 -7.58 20.49
N LEU C 41 37.41 -7.92 19.42
CA LEU C 41 38.88 -7.80 19.37
C LEU C 41 39.26 -6.33 19.53
N CYS C 42 38.59 -5.43 18.83
CA CYS C 42 38.90 -3.97 18.93
C CYS C 42 38.62 -3.50 20.35
N TYR C 43 37.51 -3.93 20.94
CA TYR C 43 37.13 -3.41 22.29
C TYR C 43 38.19 -3.80 23.33
N TYR C 44 38.51 -5.09 23.41
CA TYR C 44 39.45 -5.56 24.46
C TYR C 44 40.86 -5.01 24.20
N ILE C 45 41.23 -4.85 22.93
CA ILE C 45 42.55 -4.23 22.63
C ILE C 45 42.55 -2.78 23.13
N ILE C 46 41.45 -2.05 22.96
CA ILE C 46 41.39 -0.67 23.50
C ILE C 46 41.48 -0.75 25.02
N ARG C 47 40.81 -1.72 25.63
CA ARG C 47 40.79 -1.77 27.11
C ARG C 47 42.23 -2.00 27.59
N PHE C 48 42.94 -2.91 26.93
CA PHE C 48 44.32 -3.23 27.36
C PHE C 48 45.21 -2.00 27.23
N ILE C 49 45.06 -1.25 26.14
CA ILE C 49 45.99 -0.10 25.97
C ILE C 49 45.77 0.89 27.11
N TYR C 50 44.53 1.18 27.44
CA TYR C 50 44.26 2.07 28.61
C TYR C 50 44.78 1.48 29.92
N ARG C 51 44.54 0.20 30.12
CA ARG C 51 44.90 -0.43 31.43
C ARG C 51 46.41 -0.65 31.56
N LEU C 52 47.14 -0.80 30.46
CA LEU C 52 48.58 -1.13 30.58
C LEU C 52 49.49 -0.14 29.86
N ALA C 53 49.10 0.38 28.69
CA ALA C 53 50.08 1.21 27.96
C ALA C 53 49.98 2.68 28.40
N LEU C 54 48.78 3.16 28.67
CA LEU C 54 48.55 4.59 28.94
C LEU C 54 49.11 4.95 30.30
N THR C 55 49.78 6.09 30.39
CA THR C 55 50.29 6.66 31.66
C THR C 55 49.16 7.38 32.38
N GLU C 56 49.45 7.93 33.56
CA GLU C 56 48.38 8.54 34.40
C GLU C 56 47.67 9.67 33.65
N GLU C 57 48.41 10.63 33.13
CA GLU C 57 47.80 11.78 32.41
C GLU C 57 47.11 11.27 31.13
N GLN C 58 47.72 10.29 30.47
CA GLN C 58 47.09 9.67 29.30
C GLN C 58 45.80 8.94 29.71
N GLN C 59 45.82 8.28 30.86
CA GLN C 59 44.63 7.57 31.36
C GLN C 59 43.54 8.60 31.66
N LEU C 60 43.89 9.74 32.21
CA LEU C 60 42.91 10.78 32.55
C LEU C 60 42.31 11.34 31.26
N MET C 61 43.13 11.55 30.25
CA MET C 61 42.64 12.04 28.93
C MET C 61 41.68 11.00 28.34
N PHE C 62 42.05 9.73 28.41
CA PHE C 62 41.19 8.63 27.87
C PHE C 62 39.87 8.60 28.63
N GLU C 63 39.91 8.82 29.94
CA GLU C 63 38.68 8.80 30.77
C GLU C 63 37.78 9.96 30.35
N LYS C 64 38.35 11.12 30.09
CA LYS C 64 37.54 12.29 29.64
C LYS C 64 36.93 11.94 28.29
N LEU C 65 37.71 11.34 27.40
CA LEU C 65 37.20 10.96 26.05
C LEU C 65 36.05 9.95 26.21
N THR C 66 36.19 8.99 27.11
CA THR C 66 35.17 7.95 27.35
C THR C 66 33.90 8.60 27.88
N LEU C 67 34.02 9.50 28.82
CA LEU C 67 32.83 10.20 29.38
C LEU C 67 32.15 10.99 28.25
N TYR C 68 32.94 11.60 27.36
CA TYR C 68 32.39 12.45 26.27
C TYR C 68 31.65 11.57 25.28
N CYS C 69 32.28 10.49 24.81
CA CYS C 69 31.70 9.66 23.71
C CYS C 69 30.40 9.00 24.18
N ASP C 70 30.35 8.56 25.44
CA ASP C 70 29.20 7.82 25.96
C ASP C 70 27.99 8.76 26.00
N SER C 71 28.19 10.03 26.29
CA SER C 71 27.08 11.01 26.38
C SER C 71 26.43 11.26 25.00
N TYR C 72 27.21 11.22 23.94
CA TYR C 72 26.67 11.64 22.61
C TYR C 72 26.48 10.43 21.69
N ILE C 73 26.58 9.21 22.22
CA ILE C 73 26.20 8.00 21.45
C ILE C 73 24.69 8.07 21.19
N GLN C 74 23.93 8.65 22.12
CA GLN C 74 22.48 8.75 21.99
C GLN C 74 22.11 9.66 20.80
N LEU C 75 23.02 10.54 20.37
CA LEU C 75 22.68 11.51 19.29
C LEU C 75 22.39 10.82 17.96
N ILE C 76 23.02 9.68 17.72
CA ILE C 76 22.81 8.85 16.49
C ILE C 76 21.39 8.26 16.52
N PRO C 77 20.46 8.71 15.64
CA PRO C 77 19.10 8.17 15.58
C PRO C 77 19.16 6.88 14.74
N ILE C 78 19.78 5.85 15.28
CA ILE C 78 20.00 4.56 14.59
C ILE C 78 18.63 3.88 14.36
N SER C 79 17.69 4.03 15.28
CA SER C 79 16.47 3.19 15.32
C SER C 79 15.51 3.66 14.22
N PHE C 80 15.31 4.96 14.06
CA PHE C 80 14.33 5.51 13.09
C PHE C 80 14.80 5.20 11.68
N VAL C 81 16.07 5.48 11.38
CA VAL C 81 16.57 5.30 10.00
C VAL C 81 16.62 3.81 9.70
N LEU C 82 17.01 2.97 10.66
CA LEU C 82 17.05 1.51 10.45
C LEU C 82 15.63 1.03 10.20
N GLY C 83 14.65 1.49 10.96
CA GLY C 83 13.26 1.03 10.81
C GLY C 83 12.74 1.34 9.41
N PHE C 84 12.91 2.57 8.97
CA PHE C 84 12.39 2.99 7.65
C PHE C 84 13.10 2.24 6.53
N TYR C 85 14.41 2.14 6.61
CA TYR C 85 15.22 1.51 5.55
C TYR C 85 14.87 0.02 5.48
N VAL C 86 14.73 -0.64 6.62
CA VAL C 86 14.49 -2.10 6.61
C VAL C 86 13.07 -2.30 6.11
N THR C 87 12.14 -1.44 6.47
CA THR C 87 10.77 -1.55 5.94
C THR C 87 10.78 -1.48 4.41
N LEU C 88 11.50 -0.53 3.85
CA LEU C 88 11.61 -0.41 2.37
C LEU C 88 12.24 -1.69 1.80
N VAL C 89 13.29 -2.19 2.42
CA VAL C 89 13.98 -3.40 1.90
C VAL C 89 13.02 -4.57 1.92
N VAL C 90 12.26 -4.74 3.01
CA VAL C 90 11.36 -5.91 3.13
C VAL C 90 10.21 -5.77 2.12
N THR C 91 9.71 -4.57 1.92
CA THR C 91 8.68 -4.31 0.89
C THR C 91 9.20 -4.73 -0.48
N ARG C 92 10.40 -4.29 -0.82
CA ARG C 92 10.97 -4.60 -2.14
C ARG C 92 11.21 -6.09 -2.24
N TRP C 93 11.59 -6.73 -1.14
CA TRP C 93 11.88 -8.19 -1.13
C TRP C 93 10.62 -8.96 -1.47
N TRP C 94 9.51 -8.63 -0.84
CA TRP C 94 8.26 -9.35 -1.14
C TRP C 94 7.75 -8.99 -2.54
N ASN C 95 7.93 -7.75 -2.98
CA ASN C 95 7.53 -7.38 -4.36
C ASN C 95 8.37 -8.19 -5.35
N GLN C 96 9.66 -8.38 -5.07
CA GLN C 96 10.54 -9.16 -5.94
C GLN C 96 10.04 -10.59 -5.98
N TYR C 97 9.61 -11.13 -4.87
CA TYR C 97 9.09 -12.52 -4.87
C TYR C 97 7.83 -12.58 -5.69
N GLU C 98 6.96 -11.60 -5.57
CA GLU C 98 5.66 -11.62 -6.28
C GLU C 98 5.88 -11.55 -7.79
N ASN C 99 7.05 -11.17 -8.25
CA ASN C 99 7.36 -11.06 -9.70
C ASN C 99 8.12 -12.27 -10.20
N LEU C 100 8.26 -13.30 -9.39
CA LEU C 100 8.84 -14.59 -9.88
C LEU C 100 7.79 -15.25 -10.75
N PRO C 101 8.09 -15.54 -12.02
CA PRO C 101 7.08 -16.02 -12.96
C PRO C 101 6.75 -17.50 -12.73
N TRP C 102 5.46 -17.81 -12.61
CA TRP C 102 4.97 -19.21 -12.53
C TRP C 102 4.14 -19.49 -13.77
N PRO C 103 4.50 -20.48 -14.58
CA PRO C 103 3.76 -20.79 -15.80
C PRO C 103 2.49 -21.65 -15.62
N ASP C 104 1.83 -21.55 -14.49
CA ASP C 104 0.72 -22.48 -14.16
C ASP C 104 -0.55 -22.08 -14.90
N ARG C 105 -0.89 -20.79 -14.92
CA ARG C 105 -2.07 -20.31 -15.68
C ARG C 105 -1.83 -20.53 -17.18
N LEU C 106 -0.65 -20.17 -17.63
CA LEU C 106 -0.32 -20.34 -19.06
C LEU C 106 -0.33 -21.82 -19.40
N MET C 107 0.21 -22.67 -18.54
CA MET C 107 0.35 -24.10 -18.89
C MET C 107 -1.04 -24.72 -18.93
N SER C 108 -1.95 -24.32 -18.06
CA SER C 108 -3.35 -24.84 -18.12
C SER C 108 -4.00 -24.39 -19.44
N LEU C 109 -3.82 -23.13 -19.83
CA LEU C 109 -4.40 -22.65 -21.10
C LEU C 109 -3.76 -23.36 -22.30
N VAL C 110 -2.47 -23.59 -22.29
CA VAL C 110 -1.81 -24.27 -23.44
C VAL C 110 -2.27 -25.73 -23.48
N SER C 111 -2.40 -26.38 -22.34
CA SER C 111 -2.90 -27.77 -22.27
C SER C 111 -4.31 -27.84 -22.84
N GLY C 112 -5.17 -26.89 -22.49
CA GLY C 112 -6.58 -26.93 -22.93
C GLY C 112 -6.71 -26.56 -24.40
N PHE C 113 -6.22 -25.39 -24.76
CA PHE C 113 -6.57 -24.71 -26.03
C PHE C 113 -5.89 -25.36 -27.22
N VAL C 114 -4.58 -25.57 -27.15
CA VAL C 114 -3.81 -26.05 -28.32
C VAL C 114 -4.16 -27.52 -28.55
N GLU C 115 -4.85 -27.80 -29.63
CA GLU C 115 -5.44 -29.14 -29.86
C GLU C 115 -4.46 -30.03 -30.61
N GLY C 116 -4.72 -31.33 -30.54
CA GLY C 116 -3.94 -32.33 -31.27
C GLY C 116 -3.21 -33.27 -30.36
N LYS C 117 -3.56 -34.56 -30.40
CA LYS C 117 -2.83 -35.60 -29.66
C LYS C 117 -1.77 -36.25 -30.55
N ASP C 118 -1.57 -35.77 -31.76
CA ASP C 118 -0.50 -36.28 -32.64
C ASP C 118 0.84 -35.64 -32.30
N GLU C 119 1.87 -35.96 -33.07
CA GLU C 119 3.23 -35.45 -32.84
C GLU C 119 3.24 -33.94 -33.02
N GLN C 120 2.53 -33.40 -34.01
CA GLN C 120 2.59 -31.94 -34.29
C GLN C 120 1.97 -31.17 -33.14
N GLY C 121 0.86 -31.61 -32.59
CA GLY C 121 0.23 -30.94 -31.45
C GLY C 121 1.11 -31.01 -30.20
N ARG C 122 1.69 -32.16 -29.93
CA ARG C 122 2.62 -32.33 -28.80
C ARG C 122 3.79 -31.36 -28.98
N LEU C 123 4.34 -31.31 -30.17
CA LEU C 123 5.53 -30.46 -30.44
C LEU C 123 5.14 -28.99 -30.27
N LEU C 124 3.97 -28.61 -30.73
CA LEU C 124 3.50 -27.21 -30.62
C LEU C 124 3.31 -26.82 -29.16
N ARG C 125 2.66 -27.66 -28.38
CA ARG C 125 2.40 -27.35 -26.96
C ARG C 125 3.72 -27.31 -26.21
N ARG C 126 4.59 -28.28 -26.44
CA ARG C 126 5.87 -28.31 -25.72
C ARG C 126 6.67 -27.07 -26.08
N THR C 127 6.65 -26.66 -27.35
CA THR C 127 7.46 -25.53 -27.80
C THR C 127 6.95 -24.25 -27.15
N LEU C 128 5.63 -24.08 -27.07
CA LEU C 128 5.09 -22.85 -26.47
C LEU C 128 5.48 -22.79 -24.99
N ILE C 129 5.27 -23.87 -24.26
CA ILE C 129 5.57 -23.84 -22.82
C ILE C 129 7.09 -23.73 -22.61
N ARG C 130 7.88 -24.28 -23.54
CA ARG C 130 9.35 -24.16 -23.45
C ARG C 130 9.76 -22.70 -23.68
N TYR C 131 9.08 -21.99 -24.56
CA TYR C 131 9.40 -20.57 -24.79
C TYR C 131 9.14 -19.81 -23.49
N ALA C 132 8.04 -20.11 -22.82
CA ALA C 132 7.74 -19.44 -21.54
C ALA C 132 8.85 -19.72 -20.52
N ASN C 133 9.24 -20.98 -20.39
CA ASN C 133 10.30 -21.36 -19.44
C ASN C 133 11.65 -20.73 -19.83
N LEU C 134 11.92 -20.62 -21.13
CA LEU C 134 13.19 -20.05 -21.63
C LEU C 134 13.24 -18.57 -21.26
N GLY C 135 12.15 -17.86 -21.44
CA GLY C 135 12.12 -16.44 -21.05
C GLY C 135 12.38 -16.30 -19.56
N ASN C 136 11.73 -17.13 -18.77
CA ASN C 136 11.88 -17.05 -17.31
C ASN C 136 13.35 -17.32 -16.95
N VAL C 137 13.95 -18.37 -17.50
CA VAL C 137 15.34 -18.75 -17.10
C VAL C 137 16.32 -17.68 -17.62
N LEU C 138 16.04 -17.04 -18.74
CA LEU C 138 16.94 -15.98 -19.24
C LEU C 138 16.96 -14.80 -18.24
N ILE C 139 15.80 -14.35 -17.80
CA ILE C 139 15.78 -13.22 -16.85
C ILE C 139 16.38 -13.68 -15.51
N LEU C 140 16.14 -14.92 -15.11
CA LEU C 140 16.64 -15.38 -13.80
C LEU C 140 18.14 -15.46 -13.81
N ARG C 141 18.74 -16.01 -14.88
CA ARG C 141 20.21 -16.06 -14.95
C ARG C 141 20.76 -14.66 -15.11
N SER C 142 19.96 -13.69 -15.56
CA SER C 142 20.41 -12.28 -15.59
C SER C 142 20.44 -11.72 -14.16
N VAL C 143 19.54 -12.12 -13.30
CA VAL C 143 19.33 -11.40 -12.00
C VAL C 143 19.78 -12.27 -10.83
N SER C 144 19.86 -13.59 -10.98
CA SER C 144 20.18 -14.51 -9.88
C SER C 144 21.57 -15.07 -10.04
N THR C 145 22.38 -14.98 -8.99
CA THR C 145 23.76 -15.50 -8.99
C THR C 145 23.77 -17.03 -9.03
N ALA C 146 22.85 -17.68 -8.32
CA ALA C 146 22.80 -19.15 -8.29
C ALA C 146 22.48 -19.70 -9.68
N VAL C 147 21.50 -19.11 -10.36
CA VAL C 147 21.10 -19.57 -11.71
C VAL C 147 22.24 -19.30 -12.67
N TYR C 148 22.91 -18.17 -12.52
CA TYR C 148 24.04 -17.85 -13.42
C TYR C 148 25.14 -18.90 -13.22
N LYS C 149 25.43 -19.26 -11.98
CA LYS C 149 26.46 -20.28 -11.71
C LYS C 149 26.02 -21.60 -12.33
N ARG C 150 24.71 -21.84 -12.40
CA ARG C 150 24.22 -23.08 -13.05
C ARG C 150 24.30 -22.96 -14.57
N PHE C 151 24.02 -21.79 -15.12
CA PHE C 151 24.02 -21.56 -16.59
C PHE C 151 24.88 -20.36 -16.89
N PRO C 152 26.20 -20.49 -16.80
CA PRO C 152 27.09 -19.35 -17.04
C PRO C 152 27.18 -18.92 -18.50
N SER C 153 26.54 -19.64 -19.42
CA SER C 153 26.51 -19.25 -20.86
C SER C 153 25.26 -19.82 -21.52
N ALA C 154 24.91 -19.29 -22.68
CA ALA C 154 23.75 -19.78 -23.46
C ALA C 154 24.02 -21.21 -23.92
N GLN C 155 25.28 -21.56 -24.13
CA GLN C 155 25.62 -22.95 -24.49
C GLN C 155 25.26 -23.88 -23.34
N HIS C 156 25.37 -23.42 -22.11
CA HIS C 156 24.93 -24.22 -20.93
C HIS C 156 23.43 -24.41 -20.99
N LEU C 157 22.69 -23.39 -21.41
CA LEU C 157 21.21 -23.52 -21.56
C LEU C 157 20.91 -24.55 -22.65
N VAL C 158 21.70 -24.57 -23.72
CA VAL C 158 21.51 -25.57 -24.78
C VAL C 158 21.80 -26.97 -24.26
N GLN C 159 22.88 -27.13 -23.50
CA GLN C 159 23.26 -28.45 -22.96
C GLN C 159 22.22 -28.91 -21.94
N ALA C 160 21.63 -27.99 -21.18
CA ALA C 160 20.66 -28.33 -20.13
C ALA C 160 19.28 -28.59 -20.74
N GLY C 161 19.07 -28.31 -22.02
CA GLY C 161 17.79 -28.60 -22.70
C GLY C 161 16.77 -27.48 -22.59
N PHE C 162 17.12 -26.33 -22.05
CA PHE C 162 16.20 -25.16 -22.04
C PHE C 162 16.06 -24.60 -23.45
N MET C 163 17.09 -24.71 -24.24
CA MET C 163 17.15 -24.01 -25.55
C MET C 163 17.68 -25.00 -26.56
N THR C 164 16.98 -25.10 -27.67
CA THR C 164 17.39 -25.91 -28.83
C THR C 164 18.54 -25.19 -29.53
N PRO C 165 19.46 -25.93 -30.18
CA PRO C 165 20.53 -25.31 -30.96
C PRO C 165 20.02 -24.32 -32.04
N ALA C 166 18.86 -24.61 -32.63
CA ALA C 166 18.20 -23.68 -33.59
C ALA C 166 17.84 -22.40 -32.88
N GLU C 167 17.31 -22.49 -31.66
CA GLU C 167 16.93 -21.28 -30.89
C GLU C 167 18.18 -20.50 -30.53
N HIS C 168 19.25 -21.20 -30.19
CA HIS C 168 20.53 -20.52 -29.87
C HIS C 168 21.02 -19.77 -31.11
N LYS C 169 20.96 -20.41 -32.27
CA LYS C 169 21.43 -19.75 -33.51
C LYS C 169 20.57 -18.52 -33.78
N GLN C 170 19.26 -18.63 -33.59
CA GLN C 170 18.36 -17.48 -33.84
C GLN C 170 18.67 -16.35 -32.87
N LEU C 171 18.92 -16.66 -31.61
CA LEU C 171 19.27 -15.62 -30.62
C LEU C 171 20.59 -14.94 -30.99
N GLU C 172 21.56 -15.72 -31.46
CA GLU C 172 22.86 -15.13 -31.90
C GLU C 172 22.60 -14.20 -33.09
N LYS C 173 21.72 -14.62 -34.00
CA LYS C 173 21.40 -13.83 -35.21
C LYS C 173 20.72 -12.52 -34.82
N LEU C 174 19.86 -12.54 -33.81
CA LEU C 174 19.06 -11.35 -33.40
C LEU C 174 19.85 -10.43 -32.49
N SER C 175 21.10 -10.74 -32.16
CA SER C 175 21.82 -10.11 -31.01
C SER C 175 21.84 -8.58 -31.13
N LEU C 176 21.42 -7.92 -30.06
CA LEU C 176 21.49 -6.44 -29.89
C LEU C 176 22.34 -6.17 -28.66
N PRO C 177 22.83 -4.93 -28.47
CA PRO C 177 23.62 -4.61 -27.28
C PRO C 177 22.76 -4.42 -26.00
N HIS C 178 21.85 -5.35 -25.77
CA HIS C 178 20.98 -5.33 -24.59
C HIS C 178 20.71 -6.77 -24.16
N ASN C 179 20.12 -6.90 -23.00
CA ASN C 179 19.64 -8.20 -22.50
C ASN C 179 18.55 -8.68 -23.44
N MET C 180 18.65 -9.94 -23.85
CA MET C 180 17.72 -10.50 -24.86
C MET C 180 16.70 -11.41 -24.19
N PHE C 181 16.28 -11.09 -22.97
CA PHE C 181 15.31 -11.95 -22.25
C PHE C 181 13.92 -11.79 -22.85
N TRP C 182 13.68 -10.75 -23.64
CA TRP C 182 12.35 -10.44 -24.21
C TRP C 182 12.08 -11.30 -25.45
N VAL C 183 13.08 -11.92 -26.04
CA VAL C 183 12.93 -12.60 -27.35
C VAL C 183 11.93 -13.75 -27.27
N PRO C 184 11.97 -14.65 -26.26
CA PRO C 184 11.05 -15.77 -26.28
C PRO C 184 9.56 -15.34 -26.25
N TRP C 185 9.25 -14.17 -25.73
CA TRP C 185 7.85 -13.70 -25.73
C TRP C 185 7.39 -13.36 -27.15
N VAL C 186 8.24 -12.72 -27.94
CA VAL C 186 7.91 -12.46 -29.37
C VAL C 186 7.79 -13.80 -30.10
N TRP C 187 8.68 -14.74 -29.78
CA TRP C 187 8.60 -16.08 -30.38
C TRP C 187 7.28 -16.73 -30.01
N PHE C 188 6.86 -16.60 -28.77
CA PHE C 188 5.61 -17.22 -28.28
C PHE C 188 4.44 -16.61 -29.03
N ALA C 189 4.44 -15.30 -29.20
CA ALA C 189 3.31 -14.63 -29.86
C ALA C 189 3.21 -15.12 -31.31
N ASN C 190 4.34 -15.19 -31.98
CA ASN C 190 4.36 -15.58 -33.41
C ASN C 190 3.96 -17.05 -33.54
N LEU C 191 4.45 -17.90 -32.66
CA LEU C 191 4.07 -19.35 -32.72
C LEU C 191 2.60 -19.53 -32.40
N SER C 192 2.04 -18.77 -31.47
CA SER C 192 0.60 -18.84 -31.14
C SER C 192 -0.23 -18.41 -32.36
N MET C 193 0.19 -17.36 -33.02
CA MET C 193 -0.51 -16.88 -34.22
C MET C 193 -0.44 -17.95 -35.30
N LYS C 194 0.71 -18.58 -35.47
CA LYS C 194 0.88 -19.65 -36.48
C LYS C 194 -0.03 -20.82 -36.13
N ALA C 195 -0.12 -21.17 -34.85
CA ALA C 195 -0.99 -22.27 -34.39
C ALA C 195 -2.46 -21.94 -34.70
N TRP C 196 -2.88 -20.73 -34.42
CA TRP C 196 -4.28 -20.32 -34.69
C TRP C 196 -4.56 -20.33 -36.18
N LEU C 197 -3.63 -19.85 -37.00
CA LEU C 197 -3.85 -19.84 -38.46
C LEU C 197 -3.87 -21.28 -38.99
N GLY C 198 -3.15 -22.19 -38.32
CA GLY C 198 -3.11 -23.60 -38.75
C GLY C 198 -4.25 -24.44 -38.21
N GLY C 199 -5.16 -23.86 -37.46
CA GLY C 199 -6.34 -24.58 -36.93
C GLY C 199 -6.09 -25.28 -35.61
N ARG C 200 -4.89 -25.24 -35.06
CA ARG C 200 -4.60 -25.91 -33.78
C ARG C 200 -5.27 -25.15 -32.63
N ILE C 201 -5.36 -23.84 -32.72
CA ILE C 201 -6.18 -23.05 -31.76
C ILE C 201 -7.49 -22.72 -32.46
N ARG C 202 -8.59 -23.15 -31.89
CA ARG C 202 -9.88 -23.19 -32.60
C ARG C 202 -10.50 -21.80 -32.71
N ASP C 203 -10.25 -20.89 -31.79
CA ASP C 203 -10.93 -19.57 -31.81
C ASP C 203 -9.94 -18.49 -31.41
N PRO C 204 -10.05 -17.27 -31.98
CA PRO C 204 -9.18 -16.16 -31.61
C PRO C 204 -9.36 -15.68 -30.16
N ILE C 205 -10.51 -15.95 -29.54
CA ILE C 205 -10.72 -15.61 -28.12
C ILE C 205 -9.77 -16.45 -27.26
N LEU C 206 -9.54 -17.70 -27.66
CA LEU C 206 -8.59 -18.60 -26.97
C LEU C 206 -7.17 -18.05 -27.18
N LEU C 207 -6.85 -17.58 -28.37
CA LEU C 207 -5.53 -17.02 -28.67
C LEU C 207 -5.30 -15.78 -27.81
N GLN C 208 -6.31 -14.94 -27.64
CA GLN C 208 -6.21 -13.73 -26.81
C GLN C 208 -5.93 -14.11 -25.35
N SER C 209 -6.55 -15.17 -24.86
CA SER C 209 -6.33 -15.66 -23.49
C SER C 209 -4.90 -16.15 -23.34
N LEU C 210 -4.36 -16.86 -24.32
CA LEU C 210 -2.97 -17.36 -24.26
C LEU C 210 -2.02 -16.17 -24.17
N LEU C 211 -2.23 -15.19 -25.03
CA LEU C 211 -1.32 -14.03 -25.10
C LEU C 211 -1.41 -13.18 -23.84
N ASN C 212 -2.60 -13.06 -23.24
CA ASN C 212 -2.76 -12.30 -21.98
C ASN C 212 -1.94 -12.97 -20.86
N GLU C 213 -1.95 -14.28 -20.79
CA GLU C 213 -1.16 -15.00 -19.79
C GLU C 213 0.33 -14.79 -20.05
N MET C 214 0.73 -14.93 -21.31
CA MET C 214 2.16 -14.77 -21.64
C MET C 214 2.60 -13.34 -21.28
N ASN C 215 1.76 -12.35 -21.57
CA ASN C 215 2.14 -10.94 -21.32
C ASN C 215 2.23 -10.69 -19.81
N THR C 216 1.40 -11.34 -19.03
CA THR C 216 1.53 -11.24 -17.56
C THR C 216 2.91 -11.74 -17.13
N LEU C 217 3.33 -12.88 -17.66
CA LEU C 217 4.67 -13.40 -17.34
C LEU C 217 5.74 -12.41 -17.83
N ARG C 218 5.54 -11.80 -18.99
CA ARG C 218 6.53 -10.83 -19.50
C ARG C 218 6.65 -9.66 -18.51
N THR C 219 5.52 -9.17 -18.03
CA THR C 219 5.53 -8.03 -17.10
C THR C 219 6.27 -8.43 -15.82
N GLN C 220 6.03 -9.62 -15.31
CA GLN C 220 6.74 -10.10 -14.11
C GLN C 220 8.26 -10.12 -14.35
N CYS C 221 8.68 -10.62 -15.49
CA CYS C 221 10.12 -10.69 -15.83
C CYS C 221 10.69 -9.27 -15.95
N GLY C 222 9.94 -8.35 -16.53
CA GLY C 222 10.39 -6.97 -16.64
C GLY C 222 10.56 -6.35 -15.27
N HIS C 223 9.65 -6.64 -14.35
CA HIS C 223 9.76 -6.12 -12.96
C HIS C 223 11.00 -6.71 -12.32
N LEU C 224 11.30 -7.98 -12.55
CA LEU C 224 12.52 -8.60 -11.99
C LEU C 224 13.73 -7.85 -12.51
N TYR C 225 13.76 -7.60 -13.81
CA TYR C 225 14.90 -6.88 -14.43
C TYR C 225 15.02 -5.49 -13.82
N ALA C 226 13.90 -4.81 -13.61
CA ALA C 226 13.89 -3.44 -13.05
C ALA C 226 14.44 -3.45 -11.65
N TYR C 227 14.02 -4.40 -10.82
CA TYR C 227 14.50 -4.48 -9.42
C TYR C 227 15.99 -4.77 -9.44
N ASP C 228 16.46 -5.61 -10.36
CA ASP C 228 17.92 -5.90 -10.45
C ASP C 228 18.68 -4.67 -10.85
N TRP C 229 18.11 -3.88 -11.74
CA TRP C 229 18.80 -2.69 -12.30
C TRP C 229 18.71 -1.51 -11.35
N ILE C 230 17.51 -1.14 -10.95
CA ILE C 230 17.28 0.06 -10.11
C ILE C 230 17.47 -0.42 -8.67
N SER C 231 18.66 -0.30 -8.16
CA SER C 231 18.99 -0.60 -6.74
C SER C 231 18.30 0.44 -5.83
N ILE C 232 18.17 0.13 -4.54
CA ILE C 232 17.82 1.19 -3.55
C ILE C 232 18.90 2.24 -3.63
N PRO C 233 18.58 3.54 -3.64
CA PRO C 233 19.62 4.54 -3.88
C PRO C 233 20.81 4.35 -2.94
N LEU C 234 22.01 4.41 -3.50
CA LEU C 234 23.25 4.13 -2.74
C LEU C 234 23.38 5.15 -1.61
N VAL C 235 22.88 6.37 -1.77
CA VAL C 235 23.02 7.38 -0.70
C VAL C 235 22.29 6.90 0.56
N TYR C 236 21.10 6.30 0.39
CA TYR C 236 20.28 5.84 1.53
C TYR C 236 21.01 4.71 2.25
N THR C 237 21.54 3.77 1.50
CA THR C 237 22.29 2.63 2.07
C THR C 237 23.53 3.14 2.78
N GLN C 238 24.25 4.06 2.19
CA GLN C 238 25.48 4.63 2.81
C GLN C 238 25.10 5.34 4.11
N VAL C 239 23.98 6.05 4.12
CA VAL C 239 23.54 6.79 5.32
C VAL C 239 23.30 5.79 6.45
N VAL C 240 22.55 4.72 6.17
CA VAL C 240 22.19 3.74 7.23
C VAL C 240 23.46 3.03 7.70
N THR C 241 24.34 2.66 6.77
CA THR C 241 25.59 1.96 7.12
C THR C 241 26.42 2.86 8.04
N VAL C 242 26.54 4.14 7.67
CA VAL C 242 27.41 5.05 8.44
C VAL C 242 26.79 5.23 9.82
N ALA C 243 25.47 5.33 9.92
CA ALA C 243 24.81 5.48 11.24
C ALA C 243 25.19 4.30 12.15
N VAL C 244 25.00 3.09 11.67
CA VAL C 244 25.25 1.89 12.50
C VAL C 244 26.73 1.80 12.87
N TYR C 245 27.60 1.98 11.89
CA TYR C 245 29.05 1.74 12.11
C TYR C 245 29.62 2.86 12.99
N SER C 246 29.13 4.09 12.84
CA SER C 246 29.57 5.21 13.69
C SER C 246 29.14 4.93 15.13
N PHE C 247 27.92 4.44 15.31
CA PHE C 247 27.41 4.10 16.66
C PHE C 247 28.35 3.10 17.34
N PHE C 248 28.71 2.04 16.64
CA PHE C 248 29.50 0.96 17.28
C PHE C 248 30.99 1.25 17.23
N LEU C 249 31.44 2.26 16.50
CA LEU C 249 32.85 2.72 16.62
C LEU C 249 32.95 3.63 17.83
N THR C 250 31.93 4.46 18.06
CA THR C 250 31.88 5.29 19.28
C THR C 250 31.80 4.39 20.52
N CYS C 251 31.00 3.34 20.46
CA CYS C 251 30.82 2.41 21.61
C CYS C 251 32.15 1.74 21.95
N LEU C 252 33.10 1.70 21.04
CA LEU C 252 34.41 1.07 21.34
C LEU C 252 35.10 1.84 22.46
N VAL C 253 34.98 3.15 22.47
CA VAL C 253 35.63 4.01 23.49
C VAL C 253 34.65 4.38 24.59
N GLY C 254 33.44 4.81 24.24
CA GLY C 254 32.45 5.30 25.20
C GLY C 254 31.94 4.22 26.14
N ARG C 255 32.05 2.95 25.78
CA ARG C 255 31.53 1.85 26.62
C ARG C 255 32.69 1.13 27.28
N GLN C 256 33.81 1.80 27.49
CA GLN C 256 34.95 1.20 28.22
C GLN C 256 34.68 1.31 29.72
N PHE C 257 35.09 0.30 30.45
CA PHE C 257 34.97 0.26 31.93
C PHE C 257 36.19 0.97 32.46
N LEU C 258 36.03 2.20 32.93
CA LEU C 258 37.16 2.98 33.47
C LEU C 258 37.55 2.43 34.84
N ASN C 259 38.60 3.02 35.42
CA ASN C 259 39.06 2.69 36.78
C ASN C 259 37.93 2.86 37.78
N PRO C 260 37.56 1.78 38.51
CA PRO C 260 36.50 1.87 39.52
C PRO C 260 36.83 2.87 40.65
N ALA C 261 38.12 3.05 40.93
CA ALA C 261 38.60 3.91 42.03
C ALA C 261 38.14 5.35 41.82
N LYS C 262 38.18 5.85 40.58
CA LYS C 262 37.81 7.26 40.34
C LYS C 262 36.31 7.47 40.60
N ALA C 263 35.50 6.40 40.50
CA ALA C 263 34.07 6.41 40.84
C ALA C 263 33.27 7.31 39.92
N TYR C 264 33.71 7.56 38.68
CA TYR C 264 32.92 8.33 37.69
C TYR C 264 31.52 7.70 37.60
N PRO C 265 30.43 8.46 37.76
CA PRO C 265 29.08 7.92 37.64
C PRO C 265 28.84 7.02 36.43
N GLY C 266 28.55 5.75 36.70
CA GLY C 266 28.37 4.72 35.67
C GLY C 266 29.57 3.82 35.53
N HIS C 267 30.74 4.24 36.03
CA HIS C 267 31.99 3.44 35.87
C HIS C 267 32.53 3.03 37.25
N GLU C 268 31.74 3.17 38.31
CA GLU C 268 32.22 2.86 39.67
C GLU C 268 32.29 1.34 39.81
N LEU C 269 31.50 0.58 39.08
CA LEU C 269 31.55 -0.90 39.08
C LEU C 269 32.21 -1.39 37.79
N ASP C 270 33.18 -2.28 37.92
CA ASP C 270 33.94 -2.81 36.77
C ASP C 270 33.45 -4.20 36.41
N LEU C 271 32.86 -4.32 35.23
CA LEU C 271 32.51 -5.63 34.63
C LEU C 271 33.31 -5.77 33.35
N VAL C 272 34.01 -6.86 33.18
CA VAL C 272 34.98 -6.97 32.05
C VAL C 272 34.18 -7.08 30.75
N VAL C 273 32.99 -7.69 30.82
CA VAL C 273 32.15 -7.92 29.61
C VAL C 273 31.07 -6.86 29.56
N PRO C 274 31.03 -6.03 28.51
CA PRO C 274 29.92 -5.11 28.28
C PRO C 274 28.71 -5.85 27.71
N VAL C 275 27.91 -6.38 28.62
CA VAL C 275 26.77 -7.24 28.25
C VAL C 275 25.76 -6.41 27.46
N PHE C 276 25.49 -5.19 27.91
CA PHE C 276 24.42 -4.37 27.31
C PHE C 276 24.91 -3.83 25.98
N THR C 277 26.18 -3.49 25.88
CA THR C 277 26.75 -3.06 24.58
C THR C 277 26.67 -4.21 23.59
N PHE C 278 26.97 -5.42 24.02
CA PHE C 278 26.86 -6.60 23.12
C PHE C 278 25.41 -6.87 22.73
N LEU C 279 24.48 -6.68 23.64
CA LEU C 279 23.05 -6.88 23.32
C LEU C 279 22.65 -5.82 22.27
N GLN C 280 23.08 -4.58 22.47
CA GLN C 280 22.75 -3.50 21.51
C GLN C 280 23.40 -3.83 20.17
N PHE C 281 24.61 -4.37 20.17
CA PHE C 281 25.30 -4.78 18.93
C PHE C 281 24.46 -5.81 18.22
N PHE C 282 24.06 -6.84 18.93
CA PHE C 282 23.20 -7.91 18.35
C PHE C 282 21.96 -7.28 17.75
N PHE C 283 21.24 -6.47 18.49
CA PHE C 283 19.97 -5.87 18.03
C PHE C 283 20.20 -5.03 16.77
N TYR C 284 21.04 -4.02 16.82
CA TYR C 284 21.17 -3.02 15.73
C TYR C 284 21.90 -3.63 14.52
N VAL C 285 22.93 -4.42 14.74
CA VAL C 285 23.67 -5.01 13.60
C VAL C 285 22.80 -6.11 12.99
N GLY C 286 22.03 -6.86 13.76
CA GLY C 286 21.11 -7.84 13.18
C GLY C 286 20.01 -7.15 12.40
N TRP C 287 19.53 -6.01 12.89
CA TRP C 287 18.52 -5.23 12.15
C TRP C 287 19.12 -4.82 10.80
N LEU C 288 20.37 -4.39 10.79
CA LEU C 288 21.03 -4.02 9.52
C LEU C 288 21.23 -5.26 8.67
N LYS C 289 21.55 -6.40 9.27
CA LYS C 289 21.83 -7.63 8.50
C LYS C 289 20.56 -8.16 7.86
N VAL C 290 19.40 -7.88 8.43
CA VAL C 290 18.12 -8.20 7.75
C VAL C 290 18.14 -7.53 6.36
N ALA C 291 18.44 -6.24 6.32
CA ALA C 291 18.48 -5.49 5.05
C ALA C 291 19.63 -6.01 4.20
N GLU C 292 20.77 -6.28 4.81
CA GLU C 292 21.96 -6.74 4.06
C GLU C 292 21.61 -8.01 3.29
N GLN C 293 20.92 -8.94 3.95
CA GLN C 293 20.56 -10.23 3.33
C GLN C 293 19.43 -10.03 2.32
N LEU C 294 18.46 -9.19 2.63
CA LEU C 294 17.22 -9.08 1.83
C LEU C 294 17.38 -8.08 0.69
N ILE C 295 18.44 -7.28 0.65
CA ILE C 295 18.54 -6.21 -0.37
C ILE C 295 18.63 -6.82 -1.77
N ASN C 296 19.31 -7.95 -1.90
CA ASN C 296 19.32 -8.74 -3.16
C ASN C 296 18.89 -10.15 -2.85
N PRO C 297 17.61 -10.48 -2.99
CA PRO C 297 17.10 -11.78 -2.56
C PRO C 297 17.41 -12.93 -3.53
N PHE C 298 18.22 -12.67 -4.55
CA PHE C 298 18.57 -13.69 -5.57
C PHE C 298 20.05 -14.06 -5.44
N GLY C 299 20.67 -13.76 -4.32
CA GLY C 299 22.05 -14.20 -4.08
C GLY C 299 22.09 -15.63 -3.61
N GLU C 300 23.00 -15.94 -2.70
CA GLU C 300 23.21 -17.31 -2.19
C GLU C 300 23.09 -17.31 -0.66
N ASP C 301 22.43 -16.32 -0.08
CA ASP C 301 22.16 -16.34 1.38
C ASP C 301 21.21 -17.49 1.70
N ASP C 302 21.15 -17.83 2.98
CA ASP C 302 20.23 -18.91 3.42
C ASP C 302 18.79 -18.47 3.22
N ASP C 303 18.48 -17.21 3.46
CA ASP C 303 17.09 -16.72 3.33
C ASP C 303 16.81 -16.20 1.92
N ASP C 304 17.72 -16.34 0.98
CA ASP C 304 17.46 -15.92 -0.41
C ASP C 304 16.55 -16.93 -1.12
N PHE C 305 15.92 -16.50 -2.20
CA PHE C 305 14.99 -17.36 -2.95
C PHE C 305 15.73 -18.54 -3.57
N GLU C 306 15.04 -19.68 -3.59
CA GLU C 306 15.55 -20.91 -4.23
C GLU C 306 15.14 -20.83 -5.71
N THR C 307 15.85 -20.04 -6.48
CA THR C 307 15.56 -19.86 -7.91
C THR C 307 15.84 -21.14 -8.68
N ASN C 308 16.87 -21.90 -8.35
CA ASN C 308 17.18 -23.11 -9.15
C ASN C 308 16.06 -24.13 -8.97
N TRP C 309 15.55 -24.26 -7.76
CA TRP C 309 14.44 -25.19 -7.51
C TRP C 309 13.24 -24.75 -8.33
N ILE C 310 12.96 -23.46 -8.32
CA ILE C 310 11.79 -22.91 -9.06
C ILE C 310 11.96 -23.21 -10.55
N VAL C 311 13.14 -23.01 -11.09
CA VAL C 311 13.42 -23.29 -12.52
C VAL C 311 13.12 -24.77 -12.82
N ASP C 312 13.66 -25.68 -12.02
CA ASP C 312 13.47 -27.12 -12.25
C ASP C 312 11.99 -27.49 -12.14
N ARG C 313 11.33 -27.01 -11.09
CA ARG C 313 9.93 -27.37 -10.88
C ARG C 313 9.08 -26.84 -12.04
N ASN C 314 9.33 -25.61 -12.45
CA ASN C 314 8.52 -25.00 -13.52
C ASN C 314 8.66 -25.83 -14.79
N LEU C 315 9.87 -26.21 -15.13
CA LEU C 315 10.09 -26.99 -16.37
C LEU C 315 9.38 -28.34 -16.27
N GLN C 316 9.56 -29.06 -15.17
CA GLN C 316 8.95 -30.41 -15.02
C GLN C 316 7.42 -30.30 -15.10
N VAL C 317 6.87 -29.37 -14.33
CA VAL C 317 5.41 -29.28 -14.17
C VAL C 317 4.80 -28.80 -15.50
N SER C 318 5.39 -27.81 -16.12
CA SER C 318 4.84 -27.23 -17.37
C SER C 318 4.86 -28.27 -18.48
N LEU C 319 5.97 -28.99 -18.60
CA LEU C 319 6.05 -30.01 -19.68
C LEU C 319 5.03 -31.11 -19.41
N LEU C 320 4.86 -31.54 -18.17
CA LEU C 320 3.88 -32.60 -17.85
C LEU C 320 2.48 -32.10 -18.14
N ALA C 321 2.20 -30.85 -17.81
CA ALA C 321 0.82 -30.31 -17.96
C ALA C 321 0.46 -30.24 -19.44
N VAL C 322 1.39 -29.83 -20.28
CA VAL C 322 1.04 -29.56 -21.69
C VAL C 322 1.22 -30.83 -22.52
N ASP C 323 1.95 -31.84 -22.06
CA ASP C 323 2.24 -33.01 -22.92
C ASP C 323 1.46 -34.23 -22.43
N GLU C 324 1.64 -34.65 -21.20
CA GLU C 324 1.03 -35.93 -20.73
C GLU C 324 -0.39 -35.69 -20.26
N MET C 325 -0.72 -34.50 -19.78
CA MET C 325 -2.02 -34.24 -19.15
C MET C 325 -2.99 -33.59 -20.13
N HIS C 326 -2.64 -33.47 -21.41
CA HIS C 326 -3.53 -32.86 -22.41
C HIS C 326 -4.63 -33.86 -22.78
N GLN C 327 -5.87 -33.48 -22.52
CA GLN C 327 -7.06 -34.31 -22.82
C GLN C 327 -6.92 -35.67 -22.15
N ASP C 328 -6.21 -35.73 -21.04
CA ASP C 328 -6.05 -36.96 -20.22
C ASP C 328 -6.73 -36.66 -18.89
N LEU C 329 -8.03 -36.93 -18.83
CA LEU C 329 -8.83 -36.61 -17.64
C LEU C 329 -9.19 -37.89 -16.91
N PRO C 330 -9.33 -37.83 -15.58
CA PRO C 330 -9.84 -38.94 -14.83
C PRO C 330 -11.29 -39.24 -15.16
N ARG C 331 -11.69 -40.50 -15.03
CA ARG C 331 -13.04 -40.93 -15.47
C ARG C 331 -14.08 -40.13 -14.70
N MET C 332 -15.03 -39.53 -15.41
CA MET C 332 -16.01 -38.61 -14.80
C MET C 332 -17.21 -39.42 -14.35
N GLU C 333 -17.34 -39.58 -13.05
CA GLU C 333 -18.38 -40.44 -12.45
C GLU C 333 -19.10 -39.64 -11.37
N PRO C 334 -20.35 -40.00 -11.06
CA PRO C 334 -21.05 -39.39 -9.94
C PRO C 334 -20.25 -39.57 -8.64
N ASP C 335 -20.24 -38.50 -7.85
CA ASP C 335 -19.38 -38.41 -6.64
C ASP C 335 -20.12 -39.02 -5.46
N MET C 336 -19.52 -38.90 -4.29
CA MET C 336 -20.05 -39.44 -3.03
C MET C 336 -21.36 -38.76 -2.65
N TYR C 337 -21.52 -37.49 -3.00
CA TYR C 337 -22.72 -36.71 -2.62
C TYR C 337 -23.61 -36.52 -3.83
N TRP C 338 -23.78 -37.55 -4.65
CA TRP C 338 -24.53 -37.39 -5.92
C TRP C 338 -25.97 -37.00 -5.63
N ASN C 339 -26.62 -37.63 -4.66
CA ASN C 339 -28.02 -37.29 -4.32
C ASN C 339 -28.11 -36.84 -2.86
N LYS C 340 -27.08 -36.16 -2.37
CA LYS C 340 -27.04 -35.64 -0.99
C LYS C 340 -27.21 -34.13 -1.04
N PRO C 341 -28.38 -33.59 -0.64
CA PRO C 341 -28.61 -32.14 -0.76
C PRO C 341 -27.64 -31.30 0.07
N GLU C 342 -27.20 -31.82 1.22
CA GLU C 342 -26.29 -31.09 2.15
C GLU C 342 -25.13 -32.00 2.48
N PRO C 343 -24.07 -32.02 1.65
CA PRO C 343 -22.89 -32.83 1.95
C PRO C 343 -22.23 -32.41 3.28
N GLN C 344 -21.73 -33.39 4.01
CA GLN C 344 -21.04 -33.16 5.30
C GLN C 344 -19.84 -34.08 5.37
N PRO C 345 -18.68 -33.67 4.82
CA PRO C 345 -17.48 -34.50 4.87
C PRO C 345 -17.10 -34.78 6.30
N PRO C 346 -16.59 -35.99 6.60
CA PRO C 346 -16.28 -36.36 7.97
C PRO C 346 -15.05 -35.64 8.52
N TYR C 347 -14.95 -35.65 9.83
CA TYR C 347 -13.80 -35.11 10.59
C TYR C 347 -13.10 -36.29 11.25
N THR C 348 -11.78 -36.23 11.31
CA THR C 348 -10.99 -37.22 12.06
C THR C 348 -11.09 -36.93 13.57
N ALA C 349 -10.58 -37.84 14.37
CA ALA C 349 -10.53 -37.67 15.83
C ALA C 349 -9.67 -36.46 16.18
N ALA C 350 -8.56 -36.28 15.48
CA ALA C 350 -7.59 -35.18 15.71
C ALA C 350 -8.23 -33.83 15.37
N SER C 351 -9.19 -33.80 14.45
CA SER C 351 -9.74 -32.54 13.90
C SER C 351 -11.20 -32.34 14.30
N ALA C 352 -11.75 -33.15 15.19
CA ALA C 352 -13.19 -33.06 15.54
C ALA C 352 -13.46 -31.74 16.24
N GLN C 353 -12.47 -31.17 16.95
CA GLN C 353 -12.72 -29.92 17.71
C GLN C 353 -12.82 -28.71 16.76
N PHE C 354 -12.44 -28.85 15.49
CA PHE C 354 -12.46 -27.73 14.54
C PHE C 354 -13.78 -27.62 13.82
N ARG C 355 -14.75 -28.51 14.11
CA ARG C 355 -16.10 -28.38 13.52
C ARG C 355 -16.78 -27.18 14.19
N ARG C 356 -17.16 -26.20 13.39
CA ARG C 356 -17.71 -24.93 13.88
C ARG C 356 -19.05 -24.69 13.19
N ALA C 357 -19.95 -23.99 13.86
CA ALA C 357 -21.18 -23.48 13.22
C ALA C 357 -20.78 -22.29 12.35
N SER C 358 -21.54 -22.09 11.29
CA SER C 358 -21.31 -21.00 10.31
C SER C 358 -21.46 -19.64 10.97
N PHE C 359 -20.62 -18.70 10.57
CA PHE C 359 -20.78 -17.27 10.96
C PHE C 359 -21.87 -16.66 10.08
N MET C 360 -22.94 -16.19 10.69
CA MET C 360 -24.11 -15.72 9.94
C MET C 360 -24.16 -14.18 9.86
N GLY C 361 -23.09 -13.50 10.26
CA GLY C 361 -23.07 -12.03 10.30
C GLY C 361 -23.14 -11.48 11.70
N SER C 362 -22.58 -10.30 11.87
CA SER C 362 -22.48 -9.63 13.18
C SER C 362 -23.88 -9.18 13.65
N THR C 363 -24.87 -9.08 12.78
CA THR C 363 -26.21 -8.62 13.19
C THR C 363 -27.13 -9.77 13.55
N PHE C 364 -26.64 -11.00 13.54
CA PHE C 364 -27.51 -12.18 13.68
C PHE C 364 -28.20 -12.19 15.05
N ASN C 365 -27.47 -11.82 16.09
CA ASN C 365 -27.91 -11.99 17.49
C ASN C 365 -28.55 -10.73 18.05
N ILE C 366 -28.80 -9.72 17.22
CA ILE C 366 -29.46 -8.47 17.71
C ILE C 366 -30.91 -8.80 18.03
N SER C 367 -31.35 -8.40 19.22
CA SER C 367 -32.73 -8.66 19.71
C SER C 367 -33.53 -7.35 19.65
N LEU C 368 -34.73 -7.42 19.07
CA LEU C 368 -35.62 -6.25 18.96
C LEU C 368 -36.98 -6.59 19.53
N ASN C 369 -37.66 -5.57 20.04
CA ASN C 369 -39.05 -5.69 20.56
C ASN C 369 -40.01 -5.83 19.37
N LYS C 370 -41.24 -6.24 19.68
CA LYS C 370 -42.25 -6.47 18.62
C LYS C 370 -42.58 -5.12 17.97
N GLU C 371 -42.70 -4.08 18.78
CA GLU C 371 -43.03 -2.72 18.29
C GLU C 371 -41.89 -2.15 17.48
N GLU C 372 -40.65 -2.48 17.80
CA GLU C 372 -39.47 -1.94 17.07
C GLU C 372 -39.42 -2.51 15.66
N MET C 373 -40.07 -3.64 15.40
CA MET C 373 -39.97 -4.31 14.08
C MET C 373 -41.18 -4.00 13.20
N GLU C 374 -42.03 -3.04 13.57
CA GLU C 374 -43.12 -2.60 12.67
C GLU C 374 -42.59 -1.58 11.68
N PHE C 375 -42.93 -1.74 10.42
CA PHE C 375 -42.72 -0.67 9.40
C PHE C 375 -43.64 0.50 9.72
N GLN C 376 -43.12 1.72 9.59
CA GLN C 376 -43.90 2.95 9.77
C GLN C 376 -44.22 3.54 8.39
N PRO C 377 -45.39 4.18 8.24
CA PRO C 377 -45.77 4.81 6.98
C PRO C 377 -45.01 6.11 6.71
N THR D 2 21.48 6.14 -12.90
CA THR D 2 21.23 5.00 -12.01
C THR D 2 22.55 4.31 -11.65
N ILE D 3 22.83 4.23 -10.37
CA ILE D 3 24.00 3.49 -9.83
C ILE D 3 23.49 2.11 -9.46
N THR D 4 24.04 1.09 -10.08
CA THR D 4 23.66 -0.31 -9.76
C THR D 4 24.74 -0.92 -8.89
N TYR D 5 24.37 -1.39 -7.71
CA TYR D 5 25.29 -2.15 -6.83
C TYR D 5 24.66 -3.47 -6.41
N THR D 6 23.74 -3.98 -7.18
CA THR D 6 23.05 -5.27 -6.89
C THR D 6 24.07 -6.40 -6.80
N SER D 7 25.05 -6.43 -7.70
CA SER D 7 26.07 -7.51 -7.74
C SER D 7 26.88 -7.45 -6.45
N GLN D 8 27.17 -6.27 -5.93
CA GLN D 8 28.06 -6.09 -4.76
C GLN D 8 27.34 -6.58 -3.50
N VAL D 9 26.02 -6.50 -3.46
CA VAL D 9 25.25 -6.86 -2.25
C VAL D 9 24.45 -8.13 -2.47
N ALA D 10 24.91 -9.03 -3.34
CA ALA D 10 24.17 -10.29 -3.61
C ALA D 10 24.05 -11.14 -2.35
N ASN D 11 25.13 -11.25 -1.59
CA ASN D 11 25.19 -12.04 -0.35
C ASN D 11 25.45 -11.09 0.82
N ALA D 12 24.98 -11.47 2.01
CA ALA D 12 25.25 -10.72 3.25
C ALA D 12 26.60 -11.20 3.78
N ARG D 13 27.65 -10.75 3.11
CA ARG D 13 29.04 -11.10 3.46
C ARG D 13 29.55 -10.17 4.57
N LEU D 14 30.79 -10.37 4.98
CA LEU D 14 31.39 -9.60 6.10
C LEU D 14 31.53 -8.14 5.68
N GLY D 15 30.76 -7.26 6.31
CA GLY D 15 30.75 -5.82 5.99
C GLY D 15 30.44 -5.56 4.52
N SER D 16 29.36 -6.14 4.01
CA SER D 16 28.95 -5.94 2.60
C SER D 16 28.59 -4.47 2.37
N PHE D 17 27.87 -3.89 3.31
CA PHE D 17 27.46 -2.48 3.21
C PHE D 17 28.61 -1.54 3.52
N SER D 18 29.62 -1.99 4.26
CA SER D 18 30.80 -1.17 4.59
C SER D 18 31.63 -0.92 3.33
N ARG D 19 31.71 -1.91 2.45
CA ARG D 19 32.54 -1.78 1.23
C ARG D 19 31.89 -0.79 0.27
N LEU D 20 30.60 -0.50 0.43
CA LEU D 20 29.92 0.50 -0.43
C LEU D 20 30.28 1.91 0.00
N LEU D 21 30.92 2.11 1.15
CA LEU D 21 31.31 3.48 1.58
C LEU D 21 32.49 4.00 0.77
N LEU D 22 33.14 3.16 -0.02
CA LEU D 22 34.27 3.62 -0.88
C LEU D 22 33.78 3.84 -2.31
N CYS D 23 32.56 4.30 -2.48
CA CYS D 23 31.99 4.69 -3.80
C CYS D 23 31.90 6.20 -3.86
N TRP D 24 32.21 6.78 -5.01
CA TRP D 24 32.07 8.25 -5.21
C TRP D 24 30.80 8.57 -5.99
N ARG D 25 30.56 7.88 -7.10
CA ARG D 25 29.39 8.18 -7.95
C ARG D 25 28.12 7.80 -7.19
N GLY D 26 27.18 8.74 -7.13
CA GLY D 26 25.89 8.59 -6.42
C GLY D 26 26.09 8.28 -4.96
N SER D 27 27.07 8.93 -4.34
CA SER D 27 27.40 8.73 -2.91
C SER D 27 26.93 9.91 -2.08
N ILE D 28 27.00 9.74 -0.76
CA ILE D 28 26.65 10.84 0.19
C ILE D 28 27.70 11.95 0.09
N TYR D 29 28.97 11.60 -0.09
CA TYR D 29 30.07 12.57 -0.15
C TYR D 29 29.82 13.52 -1.32
N LYS D 30 29.56 12.97 -2.49
CA LYS D 30 29.34 13.78 -3.71
C LYS D 30 28.12 14.67 -3.51
N LEU D 31 27.15 14.19 -2.76
CA LEU D 31 25.88 14.96 -2.62
C LEU D 31 26.09 16.14 -1.67
N LEU D 32 26.83 15.96 -0.58
CA LEU D 32 26.81 17.00 0.48
C LEU D 32 28.20 17.51 0.81
N TYR D 33 29.18 17.37 -0.07
CA TYR D 33 30.52 17.92 0.23
C TYR D 33 30.46 19.45 0.25
N GLY D 34 29.69 20.07 -0.65
CA GLY D 34 29.58 21.54 -0.68
C GLY D 34 28.96 22.08 0.59
N GLU D 35 27.85 21.48 1.02
CA GLU D 35 27.17 21.92 2.25
C GLU D 35 28.09 21.68 3.45
N PHE D 36 28.82 20.57 3.45
CA PHE D 36 29.72 20.26 4.57
C PHE D 36 30.86 21.29 4.61
N LEU D 37 31.39 21.68 3.46
CA LEU D 37 32.47 22.70 3.44
C LEU D 37 31.94 24.02 3.97
N ILE D 38 30.74 24.42 3.57
CA ILE D 38 30.16 25.69 4.07
C ILE D 38 29.97 25.59 5.58
N PHE D 39 29.46 24.47 6.07
CA PHE D 39 29.22 24.28 7.52
C PHE D 39 30.54 24.33 8.27
N LEU D 40 31.57 23.69 7.74
CA LEU D 40 32.92 23.70 8.36
C LEU D 40 33.44 25.14 8.43
N LEU D 41 33.33 25.88 7.34
CA LEU D 41 33.86 27.26 7.29
C LEU D 41 33.12 28.10 8.34
N CYS D 42 31.80 27.99 8.40
CA CYS D 42 31.01 28.79 9.36
C CYS D 42 31.38 28.39 10.79
N TYR D 43 31.51 27.10 11.06
CA TYR D 43 31.80 26.60 12.42
C TYR D 43 33.14 27.14 12.88
N TYR D 44 34.14 27.08 12.03
CA TYR D 44 35.51 27.49 12.45
C TYR D 44 35.63 29.01 12.46
N ILE D 45 34.84 29.72 11.67
CA ILE D 45 34.80 31.20 11.80
C ILE D 45 34.20 31.55 13.15
N ILE D 46 33.11 30.91 13.54
CA ILE D 46 32.49 31.21 14.87
C ILE D 46 33.48 30.85 15.97
N ARG D 47 34.17 29.73 15.84
CA ARG D 47 35.14 29.30 16.87
C ARG D 47 36.23 30.37 17.00
N PHE D 48 36.78 30.84 15.91
CA PHE D 48 37.87 31.84 15.94
C PHE D 48 37.35 33.16 16.48
N ILE D 49 36.13 33.54 16.14
CA ILE D 49 35.52 34.78 16.69
C ILE D 49 35.41 34.63 18.21
N TYR D 50 34.98 33.50 18.70
CA TYR D 50 34.73 33.30 20.14
C TYR D 50 36.05 33.25 20.89
N ARG D 51 37.03 32.51 20.42
CA ARG D 51 38.29 32.29 21.19
C ARG D 51 39.19 33.52 21.13
N LEU D 52 39.23 34.21 19.98
CA LEU D 52 40.05 35.42 19.87
C LEU D 52 39.20 36.51 19.23
N ALA D 53 39.53 37.75 19.49
CA ALA D 53 38.72 38.93 19.07
C ALA D 53 37.36 38.97 19.77
N LEU D 54 37.24 38.44 20.98
CA LEU D 54 36.01 38.58 21.79
C LEU D 54 36.44 38.85 23.23
N THR D 55 35.77 39.79 23.87
CA THR D 55 36.14 40.23 25.24
C THR D 55 35.63 39.21 26.25
N GLU D 56 36.06 39.38 27.49
CA GLU D 56 35.68 38.46 28.59
C GLU D 56 34.16 38.46 28.76
N GLU D 57 33.53 39.62 28.85
CA GLU D 57 32.06 39.72 29.03
C GLU D 57 31.39 39.12 27.79
N GLN D 58 31.91 39.42 26.61
CA GLN D 58 31.36 38.85 25.35
C GLN D 58 31.56 37.33 25.35
N GLN D 59 32.69 36.86 25.84
CA GLN D 59 32.94 35.41 25.93
C GLN D 59 31.93 34.76 26.89
N LEU D 60 31.63 35.42 28.00
CA LEU D 60 30.66 34.87 28.97
C LEU D 60 29.27 34.84 28.32
N MET D 61 28.90 35.88 27.59
CA MET D 61 27.59 35.92 26.89
C MET D 61 27.54 34.78 25.86
N PHE D 62 28.62 34.59 25.11
CA PHE D 62 28.67 33.53 24.07
C PHE D 62 28.54 32.17 24.75
N GLU D 63 29.17 31.98 25.90
CA GLU D 63 29.10 30.68 26.61
C GLU D 63 27.68 30.44 27.07
N LYS D 64 26.99 31.45 27.57
CA LYS D 64 25.58 31.29 27.99
C LYS D 64 24.75 30.92 26.78
N LEU D 65 24.98 31.60 25.64
CA LEU D 65 24.23 31.30 24.40
C LEU D 65 24.49 29.86 23.97
N THR D 66 25.73 29.41 24.07
CA THR D 66 26.10 28.03 23.66
C THR D 66 25.40 27.03 24.57
N LEU D 67 25.40 27.26 25.86
CA LEU D 67 24.73 26.34 26.81
C LEU D 67 23.24 26.31 26.50
N TYR D 68 22.66 27.46 26.15
CA TYR D 68 21.20 27.53 25.88
C TYR D 68 20.87 26.76 24.60
N CYS D 69 21.68 26.95 23.58
CA CYS D 69 21.44 26.31 22.25
C CYS D 69 21.63 24.81 22.37
N ASP D 70 22.66 24.38 23.08
CA ASP D 70 22.99 22.93 23.18
C ASP D 70 21.86 22.24 23.98
N SER D 71 21.32 22.93 24.98
CA SER D 71 20.27 22.36 25.85
C SER D 71 18.96 22.24 25.06
N TYR D 72 18.64 23.21 24.23
CA TYR D 72 17.29 23.25 23.60
C TYR D 72 17.34 22.83 22.14
N ILE D 73 18.45 22.29 21.67
CA ILE D 73 18.54 21.84 20.24
C ILE D 73 17.67 20.60 20.03
N GLN D 74 17.52 19.79 21.06
CA GLN D 74 16.77 18.50 20.97
C GLN D 74 15.26 18.78 20.82
N LEU D 75 14.81 20.00 20.98
CA LEU D 75 13.39 20.39 20.77
C LEU D 75 13.00 20.33 19.30
N ILE D 76 13.96 20.35 18.36
CA ILE D 76 13.66 20.28 16.91
C ILE D 76 13.24 18.85 16.56
N PRO D 77 12.01 18.63 16.06
CA PRO D 77 11.61 17.31 15.52
C PRO D 77 12.24 17.07 14.14
N ILE D 78 13.34 16.32 14.09
CA ILE D 78 14.09 16.15 12.81
C ILE D 78 14.00 14.71 12.33
N SER D 79 14.01 13.73 13.21
CA SER D 79 13.88 12.31 12.83
C SER D 79 12.47 12.04 12.27
N PHE D 80 11.43 12.54 12.94
CA PHE D 80 10.04 12.15 12.59
C PHE D 80 9.68 12.73 11.23
N VAL D 81 9.93 14.02 11.04
CA VAL D 81 9.53 14.69 9.77
C VAL D 81 10.39 14.12 8.64
N LEU D 82 11.68 13.87 8.89
CA LEU D 82 12.56 13.33 7.84
C LEU D 82 12.07 11.94 7.47
N GLY D 83 11.73 11.11 8.44
CA GLY D 83 11.31 9.73 8.16
C GLY D 83 10.07 9.70 7.28
N PHE D 84 9.06 10.47 7.66
CA PHE D 84 7.77 10.48 6.93
C PHE D 84 7.97 11.05 5.53
N TYR D 85 8.69 12.16 5.42
CA TYR D 85 8.87 12.84 4.13
C TYR D 85 9.69 11.94 3.20
N VAL D 86 10.74 11.30 3.70
CA VAL D 86 11.61 10.51 2.83
C VAL D 86 10.83 9.27 2.40
N THR D 87 10.01 8.71 3.28
CA THR D 87 9.17 7.56 2.89
C THR D 87 8.24 7.96 1.74
N LEU D 88 7.60 9.11 1.83
CA LEU D 88 6.72 9.59 0.74
C LEU D 88 7.53 9.76 -0.54
N VAL D 89 8.70 10.37 -0.44
CA VAL D 89 9.53 10.63 -1.65
C VAL D 89 9.91 9.30 -2.28
N VAL D 90 10.32 8.32 -1.49
CA VAL D 90 10.78 7.03 -2.04
C VAL D 90 9.60 6.28 -2.66
N THR D 91 8.44 6.34 -2.03
CA THR D 91 7.22 5.73 -2.60
C THR D 91 6.94 6.35 -3.98
N ARG D 92 6.96 7.67 -4.06
CA ARG D 92 6.64 8.34 -5.33
C ARG D 92 7.72 7.99 -6.34
N TRP D 93 8.96 7.85 -5.91
CA TRP D 93 10.09 7.55 -6.82
C TRP D 93 9.87 6.20 -7.48
N TRP D 94 9.54 5.21 -6.70
CA TRP D 94 9.29 3.86 -7.28
C TRP D 94 8.02 3.86 -8.12
N ASN D 95 6.98 4.57 -7.72
CA ASN D 95 5.75 4.67 -8.55
C ASN D 95 6.09 5.33 -9.87
N GLN D 96 6.94 6.34 -9.86
CA GLN D 96 7.34 7.02 -11.10
C GLN D 96 8.08 6.04 -11.99
N TYR D 97 8.92 5.21 -11.42
CA TYR D 97 9.63 4.21 -12.24
C TYR D 97 8.65 3.22 -12.82
N GLU D 98 7.66 2.80 -12.03
CA GLU D 98 6.69 1.78 -12.48
C GLU D 98 5.87 2.31 -13.66
N ASN D 99 5.85 3.61 -13.89
CA ASN D 99 5.04 4.22 -14.97
C ASN D 99 5.90 4.53 -16.19
N LEU D 100 7.16 4.09 -16.21
CA LEU D 100 7.97 4.21 -17.45
C LEU D 100 7.43 3.20 -18.45
N PRO D 101 7.03 3.66 -19.65
CA PRO D 101 6.39 2.76 -20.59
C PRO D 101 7.39 1.86 -21.32
N TRP D 102 7.12 0.56 -21.35
CA TRP D 102 7.91 -0.44 -22.09
C TRP D 102 7.00 -1.05 -23.15
N PRO D 103 7.36 -1.00 -24.44
CA PRO D 103 6.49 -1.52 -25.51
C PRO D 103 6.54 -3.04 -25.74
N ASP D 104 7.03 -3.81 -24.77
CA ASP D 104 7.30 -5.23 -24.98
C ASP D 104 6.03 -6.05 -25.20
N ARG D 105 5.00 -5.80 -24.41
CA ARG D 105 3.67 -6.47 -24.62
C ARG D 105 3.08 -6.02 -25.95
N LEU D 106 3.12 -4.72 -26.20
CA LEU D 106 2.52 -4.19 -27.43
C LEU D 106 3.32 -4.69 -28.62
N MET D 107 4.63 -4.76 -28.49
CA MET D 107 5.48 -5.14 -29.64
C MET D 107 5.23 -6.62 -29.95
N SER D 108 5.03 -7.46 -28.95
CA SER D 108 4.71 -8.88 -29.20
C SER D 108 3.36 -8.97 -29.92
N LEU D 109 2.37 -8.23 -29.47
CA LEU D 109 1.03 -8.27 -30.12
C LEU D 109 1.10 -7.74 -31.55
N VAL D 110 1.86 -6.69 -31.79
CA VAL D 110 1.95 -6.13 -33.16
C VAL D 110 2.70 -7.11 -34.05
N SER D 111 3.76 -7.72 -33.54
CA SER D 111 4.52 -8.75 -34.31
C SER D 111 3.61 -9.90 -34.68
N GLY D 112 2.80 -10.37 -33.74
CA GLY D 112 1.93 -11.55 -33.99
C GLY D 112 0.76 -11.22 -34.90
N PHE D 113 -0.02 -10.23 -34.52
CA PHE D 113 -1.38 -10.01 -35.06
C PHE D 113 -1.32 -9.38 -36.44
N VAL D 114 -0.58 -8.31 -36.63
CA VAL D 114 -0.61 -7.56 -37.91
C VAL D 114 0.11 -8.39 -38.98
N GLU D 115 -0.65 -8.89 -39.93
CA GLU D 115 -0.14 -9.88 -40.89
C GLU D 115 0.47 -9.23 -42.11
N GLY D 116 1.29 -10.00 -42.82
CA GLY D 116 1.91 -9.53 -44.06
C GLY D 116 3.42 -9.46 -43.99
N LYS D 117 4.09 -10.26 -44.81
CA LYS D 117 5.56 -10.19 -44.94
C LYS D 117 5.94 -9.30 -46.11
N ASP D 118 4.99 -8.66 -46.77
CA ASP D 118 5.30 -7.73 -47.88
C ASP D 118 5.68 -6.36 -47.33
N GLU D 119 5.91 -5.41 -48.22
CA GLU D 119 6.32 -4.03 -47.83
C GLU D 119 5.20 -3.37 -47.04
N GLN D 120 3.96 -3.57 -47.42
CA GLN D 120 2.82 -2.88 -46.76
C GLN D 120 2.68 -3.38 -45.32
N GLY D 121 2.81 -4.67 -45.08
CA GLY D 121 2.73 -5.22 -43.71
C GLY D 121 3.89 -4.75 -42.86
N ARG D 122 5.09 -4.74 -43.41
CA ARG D 122 6.28 -4.21 -42.70
C ARG D 122 6.02 -2.76 -42.32
N LEU D 123 5.53 -1.98 -43.26
CA LEU D 123 5.33 -0.53 -43.05
C LEU D 123 4.26 -0.32 -41.97
N LEU D 124 3.21 -1.12 -42.01
CA LEU D 124 2.09 -0.99 -41.04
C LEU D 124 2.59 -1.34 -39.64
N ARG D 125 3.32 -2.43 -39.49
CA ARG D 125 3.83 -2.84 -38.17
C ARG D 125 4.81 -1.81 -37.65
N ARG D 126 5.72 -1.36 -38.49
CA ARG D 126 6.74 -0.38 -38.03
C ARG D 126 6.02 0.91 -37.63
N THR D 127 5.00 1.31 -38.38
CA THR D 127 4.30 2.57 -38.09
C THR D 127 3.58 2.47 -36.75
N LEU D 128 2.93 1.35 -36.48
CA LEU D 128 2.20 1.21 -35.20
C LEU D 128 3.19 1.27 -34.04
N ILE D 129 4.26 0.50 -34.13
CA ILE D 129 5.23 0.46 -33.01
C ILE D 129 5.93 1.82 -32.89
N ARG D 130 6.11 2.51 -34.01
CA ARG D 130 6.75 3.85 -33.98
C ARG D 130 5.78 4.84 -33.31
N TYR D 131 4.49 4.70 -33.51
CA TYR D 131 3.53 5.59 -32.82
C TYR D 131 3.65 5.37 -31.32
N ALA D 132 3.77 4.14 -30.88
CA ALA D 132 3.95 3.85 -29.44
C ALA D 132 5.23 4.52 -28.93
N ASN D 133 6.32 4.35 -29.65
CA ASN D 133 7.61 4.94 -29.24
C ASN D 133 7.54 6.47 -29.26
N LEU D 134 6.82 7.04 -30.22
CA LEU D 134 6.71 8.51 -30.35
C LEU D 134 5.94 9.05 -29.16
N GLY D 135 4.86 8.39 -28.77
CA GLY D 135 4.14 8.84 -27.58
C GLY D 135 5.02 8.82 -26.35
N ASN D 136 5.76 7.73 -26.19
CA ASN D 136 6.65 7.58 -25.03
C ASN D 136 7.67 8.71 -25.03
N VAL D 137 8.32 8.96 -26.16
CA VAL D 137 9.43 9.95 -26.20
C VAL D 137 8.84 11.36 -26.02
N LEU D 138 7.62 11.60 -26.47
CA LEU D 138 7.00 12.93 -26.28
C LEU D 138 6.78 13.20 -24.77
N ILE D 139 6.22 12.24 -24.07
CA ILE D 139 6.00 12.47 -22.61
C ILE D 139 7.36 12.53 -21.90
N LEU D 140 8.34 11.73 -22.32
CA LEU D 140 9.63 11.71 -21.61
C LEU D 140 10.36 13.03 -21.81
N ARG D 141 10.36 13.57 -23.01
CA ARG D 141 11.00 14.89 -23.23
C ARG D 141 10.19 15.97 -22.53
N SER D 142 8.93 15.73 -22.24
CA SER D 142 8.12 16.70 -21.43
C SER D 142 8.57 16.63 -19.96
N VAL D 143 8.96 15.49 -19.46
CA VAL D 143 9.15 15.32 -17.99
C VAL D 143 10.62 15.15 -17.65
N SER D 144 11.48 14.73 -18.58
CA SER D 144 12.89 14.42 -18.29
C SER D 144 13.80 15.48 -18.88
N THR D 145 14.71 16.01 -18.10
CA THR D 145 15.66 17.05 -18.58
C THR D 145 16.69 16.44 -19.51
N ALA D 146 17.13 15.22 -19.27
CA ALA D 146 18.13 14.58 -20.16
C ALA D 146 17.56 14.38 -21.56
N VAL D 147 16.32 13.87 -21.63
CA VAL D 147 15.67 13.63 -22.94
C VAL D 147 15.41 14.97 -23.63
N TYR D 148 15.03 15.98 -22.86
CA TYR D 148 14.78 17.32 -23.45
C TYR D 148 16.09 17.84 -24.03
N LYS D 149 17.19 17.70 -23.31
CA LYS D 149 18.49 18.16 -23.83
C LYS D 149 18.83 17.39 -25.08
N ARG D 150 18.38 16.14 -25.19
CA ARG D 150 18.64 15.35 -26.42
C ARG D 150 17.70 15.79 -27.54
N PHE D 151 16.47 16.12 -27.21
CA PHE D 151 15.44 16.51 -28.22
C PHE D 151 14.83 17.83 -27.79
N PRO D 152 15.55 18.95 -27.92
CA PRO D 152 15.03 20.24 -27.48
C PRO D 152 13.92 20.80 -28.36
N SER D 153 13.59 20.14 -29.46
CA SER D 153 12.48 20.59 -30.35
C SER D 153 11.92 19.40 -31.12
N ALA D 154 10.73 19.55 -31.68
CA ALA D 154 10.10 18.50 -32.51
C ALA D 154 10.93 18.27 -33.77
N GLN D 155 11.62 19.29 -34.24
CA GLN D 155 12.52 19.12 -35.41
C GLN D 155 13.65 18.15 -35.03
N HIS D 156 14.10 18.18 -33.79
CA HIS D 156 15.12 17.21 -33.33
C HIS D 156 14.54 15.82 -33.35
N LEU D 157 13.27 15.66 -33.00
CA LEU D 157 12.60 14.33 -33.09
C LEU D 157 12.54 13.88 -34.54
N VAL D 158 12.30 14.81 -35.46
CA VAL D 158 12.27 14.47 -36.90
C VAL D 158 13.67 14.07 -37.37
N GLN D 159 14.68 14.79 -36.96
CA GLN D 159 16.08 14.49 -37.38
C GLN D 159 16.51 13.15 -36.77
N ALA D 160 16.05 12.83 -35.58
CA ALA D 160 16.44 11.58 -34.90
C ALA D 160 15.66 10.39 -35.42
N GLY D 161 14.62 10.60 -36.24
CA GLY D 161 13.84 9.51 -36.84
C GLY D 161 12.69 9.01 -35.98
N PHE D 162 12.38 9.68 -34.88
CA PHE D 162 11.20 9.32 -34.07
C PHE D 162 9.92 9.74 -34.80
N MET D 163 10.01 10.79 -35.60
CA MET D 163 8.82 11.38 -36.24
C MET D 163 9.16 11.66 -37.69
N THR D 164 8.30 11.24 -38.59
CA THR D 164 8.46 11.59 -40.02
C THR D 164 8.02 13.04 -40.23
N PRO D 165 8.56 13.72 -41.24
CA PRO D 165 8.08 15.06 -41.60
C PRO D 165 6.56 15.18 -41.80
N ALA D 166 5.92 14.14 -42.33
CA ALA D 166 4.44 14.12 -42.46
C ALA D 166 3.81 14.16 -41.07
N GLU D 167 4.35 13.38 -40.13
CA GLU D 167 3.81 13.36 -38.75
C GLU D 167 4.05 14.71 -38.09
N HIS D 168 5.19 15.31 -38.36
CA HIS D 168 5.48 16.66 -37.80
C HIS D 168 4.47 17.66 -38.33
N LYS D 169 4.18 17.61 -39.63
CA LYS D 169 3.22 18.54 -40.24
C LYS D 169 1.84 18.32 -39.60
N GLN D 170 1.45 17.06 -39.41
CA GLN D 170 0.13 16.76 -38.82
C GLN D 170 0.07 17.28 -37.38
N LEU D 171 1.13 17.11 -36.61
CA LEU D 171 1.15 17.62 -35.22
C LEU D 171 1.07 19.14 -35.22
N GLU D 172 1.75 19.81 -36.13
CA GLU D 172 1.68 21.29 -36.22
C GLU D 172 0.24 21.69 -36.57
N LYS D 173 -0.41 20.95 -37.46
CA LYS D 173 -1.80 21.25 -37.87
C LYS D 173 -2.74 21.08 -36.68
N LEU D 174 -2.52 20.07 -35.84
CA LEU D 174 -3.44 19.74 -34.72
C LEU D 174 -3.13 20.59 -33.49
N SER D 175 -2.20 21.53 -33.55
CA SER D 175 -1.64 22.19 -32.34
C SER D 175 -2.77 22.84 -31.52
N LEU D 176 -2.81 22.52 -30.24
CA LEU D 176 -3.69 23.14 -29.22
C LEU D 176 -2.79 23.68 -28.13
N PRO D 177 -3.27 24.60 -27.27
CA PRO D 177 -2.44 25.14 -26.19
C PRO D 177 -2.26 24.18 -25.02
N HIS D 178 -1.89 22.95 -25.32
CA HIS D 178 -1.58 21.93 -24.29
C HIS D 178 -0.47 21.04 -24.81
N ASN D 179 0.04 20.20 -23.94
CA ASN D 179 1.02 19.17 -24.32
C ASN D 179 0.33 18.20 -25.28
N MET D 180 0.98 17.89 -26.38
CA MET D 180 0.40 17.06 -27.46
C MET D 180 0.93 15.63 -27.38
N PHE D 181 1.21 15.12 -26.20
CA PHE D 181 1.76 13.75 -26.09
C PHE D 181 0.66 12.72 -26.32
N TRP D 182 -0.60 13.10 -26.26
CA TRP D 182 -1.73 12.17 -26.44
C TRP D 182 -1.98 11.84 -27.91
N VAL D 183 -1.45 12.61 -28.85
CA VAL D 183 -1.80 12.47 -30.28
C VAL D 183 -1.42 11.09 -30.82
N PRO D 184 -0.21 10.55 -30.58
CA PRO D 184 0.13 9.28 -31.19
C PRO D 184 -0.81 8.13 -30.79
N TRP D 185 -1.46 8.22 -29.63
CA TRP D 185 -2.41 7.15 -29.23
C TRP D 185 -3.65 7.19 -30.11
N VAL D 186 -4.16 8.37 -30.43
CA VAL D 186 -5.31 8.48 -31.35
C VAL D 186 -4.88 8.02 -32.74
N TRP D 187 -3.67 8.36 -33.13
CA TRP D 187 -3.12 7.88 -34.43
C TRP D 187 -3.06 6.36 -34.42
N PHE D 188 -2.61 5.77 -33.33
CA PHE D 188 -2.47 4.30 -33.23
C PHE D 188 -3.85 3.67 -33.35
N ALA D 189 -4.85 4.23 -32.67
CA ALA D 189 -6.20 3.64 -32.70
C ALA D 189 -6.75 3.70 -34.13
N ASN D 190 -6.57 4.83 -34.79
CA ASN D 190 -7.11 4.98 -36.15
C ASN D 190 -6.37 4.07 -37.12
N LEU D 191 -5.06 3.96 -36.99
CA LEU D 191 -4.28 3.09 -37.90
C LEU D 191 -4.63 1.62 -37.65
N SER D 192 -4.86 1.23 -36.41
CA SER D 192 -5.25 -0.16 -36.07
C SER D 192 -6.62 -0.46 -36.69
N MET D 193 -7.53 0.48 -36.60
CA MET D 193 -8.89 0.29 -37.16
C MET D 193 -8.74 0.17 -38.69
N LYS D 194 -7.91 0.98 -39.31
CA LYS D 194 -7.70 0.93 -40.78
C LYS D 194 -7.10 -0.43 -41.14
N ALA D 195 -6.16 -0.92 -40.35
CA ALA D 195 -5.52 -2.23 -40.60
C ALA D 195 -6.57 -3.35 -40.51
N TRP D 196 -7.42 -3.30 -39.50
CA TRP D 196 -8.48 -4.33 -39.32
C TRP D 196 -9.47 -4.26 -40.48
N LEU D 197 -9.85 -3.08 -40.91
CA LEU D 197 -10.80 -2.96 -42.05
C LEU D 197 -10.13 -3.42 -43.33
N GLY D 198 -8.81 -3.29 -43.43
CA GLY D 198 -8.06 -3.72 -44.62
C GLY D 198 -7.69 -5.18 -44.62
N GLY D 199 -8.05 -5.93 -43.58
CA GLY D 199 -7.78 -7.37 -43.51
C GLY D 199 -6.41 -7.72 -42.96
N ARG D 200 -5.58 -6.74 -42.61
CA ARG D 200 -4.25 -7.02 -42.04
C ARG D 200 -4.39 -7.57 -40.62
N ILE D 201 -5.38 -7.13 -39.88
CA ILE D 201 -5.72 -7.76 -38.57
C ILE D 201 -6.92 -8.65 -38.80
N ARG D 202 -6.77 -9.93 -38.53
CA ARG D 202 -7.75 -10.93 -38.99
C ARG D 202 -9.04 -10.89 -38.18
N ASP D 203 -9.00 -10.53 -36.90
CA ASP D 203 -10.21 -10.59 -36.05
C ASP D 203 -10.29 -9.35 -35.18
N PRO D 204 -11.50 -8.86 -34.85
CA PRO D 204 -11.64 -7.71 -33.96
C PRO D 204 -11.17 -7.98 -32.53
N ILE D 205 -11.11 -9.24 -32.12
CA ILE D 205 -10.60 -9.60 -30.77
C ILE D 205 -9.11 -9.26 -30.72
N LEU D 206 -8.40 -9.45 -31.81
CA LEU D 206 -6.95 -9.11 -31.90
C LEU D 206 -6.82 -7.60 -31.85
N LEU D 207 -7.70 -6.89 -32.52
CA LEU D 207 -7.68 -5.40 -32.52
C LEU D 207 -7.91 -4.91 -31.09
N GLN D 208 -8.84 -5.53 -30.36
CA GLN D 208 -9.13 -5.15 -28.97
C GLN D 208 -7.90 -5.36 -28.10
N SER D 209 -7.17 -6.44 -28.30
CA SER D 209 -5.94 -6.74 -27.54
C SER D 209 -4.88 -5.69 -27.83
N LEU D 210 -4.73 -5.28 -29.10
CA LEU D 210 -3.73 -4.24 -29.45
C LEU D 210 -4.08 -2.94 -28.74
N LEU D 211 -5.35 -2.56 -28.78
CA LEU D 211 -5.79 -1.27 -28.22
C LEU D 211 -5.68 -1.31 -26.69
N ASN D 212 -5.93 -2.45 -26.05
CA ASN D 212 -5.77 -2.57 -24.59
C ASN D 212 -4.31 -2.35 -24.20
N GLU D 213 -3.37 -2.91 -24.95
CA GLU D 213 -1.95 -2.68 -24.65
C GLU D 213 -1.59 -1.21 -24.86
N MET D 214 -2.04 -0.63 -25.95
CA MET D 214 -1.72 0.77 -26.23
C MET D 214 -2.31 1.63 -25.09
N ASN D 215 -3.53 1.34 -24.66
CA ASN D 215 -4.19 2.18 -23.63
C ASN D 215 -3.46 2.04 -22.28
N THR D 216 -2.91 0.87 -22.01
CA THR D 216 -2.08 0.71 -20.81
C THR D 216 -0.86 1.65 -20.90
N LEU D 217 -0.22 1.69 -22.04
CA LEU D 217 0.91 2.63 -22.24
C LEU D 217 0.42 4.07 -22.10
N ARG D 218 -0.76 4.38 -22.59
CA ARG D 218 -1.30 5.76 -22.45
C ARG D 218 -1.45 6.08 -20.95
N THR D 219 -1.99 5.15 -20.19
CA THR D 219 -2.18 5.38 -18.75
C THR D 219 -0.84 5.62 -18.07
N GLN D 220 0.18 4.84 -18.42
CA GLN D 220 1.52 5.02 -17.83
C GLN D 220 2.05 6.42 -18.16
N CYS D 221 1.90 6.85 -19.40
CA CYS D 221 2.35 8.20 -19.82
C CYS D 221 1.60 9.28 -19.05
N GLY D 222 0.30 9.09 -18.87
CA GLY D 222 -0.49 10.05 -18.11
C GLY D 222 -0.01 10.15 -16.67
N HIS D 223 0.32 9.01 -16.08
CA HIS D 223 0.83 8.99 -14.68
C HIS D 223 2.16 9.76 -14.63
N LEU D 224 3.01 9.56 -15.63
CA LEU D 224 4.30 10.28 -15.66
C LEU D 224 4.03 11.79 -15.70
N TYR D 225 3.13 12.20 -16.57
CA TYR D 225 2.78 13.63 -16.70
C TYR D 225 2.24 14.15 -15.37
N ALA D 226 1.41 13.37 -14.71
CA ALA D 226 0.79 13.78 -13.43
C ALA D 226 1.86 13.97 -12.38
N TYR D 227 2.79 13.04 -12.28
CA TYR D 227 3.87 13.14 -11.26
C TYR D 227 4.73 14.36 -11.59
N ASP D 228 4.99 14.64 -12.85
CA ASP D 228 5.78 15.83 -13.24
C ASP D 228 5.05 17.10 -12.84
N TRP D 229 3.74 17.10 -13.01
CA TRP D 229 2.92 18.31 -12.75
C TRP D 229 2.66 18.47 -11.25
N ILE D 230 2.08 17.48 -10.63
CA ILE D 230 1.64 17.57 -9.21
C ILE D 230 2.85 17.22 -8.38
N SER D 231 3.59 18.24 -7.99
CA SER D 231 4.77 18.08 -7.11
C SER D 231 4.32 17.67 -5.70
N ILE D 232 5.23 17.17 -4.89
CA ILE D 232 4.98 17.04 -3.44
C ILE D 232 4.67 18.44 -2.93
N PRO D 233 3.66 18.63 -2.08
CA PRO D 233 3.28 19.98 -1.67
C PRO D 233 4.49 20.79 -1.18
N LEU D 234 4.60 22.02 -1.66
CA LEU D 234 5.77 22.88 -1.37
C LEU D 234 5.85 23.12 0.14
N VAL D 235 4.72 23.18 0.82
CA VAL D 235 4.74 23.48 2.27
C VAL D 235 5.48 22.37 3.01
N TYR D 236 5.27 21.12 2.61
CA TYR D 236 5.89 19.95 3.27
C TYR D 236 7.40 19.99 3.05
N THR D 237 7.82 20.26 1.84
CA THR D 237 9.26 20.36 1.50
C THR D 237 9.89 21.50 2.29
N GLN D 238 9.23 22.65 2.34
CA GLN D 238 9.77 23.82 3.08
C GLN D 238 9.89 23.48 4.57
N VAL D 239 8.90 22.77 5.10
CA VAL D 239 8.93 22.39 6.53
C VAL D 239 10.16 21.52 6.80
N VAL D 240 10.37 20.51 6.00
CA VAL D 240 11.50 19.56 6.22
C VAL D 240 12.82 20.31 6.06
N THR D 241 12.91 21.15 5.04
CA THR D 241 14.15 21.91 4.78
C THR D 241 14.45 22.81 6.00
N VAL D 242 13.42 23.49 6.48
CA VAL D 242 13.62 24.43 7.61
C VAL D 242 14.04 23.63 8.85
N ALA D 243 13.45 22.47 9.07
CA ALA D 243 13.84 21.60 10.21
C ALA D 243 15.34 21.29 10.15
N VAL D 244 15.81 20.78 9.04
CA VAL D 244 17.22 20.35 8.93
C VAL D 244 18.14 21.58 9.06
N TYR D 245 17.82 22.67 8.37
CA TYR D 245 18.74 23.83 8.30
C TYR D 245 18.75 24.54 9.65
N SER D 246 17.60 24.59 10.33
CA SER D 246 17.53 25.22 11.67
C SER D 246 18.35 24.39 12.64
N PHE D 247 18.26 23.07 12.54
CA PHE D 247 19.05 22.18 13.41
C PHE D 247 20.53 22.47 13.28
N PHE D 248 21.02 22.58 12.07
CA PHE D 248 22.48 22.76 11.86
C PHE D 248 22.91 24.22 12.04
N LEU D 249 21.98 25.17 11.91
CA LEU D 249 22.34 26.57 12.26
C LEU D 249 22.44 26.71 13.78
N THR D 250 21.60 25.99 14.51
CA THR D 250 21.74 25.94 15.98
C THR D 250 23.04 25.24 16.33
N CYS D 251 23.37 24.15 15.65
CA CYS D 251 24.60 23.37 15.94
C CYS D 251 25.83 24.24 15.72
N LEU D 252 25.72 25.28 14.88
CA LEU D 252 26.89 26.15 14.64
C LEU D 252 27.35 26.80 15.96
N VAL D 253 26.41 27.15 16.82
CA VAL D 253 26.71 27.85 18.09
C VAL D 253 26.72 26.85 19.25
N GLY D 254 25.70 26.00 19.35
CA GLY D 254 25.51 25.11 20.50
C GLY D 254 26.55 24.02 20.59
N ARG D 255 27.23 23.71 19.49
CA ARG D 255 28.23 22.63 19.47
C ARG D 255 29.64 23.22 19.42
N GLN D 256 29.80 24.44 19.94
CA GLN D 256 31.15 25.03 20.07
C GLN D 256 31.80 24.46 21.34
N PHE D 257 33.09 24.22 21.26
CA PHE D 257 33.87 23.75 22.43
C PHE D 257 34.30 24.97 23.21
N LEU D 258 33.68 25.20 24.35
CA LEU D 258 33.97 26.41 25.16
C LEU D 258 35.33 26.26 25.84
N ASN D 259 35.76 27.33 26.50
CA ASN D 259 37.03 27.35 27.26
C ASN D 259 37.01 26.26 28.31
N PRO D 260 37.98 25.30 28.28
CA PRO D 260 38.02 24.25 29.28
C PRO D 260 38.28 24.76 30.71
N ALA D 261 38.86 25.97 30.84
CA ALA D 261 39.12 26.62 32.14
C ALA D 261 37.81 26.77 32.93
N LYS D 262 36.73 27.16 32.27
CA LYS D 262 35.45 27.44 32.94
C LYS D 262 34.84 26.14 33.47
N ALA D 263 35.19 24.99 32.90
CA ALA D 263 34.76 23.66 33.39
C ALA D 263 33.22 23.56 33.44
N TYR D 264 32.59 23.95 32.33
CA TYR D 264 31.13 23.77 32.17
C TYR D 264 30.80 22.29 32.20
N PRO D 265 29.62 21.93 32.75
CA PRO D 265 29.18 20.54 32.75
C PRO D 265 28.86 20.09 31.31
N GLY D 266 29.86 19.51 30.65
CA GLY D 266 29.71 18.91 29.31
C GLY D 266 30.76 19.42 28.34
N HIS D 267 31.55 20.42 28.75
CA HIS D 267 32.60 21.02 27.90
C HIS D 267 33.97 20.85 28.54
N GLU D 268 34.14 19.84 29.36
CA GLU D 268 35.42 19.64 30.10
C GLU D 268 36.49 19.16 29.12
N LEU D 269 36.10 18.39 28.11
CA LEU D 269 37.04 17.95 27.04
C LEU D 269 36.85 18.82 25.80
N ASP D 270 37.93 19.40 25.33
CA ASP D 270 37.94 20.24 24.13
C ASP D 270 38.63 19.45 23.04
N LEU D 271 37.88 19.08 22.00
CA LEU D 271 38.46 18.53 20.74
C LEU D 271 38.22 19.57 19.65
N VAL D 272 39.20 19.89 18.83
CA VAL D 272 39.04 21.00 17.85
C VAL D 272 37.97 20.62 16.82
N VAL D 273 37.91 19.36 16.44
CA VAL D 273 36.94 18.84 15.45
C VAL D 273 35.75 18.24 16.21
N PRO D 274 34.53 18.75 16.01
CA PRO D 274 33.35 18.09 16.55
C PRO D 274 32.96 16.84 15.75
N VAL D 275 33.39 15.69 16.24
CA VAL D 275 33.15 14.42 15.51
C VAL D 275 31.64 14.17 15.52
N PHE D 276 30.96 14.34 16.64
CA PHE D 276 29.54 13.93 16.72
C PHE D 276 28.67 14.88 15.91
N THR D 277 28.99 16.16 15.93
CA THR D 277 28.24 17.14 15.09
C THR D 277 28.44 16.80 13.62
N PHE D 278 29.64 16.44 13.21
CA PHE D 278 29.89 16.09 11.79
C PHE D 278 29.19 14.79 11.44
N LEU D 279 29.14 13.83 12.35
CA LEU D 279 28.41 12.56 12.10
C LEU D 279 26.93 12.89 11.94
N GLN D 280 26.39 13.73 12.81
CA GLN D 280 24.96 14.11 12.74
C GLN D 280 24.73 14.83 11.41
N PHE D 281 25.65 15.68 10.98
CA PHE D 281 25.55 16.40 9.70
C PHE D 281 25.45 15.40 8.57
N PHE D 282 26.39 14.46 8.54
CA PHE D 282 26.39 13.39 7.51
C PHE D 282 25.04 12.69 7.50
N PHE D 283 24.60 12.22 8.64
CA PHE D 283 23.35 11.42 8.73
C PHE D 283 22.15 12.27 8.28
N TYR D 284 21.87 13.38 8.92
CA TYR D 284 20.63 14.15 8.65
C TYR D 284 20.65 14.82 7.27
N VAL D 285 21.77 15.41 6.88
CA VAL D 285 21.82 16.10 5.57
C VAL D 285 21.83 15.01 4.46
N GLY D 286 22.42 13.85 4.68
CA GLY D 286 22.34 12.77 3.70
C GLY D 286 20.92 12.26 3.58
N TRP D 287 20.23 12.16 4.70
CA TRP D 287 18.82 11.72 4.68
C TRP D 287 18.01 12.72 3.86
N LEU D 288 18.28 14.01 4.01
CA LEU D 288 17.58 15.05 3.22
C LEU D 288 18.03 14.95 1.77
N LYS D 289 19.28 14.65 1.50
CA LYS D 289 19.80 14.57 0.11
C LYS D 289 19.20 13.37 -0.62
N VAL D 290 18.83 12.33 0.10
CA VAL D 290 18.06 11.20 -0.50
C VAL D 290 16.81 11.81 -1.13
N ALA D 291 16.05 12.60 -0.40
CA ALA D 291 14.81 13.23 -0.90
C ALA D 291 15.18 14.22 -2.01
N GLU D 292 16.24 14.98 -1.82
CA GLU D 292 16.62 16.02 -2.81
C GLU D 292 16.88 15.34 -4.15
N GLN D 293 17.58 14.22 -4.15
CA GLN D 293 17.92 13.51 -5.40
C GLN D 293 16.69 12.79 -5.95
N LEU D 294 15.87 12.20 -5.09
CA LEU D 294 14.77 11.33 -5.53
C LEU D 294 13.49 12.12 -5.80
N ILE D 295 13.42 13.39 -5.44
CA ILE D 295 12.13 14.15 -5.57
C ILE D 295 11.77 14.26 -7.06
N ASN D 296 12.76 14.42 -7.93
CA ASN D 296 12.55 14.43 -9.40
C ASN D 296 13.51 13.41 -9.98
N PRO D 297 13.07 12.17 -10.22
CA PRO D 297 13.99 11.12 -10.65
C PRO D 297 14.35 11.16 -12.12
N PHE D 298 13.95 12.22 -12.83
CA PHE D 298 14.17 12.36 -14.29
C PHE D 298 15.14 13.50 -14.54
N GLY D 299 15.88 13.94 -13.53
CA GLY D 299 16.93 14.95 -13.73
C GLY D 299 18.19 14.32 -14.28
N GLU D 300 19.34 14.80 -13.85
CA GLU D 300 20.65 14.34 -14.32
C GLU D 300 21.51 13.91 -13.13
N ASP D 301 20.90 13.59 -12.00
CA ASP D 301 21.66 13.02 -10.87
C ASP D 301 22.22 11.66 -11.24
N ASP D 302 23.20 11.19 -10.48
CA ASP D 302 23.78 9.86 -10.72
C ASP D 302 22.73 8.77 -10.49
N ASP D 303 21.88 8.94 -9.50
CA ASP D 303 20.87 7.91 -9.16
C ASP D 303 19.56 8.16 -9.89
N ASP D 304 19.49 9.14 -10.80
CA ASP D 304 18.26 9.36 -11.58
C ASP D 304 18.13 8.31 -12.68
N PHE D 305 16.93 8.14 -13.21
CA PHE D 305 16.66 7.13 -14.24
C PHE D 305 17.42 7.44 -15.53
N GLU D 306 17.85 6.39 -16.20
CA GLU D 306 18.53 6.50 -17.50
C GLU D 306 17.45 6.51 -18.58
N THR D 307 16.80 7.64 -18.75
CA THR D 307 15.69 7.77 -19.72
C THR D 307 16.20 7.70 -21.15
N ASN D 308 17.36 8.25 -21.45
CA ASN D 308 17.86 8.22 -22.85
C ASN D 308 18.14 6.77 -23.25
N TRP D 309 18.71 6.01 -22.35
CA TRP D 309 18.99 4.58 -22.65
C TRP D 309 17.67 3.88 -22.92
N ILE D 310 16.67 4.13 -22.10
CA ILE D 310 15.36 3.45 -22.25
C ILE D 310 14.77 3.83 -23.62
N VAL D 311 14.84 5.08 -23.99
CA VAL D 311 14.33 5.55 -25.30
C VAL D 311 15.03 4.78 -26.43
N ASP D 312 16.35 4.72 -26.42
CA ASP D 312 17.11 4.03 -27.48
C ASP D 312 16.77 2.54 -27.49
N ARG D 313 16.77 1.90 -26.33
CA ARG D 313 16.55 0.44 -26.28
C ARG D 313 15.15 0.14 -26.80
N ASN D 314 14.16 0.93 -26.40
CA ASN D 314 12.77 0.64 -26.77
C ASN D 314 12.66 0.69 -28.30
N LEU D 315 13.24 1.70 -28.92
CA LEU D 315 13.15 1.83 -30.39
C LEU D 315 13.84 0.62 -31.06
N GLN D 316 15.05 0.30 -30.64
CA GLN D 316 15.85 -0.80 -31.25
C GLN D 316 15.07 -2.11 -31.13
N VAL D 317 14.58 -2.39 -29.93
CA VAL D 317 13.94 -3.68 -29.62
C VAL D 317 12.60 -3.74 -30.33
N SER D 318 11.78 -2.71 -30.23
CA SER D 318 10.42 -2.71 -30.79
C SER D 318 10.47 -2.84 -32.31
N LEU D 319 11.34 -2.09 -32.95
CA LEU D 319 11.45 -2.17 -34.43
C LEU D 319 11.94 -3.57 -34.82
N LEU D 320 12.89 -4.13 -34.10
CA LEU D 320 13.39 -5.50 -34.42
C LEU D 320 12.27 -6.50 -34.24
N ALA D 321 11.49 -6.36 -33.20
CA ALA D 321 10.45 -7.35 -32.84
C ALA D 321 9.35 -7.34 -33.92
N VAL D 322 8.99 -6.16 -34.41
CA VAL D 322 7.83 -6.07 -35.33
C VAL D 322 8.28 -6.22 -36.76
N ASP D 323 9.54 -6.06 -37.10
CA ASP D 323 9.99 -6.05 -38.51
C ASP D 323 10.76 -7.32 -38.84
N GLU D 324 11.86 -7.59 -38.16
CA GLU D 324 12.73 -8.74 -38.52
C GLU D 324 12.23 -10.03 -37.88
N MET D 325 11.54 -9.94 -36.75
CA MET D 325 11.14 -11.15 -35.98
C MET D 325 9.70 -11.53 -36.28
N HIS D 326 9.03 -10.89 -37.22
CA HIS D 326 7.62 -11.24 -37.52
C HIS D 326 7.59 -12.52 -38.33
N GLN D 327 6.95 -13.56 -37.78
CA GLN D 327 6.81 -14.88 -38.41
C GLN D 327 8.18 -15.43 -38.78
N ASP D 328 9.19 -15.07 -38.02
CA ASP D 328 10.56 -15.61 -38.18
C ASP D 328 10.86 -16.43 -36.94
N LEU D 329 10.49 -17.70 -36.97
CA LEU D 329 10.58 -18.57 -35.77
C LEU D 329 11.71 -19.56 -35.96
N PRO D 330 12.37 -19.95 -34.88
CA PRO D 330 13.33 -21.05 -34.94
C PRO D 330 12.62 -22.38 -35.25
N ARG D 331 13.36 -23.28 -35.88
CA ARG D 331 12.83 -24.59 -36.31
C ARG D 331 12.26 -25.30 -35.10
N MET D 332 11.03 -25.78 -35.22
CA MET D 332 10.32 -26.44 -34.11
C MET D 332 10.63 -27.94 -34.19
N GLU D 333 11.47 -28.40 -33.28
CA GLU D 333 11.94 -29.80 -33.26
C GLU D 333 11.78 -30.33 -31.85
N PRO D 334 11.66 -31.66 -31.67
CA PRO D 334 11.59 -32.24 -30.34
C PRO D 334 12.79 -31.82 -29.49
N ASP D 335 12.51 -31.56 -28.23
CA ASP D 335 13.50 -31.05 -27.26
C ASP D 335 14.26 -32.22 -26.66
N MET D 336 15.14 -31.89 -25.72
CA MET D 336 16.05 -32.84 -25.07
C MET D 336 15.23 -33.85 -24.24
N TYR D 337 14.10 -33.42 -23.69
CA TYR D 337 13.28 -34.26 -22.80
C TYR D 337 12.04 -34.74 -23.54
N TRP D 338 12.17 -35.12 -24.80
CA TRP D 338 10.97 -35.43 -25.61
C TRP D 338 10.24 -36.63 -25.02
N ASN D 339 10.94 -37.67 -24.60
CA ASN D 339 10.29 -38.84 -23.97
C ASN D 339 10.82 -39.06 -22.56
N LYS D 340 11.14 -37.97 -21.86
CA LYS D 340 11.57 -38.02 -20.45
C LYS D 340 10.43 -37.56 -19.55
N PRO D 341 9.77 -38.45 -18.81
CA PRO D 341 8.61 -38.04 -18.01
C PRO D 341 8.94 -37.00 -16.92
N GLU D 342 10.14 -37.07 -16.36
CA GLU D 342 10.60 -36.15 -15.29
C GLU D 342 11.95 -35.60 -15.70
N PRO D 343 11.97 -34.49 -16.47
CA PRO D 343 13.23 -33.86 -16.85
C PRO D 343 14.01 -33.39 -15.62
N GLN D 344 15.34 -33.50 -15.68
CA GLN D 344 16.24 -33.07 -14.59
C GLN D 344 17.45 -32.39 -15.23
N PRO D 345 17.38 -31.08 -15.50
CA PRO D 345 18.52 -30.36 -16.04
C PRO D 345 19.72 -30.45 -15.12
N PRO D 346 20.93 -30.55 -15.69
CA PRO D 346 22.12 -30.72 -14.86
C PRO D 346 22.51 -29.44 -14.11
N TYR D 347 23.31 -29.64 -13.08
CA TYR D 347 23.91 -28.56 -12.28
C TYR D 347 25.41 -28.54 -12.55
N THR D 348 25.98 -27.35 -12.59
CA THR D 348 27.45 -27.18 -12.70
C THR D 348 28.08 -27.46 -11.34
N ALA D 349 29.40 -27.53 -11.31
CA ALA D 349 30.16 -27.73 -10.07
C ALA D 349 29.92 -26.54 -9.13
N ALA D 350 29.89 -25.32 -9.68
CA ALA D 350 29.69 -24.07 -8.91
C ALA D 350 28.28 -24.03 -8.30
N SER D 351 27.32 -24.68 -8.93
CA SER D 351 25.89 -24.54 -8.55
C SER D 351 25.34 -25.84 -7.95
N ALA D 352 26.16 -26.84 -7.70
CA ALA D 352 25.66 -28.15 -7.21
C ALA D 352 25.07 -27.98 -5.81
N GLN D 353 25.55 -27.04 -5.02
CA GLN D 353 25.05 -26.86 -3.64
C GLN D 353 23.65 -26.25 -3.62
N PHE D 354 23.15 -25.71 -4.73
CA PHE D 354 21.81 -25.07 -4.77
C PHE D 354 20.73 -26.06 -5.12
N ARG D 355 21.06 -27.33 -5.34
CA ARG D 355 20.04 -28.35 -5.61
C ARG D 355 19.30 -28.65 -4.31
N ARG D 356 17.99 -28.42 -4.31
CA ARG D 356 17.17 -28.54 -3.10
C ARG D 356 16.03 -29.52 -3.34
N ALA D 357 15.58 -30.18 -2.29
CA ALA D 357 14.30 -30.91 -2.34
C ALA D 357 13.16 -29.91 -2.31
N SER D 358 12.04 -30.25 -2.94
CA SER D 358 10.84 -29.39 -2.99
C SER D 358 10.27 -29.19 -1.59
N PHE D 359 9.78 -27.98 -1.33
CA PHE D 359 8.98 -27.68 -0.13
C PHE D 359 7.55 -28.21 -0.35
N MET D 360 7.13 -29.13 0.49
CA MET D 360 5.83 -29.81 0.28
C MET D 360 4.73 -29.25 1.17
N GLY D 361 4.97 -28.11 1.82
CA GLY D 361 4.00 -27.51 2.75
C GLY D 361 4.39 -27.68 4.20
N SER D 362 3.94 -26.74 5.02
CA SER D 362 4.28 -26.69 6.45
C SER D 362 3.64 -27.84 7.21
N THR D 363 2.61 -28.49 6.67
CA THR D 363 1.93 -29.57 7.40
C THR D 363 2.49 -30.93 7.06
N PHE D 364 3.54 -31.00 6.24
CA PHE D 364 4.02 -32.28 5.70
C PHE D 364 4.52 -33.18 6.84
N ASN D 365 5.19 -32.61 7.83
CA ASN D 365 5.94 -33.39 8.84
C ASN D 365 5.12 -33.58 10.12
N ILE D 366 3.84 -33.19 10.12
CA ILE D 366 2.99 -33.38 11.33
C ILE D 366 2.70 -34.87 11.49
N SER D 367 2.94 -35.39 12.68
CA SER D 367 2.76 -36.83 12.98
C SER D 367 1.48 -37.05 13.79
N LEU D 368 0.69 -38.04 13.40
CA LEU D 368 -0.54 -38.41 14.13
C LEU D 368 -0.53 -39.91 14.45
N ASN D 369 -1.24 -40.29 15.49
CA ASN D 369 -1.52 -41.70 15.85
C ASN D 369 -2.53 -42.29 14.88
N LYS D 370 -2.66 -43.61 14.91
CA LYS D 370 -3.68 -44.33 14.10
C LYS D 370 -5.07 -43.88 14.55
N GLU D 371 -5.28 -43.73 15.86
CA GLU D 371 -6.60 -43.32 16.40
C GLU D 371 -6.91 -41.86 16.00
N GLU D 372 -5.89 -41.02 15.92
CA GLU D 372 -6.08 -39.58 15.59
C GLU D 372 -6.49 -39.43 14.12
N MET D 373 -6.19 -40.42 13.29
CA MET D 373 -6.40 -40.33 11.82
C MET D 373 -7.69 -41.03 11.42
N GLU D 374 -8.47 -41.54 12.36
CA GLU D 374 -9.70 -42.31 12.02
C GLU D 374 -10.84 -41.33 11.87
N PHE D 375 -11.59 -41.42 10.77
CA PHE D 375 -12.81 -40.60 10.61
C PHE D 375 -13.87 -41.02 11.63
N GLN D 376 -14.54 -40.03 12.20
CA GLN D 376 -15.58 -40.26 13.21
C GLN D 376 -16.95 -40.06 12.58
N PRO D 377 -17.98 -40.79 13.05
CA PRO D 377 -19.36 -40.54 12.63
C PRO D 377 -19.95 -39.25 13.23
N THR E 2 -22.37 9.43 8.90
CA THR E 2 -21.22 10.14 8.28
C THR E 2 -21.38 11.65 8.50
N ILE E 3 -20.40 12.24 9.15
CA ILE E 3 -20.35 13.70 9.36
C ILE E 3 -19.44 14.24 8.26
N THR E 4 -19.98 15.07 7.39
CA THR E 4 -19.19 15.61 6.27
C THR E 4 -18.85 17.06 6.57
N TYR E 5 -17.56 17.38 6.60
CA TYR E 5 -17.09 18.76 6.80
C TYR E 5 -16.12 19.16 5.69
N THR E 6 -16.22 18.52 4.53
CA THR E 6 -15.37 18.83 3.37
C THR E 6 -15.52 20.29 2.96
N SER E 7 -16.74 20.83 2.96
CA SER E 7 -16.99 22.21 2.55
C SER E 7 -16.26 23.18 3.48
N GLN E 8 -16.22 22.86 4.77
CA GLN E 8 -15.65 23.78 5.78
C GLN E 8 -14.13 23.83 5.63
N VAL E 9 -13.52 22.76 5.16
CA VAL E 9 -12.04 22.69 5.10
C VAL E 9 -11.56 22.75 3.65
N ALA E 10 -12.32 23.36 2.74
CA ALA E 10 -11.92 23.47 1.33
C ALA E 10 -10.61 24.26 1.19
N ASN E 11 -10.48 25.37 1.93
CA ASN E 11 -9.24 26.19 1.89
C ASN E 11 -8.61 26.19 3.27
N ALA E 12 -7.30 26.35 3.33
CA ALA E 12 -6.54 26.44 4.58
C ALA E 12 -6.61 27.90 5.05
N ARG E 13 -7.76 28.27 5.56
CA ARG E 13 -8.01 29.59 6.16
C ARG E 13 -7.44 29.66 7.58
N LEU E 14 -7.49 30.85 8.16
CA LEU E 14 -6.97 31.14 9.53
C LEU E 14 -7.76 30.31 10.54
N GLY E 15 -7.06 29.46 11.26
CA GLY E 15 -7.68 28.58 12.28
C GLY E 15 -8.74 27.69 11.67
N SER E 16 -8.43 27.04 10.54
CA SER E 16 -9.41 26.24 9.77
C SER E 16 -9.83 25.04 10.60
N PHE E 17 -8.87 24.36 11.17
CA PHE E 17 -9.15 23.15 11.99
C PHE E 17 -9.66 23.54 13.36
N SER E 18 -9.38 24.74 13.83
CA SER E 18 -9.83 25.21 15.16
C SER E 18 -11.36 25.39 15.15
N ARG E 19 -11.93 25.82 14.03
CA ARG E 19 -13.39 26.03 13.97
C ARG E 19 -14.12 24.69 14.03
N LEU E 20 -13.48 23.58 13.73
CA LEU E 20 -14.12 22.26 13.84
C LEU E 20 -14.23 21.83 15.30
N LEU E 21 -13.56 22.50 16.23
CA LEU E 21 -13.69 22.15 17.67
C LEU E 21 -15.03 22.61 18.22
N LEU E 22 -15.80 23.39 17.49
CA LEU E 22 -17.14 23.85 17.94
C LEU E 22 -18.24 22.97 17.36
N CYS E 23 -17.95 21.71 17.07
CA CYS E 23 -18.93 20.75 16.50
C CYS E 23 -19.29 19.73 17.57
N TRP E 24 -20.53 19.32 17.65
CA TRP E 24 -20.98 18.32 18.63
C TRP E 24 -21.18 16.95 17.98
N ARG E 25 -21.87 16.90 16.85
CA ARG E 25 -22.19 15.61 16.20
C ARG E 25 -20.91 15.01 15.65
N GLY E 26 -20.67 13.75 15.99
CA GLY E 26 -19.45 12.99 15.61
C GLY E 26 -18.19 13.68 16.06
N SER E 27 -18.21 14.26 17.25
CA SER E 27 -17.06 14.99 17.82
C SER E 27 -16.41 14.16 18.93
N ILE E 28 -15.26 14.63 19.38
CA ILE E 28 -14.53 13.99 20.50
C ILE E 28 -15.31 14.12 21.80
N TYR E 29 -15.94 15.27 22.03
CA TYR E 29 -16.69 15.53 23.29
C TYR E 29 -17.83 14.51 23.40
N LYS E 30 -18.59 14.35 22.33
CA LYS E 30 -19.74 13.42 22.33
C LYS E 30 -19.24 12.00 22.55
N LEU E 31 -18.04 11.71 22.08
CA LEU E 31 -17.52 10.32 22.15
C LEU E 31 -17.05 10.01 23.57
N LEU E 32 -16.41 10.95 24.25
CA LEU E 32 -15.74 10.61 25.53
C LEU E 32 -16.27 11.41 26.72
N TYR E 33 -17.43 12.04 26.65
CA TYR E 33 -17.93 12.83 27.81
C TYR E 33 -18.24 11.89 28.98
N GLY E 34 -18.80 10.72 28.74
CA GLY E 34 -19.06 9.76 29.83
C GLY E 34 -17.81 9.31 30.55
N GLU E 35 -16.81 8.93 29.79
CA GLU E 35 -15.51 8.48 30.37
C GLU E 35 -14.87 9.67 31.09
N PHE E 36 -14.96 10.87 30.54
CA PHE E 36 -14.38 12.06 31.17
C PHE E 36 -15.09 12.33 32.50
N LEU E 37 -16.41 12.19 32.54
CA LEU E 37 -17.15 12.43 33.80
C LEU E 37 -16.75 11.40 34.83
N ILE E 38 -16.61 10.15 34.44
CA ILE E 38 -16.19 9.10 35.41
C ILE E 38 -14.78 9.43 35.92
N PHE E 39 -13.87 9.81 35.04
CA PHE E 39 -12.49 10.12 35.42
C PHE E 39 -12.47 11.32 36.36
N LEU E 40 -13.26 12.34 36.07
CA LEU E 40 -13.32 13.57 36.92
C LEU E 40 -13.84 13.19 38.29
N LEU E 41 -14.91 12.40 38.34
CA LEU E 41 -15.52 12.00 39.63
C LEU E 41 -14.49 11.22 40.44
N CYS E 42 -13.80 10.27 39.84
CA CYS E 42 -12.80 9.45 40.55
C CYS E 42 -11.66 10.35 41.03
N TYR E 43 -11.19 11.25 40.19
CA TYR E 43 -10.05 12.13 40.54
C TYR E 43 -10.38 12.96 41.77
N TYR E 44 -11.58 13.54 41.77
CA TYR E 44 -11.97 14.41 42.90
C TYR E 44 -12.35 13.59 44.12
N ILE E 45 -12.76 12.34 43.95
CA ILE E 45 -13.00 11.45 45.11
C ILE E 45 -11.65 11.18 45.75
N ILE E 46 -10.63 10.80 44.97
CA ILE E 46 -9.33 10.47 45.59
C ILE E 46 -8.75 11.73 46.21
N ARG E 47 -8.93 12.90 45.59
CA ARG E 47 -8.38 14.15 46.16
C ARG E 47 -9.02 14.40 47.53
N PHE E 48 -10.33 14.28 47.63
CA PHE E 48 -11.05 14.54 48.91
C PHE E 48 -10.71 13.48 49.93
N ILE E 49 -10.54 12.24 49.53
CA ILE E 49 -10.11 11.16 50.47
C ILE E 49 -8.74 11.54 51.04
N TYR E 50 -7.81 11.94 50.19
CA TYR E 50 -6.43 12.25 50.63
C TYR E 50 -6.43 13.48 51.54
N ARG E 51 -7.22 14.49 51.23
CA ARG E 51 -7.13 15.76 51.98
C ARG E 51 -7.97 15.69 53.24
N LEU E 52 -9.08 14.97 53.26
CA LEU E 52 -10.05 15.06 54.38
C LEU E 52 -10.25 13.71 55.08
N ALA E 53 -9.64 12.60 54.66
CA ALA E 53 -9.93 11.28 55.25
C ALA E 53 -8.65 10.45 55.42
N LEU E 54 -7.49 11.07 55.48
CA LEU E 54 -6.21 10.38 55.72
C LEU E 54 -5.49 11.06 56.88
N THR E 55 -4.83 10.27 57.70
CA THR E 55 -3.99 10.75 58.81
C THR E 55 -2.65 11.22 58.25
N GLU E 56 -1.81 11.74 59.13
CA GLU E 56 -0.49 12.28 58.73
C GLU E 56 0.35 11.18 58.08
N GLU E 57 0.48 10.03 58.71
CA GLU E 57 1.31 8.92 58.17
C GLU E 57 0.68 8.45 56.85
N GLN E 58 -0.63 8.35 56.81
CA GLN E 58 -1.34 7.91 55.58
C GLN E 58 -1.15 8.97 54.50
N GLN E 59 -1.18 10.25 54.88
CA GLN E 59 -0.95 11.33 53.90
C GLN E 59 0.47 11.25 53.35
N LEU E 60 1.44 10.94 54.20
CA LEU E 60 2.85 10.84 53.75
C LEU E 60 2.98 9.65 52.79
N MET E 61 2.34 8.54 53.12
CA MET E 61 2.38 7.34 52.23
C MET E 61 1.75 7.70 50.88
N PHE E 62 0.61 8.39 50.90
CA PHE E 62 -0.09 8.77 49.66
C PHE E 62 0.81 9.70 48.83
N GLU E 63 1.52 10.61 49.49
CA GLU E 63 2.39 11.57 48.76
C GLU E 63 3.53 10.80 48.11
N LYS E 64 4.10 9.82 48.82
CA LYS E 64 5.19 8.99 48.22
C LYS E 64 4.62 8.24 47.01
N LEU E 65 3.41 7.68 47.16
CA LEU E 65 2.79 6.92 46.05
C LEU E 65 2.56 7.85 44.86
N THR E 66 2.11 9.08 45.10
CA THR E 66 1.87 10.05 44.02
C THR E 66 3.17 10.38 43.31
N LEU E 67 4.23 10.63 44.06
CA LEU E 67 5.53 10.96 43.43
C LEU E 67 5.99 9.76 42.61
N TYR E 68 5.78 8.54 43.11
CA TYR E 68 6.25 7.32 42.42
C TYR E 68 5.48 7.13 41.12
N CYS E 69 4.17 7.35 41.18
CA CYS E 69 3.31 7.21 39.97
C CYS E 69 3.70 8.27 38.95
N ASP E 70 3.93 9.50 39.39
CA ASP E 70 4.18 10.61 38.45
C ASP E 70 5.53 10.38 37.77
N SER E 71 6.51 9.88 38.53
CA SER E 71 7.89 9.73 38.00
C SER E 71 7.96 8.57 37.01
N TYR E 72 7.06 7.61 37.08
CA TYR E 72 7.16 6.35 36.31
C TYR E 72 5.98 6.19 35.35
N ILE E 73 5.23 7.25 35.09
CA ILE E 73 4.06 7.10 34.17
C ILE E 73 4.56 7.09 32.72
N GLN E 74 5.78 7.57 32.46
CA GLN E 74 6.37 7.58 31.11
C GLN E 74 6.64 6.16 30.63
N LEU E 75 6.63 5.17 31.52
CA LEU E 75 6.93 3.77 31.14
C LEU E 75 5.81 3.16 30.28
N ILE E 76 4.60 3.74 30.28
CA ILE E 76 3.49 3.26 29.43
C ILE E 76 3.71 3.76 28.01
N PRO E 77 3.92 2.87 27.01
CA PRO E 77 4.19 3.29 25.63
C PRO E 77 2.90 3.61 24.84
N ILE E 78 2.09 4.50 25.37
CA ILE E 78 0.71 4.73 24.89
C ILE E 78 0.73 5.27 23.46
N SER E 79 1.64 6.18 23.14
CA SER E 79 1.61 6.87 21.82
C SER E 79 1.98 5.88 20.71
N PHE E 80 2.95 4.99 20.94
CA PHE E 80 3.37 3.99 19.94
C PHE E 80 2.24 3.01 19.66
N VAL E 81 1.67 2.45 20.71
CA VAL E 81 0.63 1.41 20.51
C VAL E 81 -0.60 2.07 19.85
N LEU E 82 -0.91 3.30 20.25
CA LEU E 82 -2.10 4.00 19.73
C LEU E 82 -1.86 4.30 18.26
N GLY E 83 -0.69 4.78 17.90
CA GLY E 83 -0.41 5.18 16.51
C GLY E 83 -0.55 4.02 15.55
N PHE E 84 0.11 2.94 15.90
CA PHE E 84 0.16 1.75 15.01
C PHE E 84 -1.22 1.09 14.98
N TYR E 85 -1.98 1.06 16.06
CA TYR E 85 -3.33 0.46 16.05
C TYR E 85 -4.28 1.34 15.23
N VAL E 86 -4.25 2.63 15.43
CA VAL E 86 -5.26 3.52 14.83
C VAL E 86 -5.00 3.57 13.34
N THR E 87 -3.74 3.54 12.92
CA THR E 87 -3.43 3.47 11.48
C THR E 87 -4.08 2.23 10.84
N LEU E 88 -3.95 1.09 11.46
CA LEU E 88 -4.55 -0.17 10.97
C LEU E 88 -6.07 -0.02 10.93
N VAL E 89 -6.65 0.54 11.97
CA VAL E 89 -8.13 0.67 12.03
C VAL E 89 -8.59 1.58 10.87
N VAL E 90 -7.90 2.69 10.64
CA VAL E 90 -8.33 3.65 9.60
C VAL E 90 -8.15 3.02 8.21
N THR E 91 -7.08 2.28 8.02
CA THR E 91 -6.85 1.55 6.74
C THR E 91 -8.03 0.60 6.49
N ARG E 92 -8.39 -0.18 7.50
CA ARG E 92 -9.47 -1.16 7.34
C ARG E 92 -10.78 -0.43 7.10
N TRP E 93 -10.96 0.73 7.72
CA TRP E 93 -12.21 1.52 7.59
C TRP E 93 -12.39 1.97 6.15
N TRP E 94 -11.34 2.50 5.56
CA TRP E 94 -11.45 2.94 4.14
C TRP E 94 -11.58 1.73 3.20
N ASN E 95 -10.89 0.64 3.50
CA ASN E 95 -11.05 -0.59 2.68
C ASN E 95 -12.50 -1.08 2.76
N GLN E 96 -13.09 -1.00 3.93
CA GLN E 96 -14.49 -1.43 4.11
C GLN E 96 -15.39 -0.54 3.30
N TYR E 97 -15.11 0.73 3.23
CA TYR E 97 -15.96 1.62 2.41
C TYR E 97 -15.78 1.25 0.95
N GLU E 98 -14.56 0.99 0.52
CA GLU E 98 -14.30 0.71 -0.91
C GLU E 98 -15.01 -0.58 -1.36
N ASN E 99 -15.46 -1.41 -0.43
CA ASN E 99 -16.15 -2.67 -0.77
C ASN E 99 -17.66 -2.52 -0.67
N LEU E 100 -18.16 -1.32 -0.47
CA LEU E 100 -19.63 -1.08 -0.53
C LEU E 100 -20.05 -1.18 -1.99
N PRO E 101 -20.99 -2.08 -2.32
CA PRO E 101 -21.34 -2.31 -3.72
C PRO E 101 -22.24 -1.21 -4.28
N TRP E 102 -21.90 -0.70 -5.45
CA TRP E 102 -22.70 0.28 -6.22
C TRP E 102 -23.07 -0.38 -7.53
N PRO E 103 -24.36 -0.45 -7.90
CA PRO E 103 -24.77 -1.07 -9.15
C PRO E 103 -24.63 -0.21 -10.43
N ASP E 104 -23.85 0.87 -10.39
CA ASP E 104 -23.90 1.87 -11.47
C ASP E 104 -23.32 1.34 -12.79
N ARG E 105 -22.21 0.63 -12.72
CA ARG E 105 -21.64 -0.02 -13.93
C ARG E 105 -22.59 -1.11 -14.43
N LEU E 106 -23.07 -1.92 -13.50
CA LEU E 106 -23.97 -3.02 -13.88
C LEU E 106 -25.26 -2.43 -14.40
N MET E 107 -25.75 -1.36 -13.81
CA MET E 107 -27.07 -0.82 -14.21
C MET E 107 -26.94 -0.22 -15.60
N SER E 108 -25.82 0.39 -15.93
CA SER E 108 -25.60 0.93 -17.30
C SER E 108 -25.57 -0.24 -18.29
N LEU E 109 -24.87 -1.31 -17.97
CA LEU E 109 -24.80 -2.49 -18.89
C LEU E 109 -26.17 -3.14 -19.04
N VAL E 110 -26.95 -3.25 -17.97
CA VAL E 110 -28.29 -3.88 -18.07
C VAL E 110 -29.21 -2.96 -18.88
N SER E 111 -29.13 -1.66 -18.67
CA SER E 111 -29.93 -0.69 -19.44
C SER E 111 -29.60 -0.81 -20.94
N GLY E 112 -28.33 -0.91 -21.28
CA GLY E 112 -27.92 -0.97 -22.69
C GLY E 112 -28.25 -2.30 -23.33
N PHE E 113 -27.73 -3.37 -22.75
CA PHE E 113 -27.61 -4.69 -23.41
C PHE E 113 -28.94 -5.41 -23.48
N VAL E 114 -29.69 -5.48 -22.39
CA VAL E 114 -30.95 -6.25 -22.37
C VAL E 114 -31.99 -5.51 -23.17
N GLU E 115 -32.36 -6.05 -24.32
CA GLU E 115 -33.22 -5.33 -25.28
C GLU E 115 -34.69 -5.59 -25.01
N GLY E 116 -35.53 -4.72 -25.53
CA GLY E 116 -36.99 -4.87 -25.40
C GLY E 116 -37.63 -3.74 -24.64
N LYS E 117 -38.47 -2.96 -25.32
CA LYS E 117 -39.28 -1.91 -24.64
C LYS E 117 -40.65 -2.44 -24.26
N ASP E 118 -40.92 -3.71 -24.47
CA ASP E 118 -42.22 -4.31 -24.07
C ASP E 118 -42.20 -4.68 -22.59
N GLU E 119 -43.27 -5.30 -22.13
CA GLU E 119 -43.40 -5.70 -20.70
C GLU E 119 -42.33 -6.74 -20.35
N GLN E 120 -42.06 -7.67 -21.24
CA GLN E 120 -41.10 -8.77 -20.93
C GLN E 120 -39.70 -8.20 -20.77
N GLY E 121 -39.32 -7.25 -21.61
CA GLY E 121 -38.01 -6.60 -21.47
C GLY E 121 -37.92 -5.83 -20.17
N ARG E 122 -38.98 -5.13 -19.81
CA ARG E 122 -38.96 -4.30 -18.58
C ARG E 122 -38.82 -5.23 -17.40
N LEU E 123 -39.53 -6.34 -17.39
CA LEU E 123 -39.50 -7.29 -16.26
C LEU E 123 -38.09 -7.88 -16.20
N LEU E 124 -37.54 -8.24 -17.36
CA LEU E 124 -36.21 -8.89 -17.34
C LEU E 124 -35.15 -7.93 -16.79
N ARG E 125 -35.15 -6.69 -17.25
CA ARG E 125 -34.16 -5.69 -16.79
C ARG E 125 -34.39 -5.42 -15.31
N ARG E 126 -35.62 -5.22 -14.90
CA ARG E 126 -35.91 -4.89 -13.50
C ARG E 126 -35.49 -6.07 -12.63
N THR E 127 -35.74 -7.30 -13.09
CA THR E 127 -35.43 -8.49 -12.28
C THR E 127 -33.92 -8.62 -12.11
N LEU E 128 -33.16 -8.39 -13.16
CA LEU E 128 -31.69 -8.52 -13.05
C LEU E 128 -31.17 -7.47 -12.07
N ILE E 129 -31.58 -6.22 -12.23
CA ILE E 129 -31.05 -5.16 -11.34
C ILE E 129 -31.57 -5.38 -9.92
N ARG E 130 -32.76 -5.95 -9.77
CA ARG E 130 -33.30 -6.25 -8.44
C ARG E 130 -32.47 -7.38 -7.80
N TYR E 131 -32.01 -8.34 -8.57
CA TYR E 131 -31.16 -9.40 -8.01
C TYR E 131 -29.87 -8.79 -7.48
N ALA E 132 -29.31 -7.84 -8.21
CA ALA E 132 -28.09 -7.14 -7.75
C ALA E 132 -28.38 -6.42 -6.42
N ASN E 133 -29.46 -5.68 -6.38
CA ASN E 133 -29.83 -4.93 -5.16
C ASN E 133 -30.15 -5.90 -4.00
N LEU E 134 -30.75 -7.04 -4.30
CA LEU E 134 -31.11 -8.03 -3.26
C LEU E 134 -29.84 -8.60 -2.66
N GLY E 135 -28.86 -8.93 -3.49
CA GLY E 135 -27.59 -9.44 -2.97
C GLY E 135 -26.94 -8.42 -2.06
N ASN E 136 -26.93 -7.17 -2.50
CA ASN E 136 -26.28 -6.10 -1.72
C ASN E 136 -27.01 -5.98 -0.38
N VAL E 137 -28.34 -5.92 -0.38
CA VAL E 137 -29.08 -5.68 0.88
C VAL E 137 -28.93 -6.90 1.81
N LEU E 138 -28.82 -8.10 1.25
CA LEU E 138 -28.65 -9.29 2.11
C LEU E 138 -27.31 -9.21 2.87
N ILE E 139 -26.23 -8.89 2.16
CA ILE E 139 -24.92 -8.81 2.85
C ILE E 139 -24.93 -7.61 3.82
N LEU E 140 -25.59 -6.52 3.45
CA LEU E 140 -25.57 -5.32 4.32
C LEU E 140 -26.33 -5.60 5.60
N ARG E 141 -27.49 -6.24 5.52
CA ARG E 141 -28.24 -6.56 6.75
C ARG E 141 -27.48 -7.62 7.54
N SER E 142 -26.60 -8.37 6.90
CA SER E 142 -25.74 -9.33 7.65
C SER E 142 -24.66 -8.58 8.42
N VAL E 143 -24.17 -7.47 7.91
CA VAL E 143 -22.96 -6.83 8.51
C VAL E 143 -23.32 -5.50 9.17
N SER E 144 -24.44 -4.86 8.82
CA SER E 144 -24.77 -3.51 9.32
C SER E 144 -25.92 -3.59 10.31
N THR E 145 -25.78 -2.98 11.46
CA THR E 145 -26.83 -3.00 12.50
C THR E 145 -28.00 -2.11 12.10
N ALA E 146 -27.74 -1.00 11.44
CA ALA E 146 -28.83 -0.09 11.00
C ALA E 146 -29.74 -0.80 9.98
N VAL E 147 -29.13 -1.46 9.01
CA VAL E 147 -29.90 -2.18 7.96
C VAL E 147 -30.65 -3.33 8.61
N TYR E 148 -30.03 -4.01 9.56
CA TYR E 148 -30.70 -5.14 10.24
C TYR E 148 -31.91 -4.59 10.99
N LYS E 149 -31.77 -3.47 11.67
CA LYS E 149 -32.91 -2.89 12.41
C LYS E 149 -34.00 -2.51 11.40
N ARG E 150 -33.62 -2.14 10.19
CA ARG E 150 -34.64 -1.83 9.16
C ARG E 150 -35.26 -3.10 8.60
N PHE E 151 -34.47 -4.15 8.43
CA PHE E 151 -34.95 -5.44 7.86
C PHE E 151 -34.56 -6.57 8.78
N PRO E 152 -35.23 -6.70 9.94
CA PRO E 152 -34.86 -7.74 10.90
C PRO E 152 -35.23 -9.15 10.46
N SER E 153 -35.91 -9.32 9.33
CA SER E 153 -36.26 -10.65 8.80
C SER E 153 -36.43 -10.58 7.29
N ALA E 154 -36.40 -11.73 6.62
CA ALA E 154 -36.60 -11.80 5.16
C ALA E 154 -38.03 -11.38 4.83
N GLN E 155 -38.97 -11.59 5.74
CA GLN E 155 -40.35 -11.11 5.49
C GLN E 155 -40.36 -9.58 5.43
N HIS E 156 -39.52 -8.93 6.19
CA HIS E 156 -39.38 -7.45 6.10
C HIS E 156 -38.84 -7.08 4.73
N LEU E 157 -37.92 -7.86 4.19
CA LEU E 157 -37.40 -7.60 2.82
C LEU E 157 -38.53 -7.77 1.81
N VAL E 158 -39.39 -8.74 2.02
CA VAL E 158 -40.56 -8.95 1.12
C VAL E 158 -41.52 -7.77 1.22
N GLN E 159 -41.80 -7.31 2.43
CA GLN E 159 -42.73 -6.18 2.63
C GLN E 159 -42.11 -4.90 2.04
N ALA E 160 -40.81 -4.73 2.11
CA ALA E 160 -40.14 -3.52 1.62
C ALA E 160 -39.96 -3.57 0.10
N GLY E 161 -40.24 -4.70 -0.55
CA GLY E 161 -40.17 -4.81 -2.02
C GLY E 161 -38.80 -5.18 -2.55
N PHE E 162 -37.84 -5.51 -1.70
CA PHE E 162 -36.52 -5.99 -2.17
C PHE E 162 -36.64 -7.40 -2.71
N MET E 163 -37.56 -8.17 -2.17
CA MET E 163 -37.68 -9.60 -2.46
C MET E 163 -39.14 -9.90 -2.74
N THR E 164 -39.37 -10.54 -3.89
CA THR E 164 -40.67 -11.07 -4.28
C THR E 164 -41.00 -12.28 -3.40
N PRO E 165 -42.29 -12.51 -3.10
CA PRO E 165 -42.69 -13.71 -2.36
C PRO E 165 -42.20 -15.03 -2.97
N ALA E 166 -42.15 -15.10 -4.29
CA ALA E 166 -41.56 -16.24 -5.02
C ALA E 166 -40.10 -16.38 -4.66
N GLU E 167 -39.37 -15.28 -4.63
CA GLU E 167 -37.93 -15.30 -4.29
C GLU E 167 -37.76 -15.73 -2.85
N HIS E 168 -38.64 -15.28 -1.97
CA HIS E 168 -38.58 -15.69 -0.55
C HIS E 168 -38.77 -17.19 -0.44
N LYS E 169 -39.77 -17.72 -1.17
CA LYS E 169 -40.04 -19.17 -1.13
C LYS E 169 -38.82 -19.93 -1.64
N GLN E 170 -38.21 -19.45 -2.72
CA GLN E 170 -37.04 -20.13 -3.31
C GLN E 170 -35.88 -20.10 -2.33
N LEU E 171 -35.64 -19.00 -1.65
CA LEU E 171 -34.56 -18.90 -0.65
C LEU E 171 -34.83 -19.85 0.51
N GLU E 172 -36.08 -19.97 0.95
CA GLU E 172 -36.42 -20.93 2.03
C GLU E 172 -36.16 -22.35 1.54
N LYS E 173 -36.49 -22.64 0.29
CA LYS E 173 -36.27 -23.99 -0.30
C LYS E 173 -34.78 -24.30 -0.37
N LEU E 174 -33.95 -23.33 -0.70
CA LEU E 174 -32.49 -23.53 -0.87
C LEU E 174 -31.74 -23.53 0.45
N SER E 175 -32.41 -23.35 1.58
CA SER E 175 -31.74 -22.97 2.86
C SER E 175 -30.62 -23.95 3.22
N LEU E 176 -29.46 -23.40 3.52
CA LEU E 176 -28.28 -24.12 4.05
C LEU E 176 -27.94 -23.51 5.40
N PRO E 177 -27.13 -24.20 6.23
CA PRO E 177 -26.69 -23.63 7.50
C PRO E 177 -25.60 -22.56 7.34
N HIS E 178 -25.79 -21.65 6.42
CA HIS E 178 -24.83 -20.56 6.16
C HIS E 178 -25.61 -19.36 5.66
N ASN E 179 -24.93 -18.23 5.66
CA ASN E 179 -25.50 -16.98 5.15
C ASN E 179 -25.78 -17.15 3.65
N MET E 180 -26.99 -16.76 3.25
CA MET E 180 -27.47 -17.03 1.88
C MET E 180 -27.34 -15.77 1.02
N PHE E 181 -26.35 -14.92 1.26
CA PHE E 181 -26.23 -13.69 0.48
C PHE E 181 -25.72 -13.98 -0.93
N TRP E 182 -25.16 -15.14 -1.16
CA TRP E 182 -24.57 -15.50 -2.49
C TRP E 182 -25.65 -15.92 -3.49
N VAL E 183 -26.86 -16.22 -3.04
CA VAL E 183 -27.90 -16.82 -3.92
C VAL E 183 -28.29 -15.86 -5.05
N PRO E 184 -28.53 -14.56 -4.83
CA PRO E 184 -28.97 -13.73 -5.94
C PRO E 184 -27.96 -13.66 -7.09
N TRP E 185 -26.67 -13.87 -6.83
CA TRP E 185 -25.67 -13.85 -7.92
C TRP E 185 -25.84 -15.08 -8.81
N VAL E 186 -26.11 -16.25 -8.24
CA VAL E 186 -26.41 -17.45 -9.07
C VAL E 186 -27.71 -17.23 -9.82
N TRP E 187 -28.69 -16.61 -9.18
CA TRP E 187 -29.95 -16.28 -9.88
C TRP E 187 -29.67 -15.33 -11.04
N PHE E 188 -28.81 -14.35 -10.84
CA PHE E 188 -28.49 -13.35 -11.89
C PHE E 188 -27.83 -14.09 -13.04
N ALA E 189 -26.90 -14.98 -12.75
CA ALA E 189 -26.17 -15.69 -13.83
C ALA E 189 -27.15 -16.53 -14.63
N ASN E 190 -28.04 -17.23 -13.96
CA ASN E 190 -28.98 -18.12 -14.66
C ASN E 190 -29.98 -17.28 -15.47
N LEU E 191 -30.46 -16.17 -14.91
CA LEU E 191 -31.41 -15.31 -15.64
C LEU E 191 -30.73 -14.64 -16.84
N SER E 192 -29.46 -14.26 -16.72
CA SER E 192 -28.72 -13.65 -17.84
C SER E 192 -28.55 -14.68 -18.94
N MET E 193 -28.24 -15.91 -18.57
CA MET E 193 -28.07 -16.99 -19.57
C MET E 193 -29.41 -17.21 -20.27
N LYS E 194 -30.50 -17.22 -19.53
CA LYS E 194 -31.85 -17.42 -20.10
C LYS E 194 -32.16 -16.27 -21.05
N ALA E 195 -31.81 -15.05 -20.68
CA ALA E 195 -32.07 -13.86 -21.52
C ALA E 195 -31.27 -13.98 -22.82
N TRP E 196 -30.01 -14.39 -22.75
CA TRP E 196 -29.16 -14.56 -23.96
C TRP E 196 -29.72 -15.65 -24.83
N LEU E 197 -30.15 -16.77 -24.26
CA LEU E 197 -30.72 -17.88 -25.06
C LEU E 197 -32.05 -17.43 -25.69
N GLY E 198 -32.77 -16.52 -25.05
CA GLY E 198 -34.05 -16.03 -25.56
C GLY E 198 -33.93 -14.90 -26.55
N GLY E 199 -32.72 -14.44 -26.85
CA GLY E 199 -32.50 -13.38 -27.84
C GLY E 199 -32.58 -11.98 -27.26
N ARG E 200 -32.85 -11.83 -25.96
CA ARG E 200 -32.94 -10.48 -25.36
C ARG E 200 -31.54 -9.89 -25.23
N ILE E 201 -30.53 -10.70 -25.00
CA ILE E 201 -29.12 -10.23 -25.07
C ILE E 201 -28.58 -10.67 -26.41
N ARG E 202 -28.14 -9.74 -27.23
CA ARG E 202 -27.89 -10.00 -28.66
C ARG E 202 -26.61 -10.80 -28.86
N ASP E 203 -25.60 -10.62 -28.03
CA ASP E 203 -24.29 -11.28 -28.28
C ASP E 203 -23.72 -11.80 -26.98
N PRO E 204 -22.99 -12.94 -26.99
CA PRO E 204 -22.39 -13.48 -25.78
C PRO E 204 -21.31 -12.59 -25.16
N ILE E 205 -20.70 -11.71 -25.95
CA ILE E 205 -19.71 -10.73 -25.44
C ILE E 205 -20.42 -9.80 -24.46
N LEU E 206 -21.65 -9.43 -24.75
CA LEU E 206 -22.48 -8.57 -23.88
C LEU E 206 -22.80 -9.35 -22.59
N LEU E 207 -23.11 -10.62 -22.72
CA LEU E 207 -23.42 -11.48 -21.55
C LEU E 207 -22.17 -11.57 -20.66
N GLN E 208 -21.00 -11.71 -21.25
CA GLN E 208 -19.72 -11.78 -20.49
C GLN E 208 -19.51 -10.47 -19.72
N SER E 209 -19.81 -9.34 -20.33
CA SER E 209 -19.66 -8.02 -19.68
C SER E 209 -20.62 -7.91 -18.50
N LEU E 210 -21.86 -8.37 -18.66
CA LEU E 210 -22.86 -8.30 -17.55
C LEU E 210 -22.34 -9.12 -16.38
N LEU E 211 -21.88 -10.33 -16.67
CA LEU E 211 -21.45 -11.25 -15.60
C LEU E 211 -20.18 -10.73 -14.92
N ASN E 212 -19.27 -10.12 -15.67
CA ASN E 212 -18.03 -9.56 -15.07
C ASN E 212 -18.39 -8.44 -14.07
N GLU E 213 -19.37 -7.61 -14.39
CA GLU E 213 -19.82 -6.57 -13.47
C GLU E 213 -20.47 -7.22 -12.24
N MET E 214 -21.33 -8.19 -12.45
CA MET E 214 -22.01 -8.85 -11.33
C MET E 214 -20.94 -9.49 -10.43
N ASN E 215 -19.94 -10.13 -11.00
CA ASN E 215 -18.91 -10.84 -10.21
C ASN E 215 -18.08 -9.83 -9.42
N THR E 216 -17.86 -8.66 -9.97
CA THR E 216 -17.19 -7.59 -9.21
C THR E 216 -18.03 -7.25 -7.96
N LEU E 217 -19.32 -7.09 -8.13
CA LEU E 217 -20.20 -6.82 -6.99
C LEU E 217 -20.14 -7.99 -6.00
N ARG E 218 -20.11 -9.23 -6.50
CA ARG E 218 -20.03 -10.39 -5.59
C ARG E 218 -18.73 -10.30 -4.78
N THR E 219 -17.62 -9.99 -5.42
CA THR E 219 -16.33 -9.91 -4.70
C THR E 219 -16.40 -8.82 -3.61
N GLN E 220 -17.01 -7.68 -3.94
CA GLN E 220 -17.16 -6.60 -2.93
C GLN E 220 -17.97 -7.10 -1.73
N CYS E 221 -19.05 -7.79 -1.98
CA CYS E 221 -19.92 -8.32 -0.91
C CYS E 221 -19.15 -9.35 -0.07
N GLY E 222 -18.35 -10.19 -0.74
CA GLY E 222 -17.54 -11.16 0.00
C GLY E 222 -16.52 -10.47 0.89
N HIS E 223 -15.92 -9.38 0.41
CA HIS E 223 -14.96 -8.61 1.22
C HIS E 223 -15.68 -8.02 2.42
N LEU E 224 -16.89 -7.53 2.24
CA LEU E 224 -17.66 -6.97 3.38
C LEU E 224 -17.88 -8.08 4.41
N TYR E 225 -18.29 -9.25 3.95
CA TYR E 225 -18.53 -10.38 4.85
C TYR E 225 -17.24 -10.73 5.59
N ALA E 226 -16.12 -10.74 4.88
CA ALA E 226 -14.81 -11.09 5.48
C ALA E 226 -14.43 -10.09 6.56
N TYR E 227 -14.58 -8.80 6.28
CA TYR E 227 -14.25 -7.75 7.27
C TYR E 227 -15.17 -7.91 8.49
N ASP E 228 -16.44 -8.23 8.28
CA ASP E 228 -17.37 -8.43 9.41
C ASP E 228 -16.94 -9.61 10.25
N TRP E 229 -16.49 -10.67 9.60
CA TRP E 229 -16.14 -11.93 10.29
C TRP E 229 -14.76 -11.84 10.92
N ILE E 230 -13.75 -11.50 10.14
CA ILE E 230 -12.34 -11.51 10.63
C ILE E 230 -12.12 -10.14 11.25
N SER E 231 -12.35 -10.05 12.54
CA SER E 231 -12.13 -8.81 13.31
C SER E 231 -10.63 -8.55 13.44
N ILE E 232 -10.27 -7.33 13.79
CA ILE E 232 -8.87 -7.04 14.22
C ILE E 232 -8.60 -7.95 15.41
N PRO E 233 -7.43 -8.59 15.50
CA PRO E 233 -7.21 -9.56 16.57
C PRO E 233 -7.52 -8.95 17.94
N LEU E 234 -8.26 -9.70 18.75
CA LEU E 234 -8.73 -9.19 20.07
C LEU E 234 -7.51 -8.91 20.96
N VAL E 235 -6.41 -9.62 20.77
CA VAL E 235 -5.22 -9.39 21.63
C VAL E 235 -4.69 -7.98 21.41
N TYR E 236 -4.68 -7.52 20.16
CA TYR E 236 -4.18 -6.18 19.82
C TYR E 236 -5.07 -5.10 20.44
N THR E 237 -6.37 -5.28 20.32
CA THR E 237 -7.35 -4.35 20.91
C THR E 237 -7.19 -4.31 22.42
N GLN E 238 -7.06 -5.48 23.04
CA GLN E 238 -6.93 -5.56 24.52
C GLN E 238 -5.65 -4.85 24.94
N VAL E 239 -4.57 -5.02 24.17
CA VAL E 239 -3.28 -4.37 24.51
C VAL E 239 -3.47 -2.86 24.52
N VAL E 240 -4.06 -2.32 23.48
CA VAL E 240 -4.18 -0.85 23.34
C VAL E 240 -5.11 -0.33 24.42
N THR E 241 -6.20 -1.03 24.68
CA THR E 241 -7.18 -0.61 25.70
C THR E 241 -6.48 -0.56 27.07
N VAL E 242 -5.72 -1.61 27.37
CA VAL E 242 -5.07 -1.69 28.70
C VAL E 242 -4.04 -0.56 28.79
N ALA E 243 -3.31 -0.28 27.73
CA ALA E 243 -2.33 0.85 27.72
C ALA E 243 -3.03 2.16 28.10
N VAL E 244 -4.09 2.50 27.40
CA VAL E 244 -4.77 3.80 27.64
C VAL E 244 -5.36 3.83 29.07
N TYR E 245 -6.05 2.77 29.47
CA TYR E 245 -6.77 2.76 30.75
C TYR E 245 -5.76 2.73 31.91
N SER E 246 -4.66 2.03 31.75
CA SER E 246 -3.61 1.96 32.81
C SER E 246 -3.00 3.35 32.94
N PHE E 247 -2.76 4.02 31.82
CA PHE E 247 -2.21 5.41 31.85
C PHE E 247 -3.12 6.31 32.69
N PHE E 248 -4.41 6.28 32.43
CA PHE E 248 -5.34 7.21 33.10
C PHE E 248 -5.79 6.69 34.46
N LEU E 249 -5.52 5.45 34.81
CA LEU E 249 -5.71 4.99 36.20
C LEU E 249 -4.51 5.43 37.03
N THR E 250 -3.32 5.37 36.46
CA THR E 250 -2.12 5.92 37.13
C THR E 250 -2.28 7.44 37.33
N CYS E 251 -2.79 8.13 36.34
CA CYS E 251 -3.05 9.59 36.42
C CYS E 251 -3.98 9.94 37.58
N LEU E 252 -4.79 9.00 38.03
CA LEU E 252 -5.74 9.28 39.14
C LEU E 252 -4.97 9.60 40.41
N VAL E 253 -3.84 8.93 40.60
CA VAL E 253 -3.00 9.12 41.82
C VAL E 253 -1.83 10.04 41.52
N GLY E 254 -1.13 9.84 40.43
CA GLY E 254 0.11 10.56 40.07
C GLY E 254 -0.15 12.03 39.77
N ARG E 255 -1.36 12.40 39.39
CA ARG E 255 -1.67 13.80 39.04
C ARG E 255 -2.39 14.51 40.15
N GLN E 256 -2.35 13.98 41.36
CA GLN E 256 -2.99 14.64 42.51
C GLN E 256 -2.14 15.81 42.97
N PHE E 257 -2.78 16.89 43.40
CA PHE E 257 -2.06 18.06 43.93
C PHE E 257 -1.74 17.79 45.39
N LEU E 258 -0.47 17.50 45.69
CA LEU E 258 -0.06 17.23 47.08
C LEU E 258 -0.09 18.52 47.89
N ASN E 259 0.09 18.38 49.19
CA ASN E 259 0.06 19.54 50.12
C ASN E 259 1.21 20.46 49.75
N PRO E 260 0.96 21.75 49.44
CA PRO E 260 2.05 22.68 49.15
C PRO E 260 2.95 22.94 50.37
N ALA E 261 2.45 22.70 51.59
CA ALA E 261 3.23 22.84 52.84
C ALA E 261 4.47 21.93 52.81
N LYS E 262 4.32 20.70 52.32
CA LYS E 262 5.42 19.72 52.29
C LYS E 262 6.48 20.16 51.28
N ALA E 263 6.15 21.02 50.32
CA ALA E 263 7.10 21.63 49.36
C ALA E 263 7.81 20.52 48.57
N TYR E 264 7.06 19.53 48.11
CA TYR E 264 7.61 18.51 47.18
C TYR E 264 8.00 19.21 45.89
N PRO E 265 9.11 18.80 45.24
CA PRO E 265 9.48 19.36 43.94
C PRO E 265 8.40 19.11 42.88
N GLY E 266 7.81 20.19 42.38
CA GLY E 266 6.77 20.13 41.34
C GLY E 266 5.37 20.14 41.90
N HIS E 267 5.21 20.14 43.22
CA HIS E 267 3.86 20.15 43.85
C HIS E 267 3.64 21.40 44.69
N GLU E 268 4.38 22.46 44.41
CA GLU E 268 4.31 23.70 45.23
C GLU E 268 2.98 24.41 44.95
N LEU E 269 2.46 24.30 43.74
CA LEU E 269 1.22 25.03 43.36
C LEU E 269 0.04 24.09 43.33
N ASP E 270 -1.02 24.43 44.05
CA ASP E 270 -2.27 23.66 44.06
C ASP E 270 -3.28 24.39 43.18
N LEU E 271 -3.49 23.89 41.97
CA LEU E 271 -4.39 24.53 40.99
C LEU E 271 -5.79 23.91 41.05
N VAL E 272 -5.91 22.86 41.87
CA VAL E 272 -7.21 22.12 42.02
C VAL E 272 -7.53 21.39 40.70
N VAL E 273 -7.62 22.12 39.58
CA VAL E 273 -8.01 21.48 38.30
C VAL E 273 -6.76 21.09 37.54
N PRO E 274 -6.53 19.78 37.28
CA PRO E 274 -5.38 19.36 36.49
C PRO E 274 -5.67 19.56 34.98
N VAL E 275 -5.39 20.75 34.51
CA VAL E 275 -5.76 21.17 33.14
C VAL E 275 -4.95 20.32 32.14
N PHE E 276 -3.69 20.08 32.41
CA PHE E 276 -2.82 19.33 31.47
C PHE E 276 -3.20 17.87 31.47
N THR E 277 -3.56 17.33 32.62
CA THR E 277 -4.06 15.93 32.71
C THR E 277 -5.35 15.81 31.92
N PHE E 278 -6.24 16.77 32.00
CA PHE E 278 -7.49 16.76 31.21
C PHE E 278 -7.20 16.87 29.71
N LEU E 279 -6.23 17.69 29.34
CA LEU E 279 -5.85 17.81 27.92
C LEU E 279 -5.30 16.46 27.44
N GLN E 280 -4.45 15.83 28.24
CA GLN E 280 -3.88 14.52 27.89
C GLN E 280 -5.01 13.50 27.77
N PHE E 281 -6.01 13.57 28.66
CA PHE E 281 -7.17 12.67 28.61
C PHE E 281 -7.88 12.84 27.28
N PHE E 282 -8.19 14.08 26.94
CA PHE E 282 -8.85 14.40 25.65
C PHE E 282 -8.05 13.81 24.50
N PHE E 283 -6.77 14.10 24.44
CA PHE E 283 -5.89 13.64 23.32
C PHE E 283 -5.87 12.11 23.25
N TYR E 284 -5.43 11.44 24.29
CA TYR E 284 -5.21 9.97 24.21
C TYR E 284 -6.52 9.18 24.15
N VAL E 285 -7.52 9.57 24.92
CA VAL E 285 -8.81 8.84 24.90
C VAL E 285 -9.52 9.15 23.57
N GLY E 286 -9.38 10.34 23.02
CA GLY E 286 -9.94 10.65 21.69
C GLY E 286 -9.24 9.85 20.62
N TRP E 287 -7.93 9.68 20.73
CA TRP E 287 -7.18 8.86 19.78
C TRP E 287 -7.72 7.44 19.83
N LEU E 288 -7.99 6.93 21.02
CA LEU E 288 -8.57 5.56 21.16
C LEU E 288 -10.00 5.57 20.61
N LYS E 289 -10.76 6.63 20.82
CA LYS E 289 -12.17 6.70 20.40
C LYS E 289 -12.26 6.76 18.88
N VAL E 290 -11.24 7.28 18.20
CA VAL E 290 -11.18 7.20 16.73
C VAL E 290 -11.29 5.73 16.34
N ALA E 291 -10.45 4.88 16.93
CA ALA E 291 -10.46 3.43 16.63
C ALA E 291 -11.78 2.84 17.11
N GLU E 292 -12.25 3.24 18.27
CA GLU E 292 -13.50 2.67 18.85
C GLU E 292 -14.65 2.88 17.87
N GLN E 293 -14.74 4.08 17.30
CA GLN E 293 -15.83 4.41 16.36
C GLN E 293 -15.59 3.74 15.00
N LEU E 294 -14.36 3.70 14.55
CA LEU E 294 -14.05 3.25 13.16
C LEU E 294 -13.86 1.74 13.10
N ILE E 295 -13.77 1.02 14.22
CA ILE E 295 -13.45 -0.44 14.19
C ILE E 295 -14.59 -1.20 13.50
N ASN E 296 -15.82 -0.77 13.71
CA ASN E 296 -17.00 -1.32 12.98
C ASN E 296 -17.72 -0.15 12.36
N PRO E 297 -17.45 0.17 11.09
CA PRO E 297 -18.03 1.36 10.48
C PRO E 297 -19.47 1.20 10.01
N PHE E 298 -20.11 0.08 10.36
CA PHE E 298 -21.50 -0.22 9.94
C PHE E 298 -22.41 -0.21 11.17
N GLY E 299 -21.98 0.37 12.27
CA GLY E 299 -22.85 0.54 13.44
C GLY E 299 -23.79 1.73 13.25
N GLU E 300 -24.05 2.46 14.31
CA GLU E 300 -24.98 3.60 14.33
C GLU E 300 -24.26 4.82 14.88
N ASP E 301 -22.93 4.85 14.86
CA ASP E 301 -22.17 6.06 15.26
C ASP E 301 -22.45 7.17 14.26
N ASP E 302 -22.15 8.40 14.66
CA ASP E 302 -22.35 9.56 13.77
C ASP E 302 -21.43 9.45 12.56
N ASP E 303 -20.21 8.96 12.75
CA ASP E 303 -19.24 8.87 11.64
C ASP E 303 -19.31 7.53 10.93
N ASP E 304 -20.26 6.67 11.28
CA ASP E 304 -20.43 5.38 10.57
C ASP E 304 -21.09 5.61 9.21
N PHE E 305 -20.96 4.64 8.32
CA PHE E 305 -21.51 4.75 6.96
C PHE E 305 -23.03 4.79 7.00
N GLU E 306 -23.60 5.57 6.10
CA GLU E 306 -25.06 5.68 5.92
C GLU E 306 -25.48 4.55 5.01
N THR E 307 -25.58 3.35 5.55
CA THR E 307 -25.92 2.16 4.74
C THR E 307 -27.37 2.21 4.29
N ASN E 308 -28.28 2.70 5.11
CA ASN E 308 -29.71 2.72 4.71
C ASN E 308 -29.90 3.69 3.55
N TRP E 309 -29.22 4.81 3.59
CA TRP E 309 -29.32 5.78 2.49
C TRP E 309 -28.78 5.12 1.22
N ILE E 310 -27.66 4.45 1.33
CA ILE E 310 -27.02 3.80 0.14
C ILE E 310 -28.00 2.76 -0.42
N VAL E 311 -28.64 1.97 0.44
CA VAL E 311 -29.62 0.96 -0.01
C VAL E 311 -30.76 1.64 -0.78
N ASP E 312 -31.34 2.68 -0.23
CA ASP E 312 -32.47 3.38 -0.87
C ASP E 312 -32.03 3.99 -2.19
N ARG E 313 -30.89 4.67 -2.19
CA ARG E 313 -30.43 5.34 -3.42
C ARG E 313 -30.16 4.31 -4.49
N ASN E 314 -29.51 3.21 -4.14
CA ASN E 314 -29.15 2.20 -5.14
C ASN E 314 -30.43 1.66 -5.78
N LEU E 315 -31.43 1.36 -4.98
CA LEU E 315 -32.68 0.81 -5.52
C LEU E 315 -33.34 1.81 -6.46
N GLN E 316 -33.49 3.06 -6.02
CA GLN E 316 -34.18 4.10 -6.84
C GLN E 316 -33.43 4.29 -8.15
N VAL E 317 -32.12 4.47 -8.05
CA VAL E 317 -31.30 4.84 -9.23
C VAL E 317 -31.25 3.65 -10.19
N SER E 318 -31.04 2.45 -9.68
CA SER E 318 -30.88 1.26 -10.55
C SER E 318 -32.20 0.98 -11.28
N LEU E 319 -33.32 1.09 -10.58
CA LEU E 319 -34.60 0.81 -11.25
C LEU E 319 -34.86 1.89 -12.31
N LEU E 320 -34.55 3.14 -12.03
CA LEU E 320 -34.75 4.24 -13.01
C LEU E 320 -33.87 3.99 -14.20
N ALA E 321 -32.63 3.58 -13.98
CA ALA E 321 -31.65 3.42 -15.08
C ALA E 321 -32.08 2.30 -16.02
N VAL E 322 -32.58 1.21 -15.46
CA VAL E 322 -32.86 0.02 -16.31
C VAL E 322 -34.28 0.08 -16.85
N ASP E 323 -35.17 0.88 -16.30
CA ASP E 323 -36.59 0.86 -16.75
C ASP E 323 -36.92 2.11 -17.55
N GLU E 324 -36.81 3.29 -16.95
CA GLU E 324 -37.28 4.53 -17.62
C GLU E 324 -36.22 5.08 -18.57
N MET E 325 -34.94 4.82 -18.31
CA MET E 325 -33.85 5.39 -19.11
C MET E 325 -33.38 4.44 -20.20
N HIS E 326 -34.02 3.31 -20.40
CA HIS E 326 -33.59 2.31 -21.42
C HIS E 326 -34.01 2.82 -22.80
N GLN E 327 -33.03 3.07 -23.66
CA GLN E 327 -33.21 3.56 -25.03
C GLN E 327 -34.03 4.85 -25.01
N ASP E 328 -33.95 5.62 -23.94
CA ASP E 328 -34.63 6.92 -23.81
C ASP E 328 -33.53 7.97 -23.74
N LEU E 329 -33.10 8.44 -24.90
CA LEU E 329 -31.97 9.37 -25.00
C LEU E 329 -32.48 10.76 -25.34
N PRO E 330 -31.80 11.81 -24.87
CA PRO E 330 -32.10 13.15 -25.32
C PRO E 330 -31.76 13.32 -26.80
N ARG E 331 -32.48 14.24 -27.44
CA ARG E 331 -32.36 14.49 -28.90
C ARG E 331 -30.90 14.80 -29.23
N MET E 332 -30.37 14.10 -30.22
CA MET E 332 -28.94 14.22 -30.57
C MET E 332 -28.80 15.29 -31.63
N GLU E 333 -28.29 16.46 -31.23
CA GLU E 333 -28.16 17.62 -32.12
C GLU E 333 -26.74 18.15 -32.02
N PRO E 334 -26.26 18.89 -33.03
CA PRO E 334 -24.98 19.56 -32.94
C PRO E 334 -24.91 20.47 -31.70
N ASP E 335 -23.75 20.46 -31.07
CA ASP E 335 -23.46 21.27 -29.86
C ASP E 335 -23.04 22.69 -30.28
N MET E 336 -22.74 23.50 -29.29
CA MET E 336 -22.41 24.91 -29.57
C MET E 336 -21.03 25.02 -30.20
N TYR E 337 -20.17 24.04 -30.05
CA TYR E 337 -18.83 24.05 -30.70
C TYR E 337 -18.80 23.13 -31.92
N TRP E 338 -19.87 23.10 -32.69
CA TRP E 338 -19.97 22.18 -33.84
C TRP E 338 -18.87 22.44 -34.85
N ASN E 339 -18.61 23.71 -35.17
CA ASN E 339 -17.54 24.05 -36.15
C ASN E 339 -16.54 24.99 -35.47
N LYS E 340 -16.27 24.76 -34.19
CA LYS E 340 -15.24 25.52 -33.43
C LYS E 340 -14.06 24.60 -33.22
N PRO E 341 -12.92 24.82 -33.92
CA PRO E 341 -11.75 23.95 -33.75
C PRO E 341 -11.19 23.93 -32.31
N GLU E 342 -11.30 25.06 -31.61
CA GLU E 342 -10.82 25.21 -30.22
C GLU E 342 -11.97 25.77 -29.40
N PRO E 343 -12.80 24.90 -28.79
CA PRO E 343 -13.78 25.38 -27.83
C PRO E 343 -13.12 26.06 -26.62
N GLN E 344 -13.78 27.10 -26.11
CA GLN E 344 -13.37 27.81 -24.89
C GLN E 344 -14.61 28.17 -24.11
N PRO E 345 -15.08 27.28 -23.21
CA PRO E 345 -16.23 27.58 -22.37
C PRO E 345 -15.95 28.81 -21.51
N PRO E 346 -16.97 29.66 -21.29
CA PRO E 346 -16.76 30.90 -20.56
C PRO E 346 -16.52 30.67 -19.06
N TYR E 347 -15.97 31.69 -18.44
CA TYR E 347 -15.76 31.75 -16.98
C TYR E 347 -16.68 32.83 -16.41
N THR E 348 -17.23 32.57 -15.25
CA THR E 348 -18.05 33.57 -14.53
C THR E 348 -17.12 34.59 -13.88
N ALA E 349 -17.70 35.64 -13.33
CA ALA E 349 -16.96 36.68 -12.59
C ALA E 349 -16.27 36.04 -11.37
N ALA E 350 -16.96 35.13 -10.69
CA ALA E 350 -16.47 34.46 -9.46
C ALA E 350 -15.30 33.56 -9.78
N SER E 351 -15.25 33.00 -10.99
CA SER E 351 -14.26 31.94 -11.32
C SER E 351 -13.25 32.44 -12.34
N ALA E 352 -13.23 33.73 -12.68
CA ALA E 352 -12.31 34.24 -13.72
C ALA E 352 -10.86 34.06 -13.28
N GLN E 353 -10.58 34.09 -12.00
CA GLN E 353 -9.19 33.97 -11.50
C GLN E 353 -8.65 32.55 -11.64
N PHE E 354 -9.50 31.56 -11.91
CA PHE E 354 -9.05 30.15 -12.02
C PHE E 354 -8.67 29.80 -13.45
N ARG E 355 -8.77 30.74 -14.38
CA ARG E 355 -8.32 30.48 -15.77
C ARG E 355 -6.78 30.50 -15.76
N ARG E 356 -6.19 29.38 -16.13
CA ARG E 356 -4.74 29.15 -16.03
C ARG E 356 -4.22 28.72 -17.38
N ALA E 357 -2.95 29.02 -17.65
CA ALA E 357 -2.24 28.47 -18.81
C ALA E 357 -1.94 27.00 -18.52
N SER E 358 -1.87 26.20 -19.59
CA SER E 358 -1.59 24.76 -19.53
C SER E 358 -0.20 24.51 -18.95
N PHE E 359 -0.05 23.46 -18.15
CA PHE E 359 1.27 22.95 -17.74
C PHE E 359 1.83 22.11 -18.89
N MET E 360 2.96 22.54 -19.46
CA MET E 360 3.51 21.91 -20.67
C MET E 360 4.70 21.01 -20.33
N GLY E 361 4.92 20.69 -19.06
CA GLY E 361 6.04 19.86 -18.64
C GLY E 361 7.15 20.63 -17.97
N SER E 362 7.88 19.94 -17.11
CA SER E 362 8.95 20.54 -16.29
C SER E 362 10.14 20.94 -17.16
N THR E 363 10.28 20.43 -18.37
CA THR E 363 11.44 20.73 -19.23
C THR E 363 11.12 21.89 -20.18
N PHE E 364 9.97 22.53 -20.05
CA PHE E 364 9.52 23.49 -21.09
C PHE E 364 10.45 24.71 -21.15
N ASN E 365 10.90 25.16 -19.98
CA ASN E 365 11.63 26.45 -19.83
C ASN E 365 13.13 26.23 -19.79
N ILE E 366 13.63 25.05 -20.13
CA ILE E 366 15.11 24.82 -20.21
C ILE E 366 15.64 25.62 -21.40
N SER E 367 16.68 26.40 -21.16
CA SER E 367 17.32 27.25 -22.20
C SER E 367 18.66 26.64 -22.61
N LEU E 368 18.88 26.47 -23.90
CA LEU E 368 20.13 25.88 -24.41
C LEU E 368 20.72 26.79 -25.48
N ASN E 369 22.04 26.77 -25.60
CA ASN E 369 22.77 27.52 -26.65
C ASN E 369 22.58 26.84 -27.99
N LYS E 370 22.93 27.54 -29.07
CA LYS E 370 22.80 26.99 -30.44
C LYS E 370 23.73 25.78 -30.59
N GLU E 371 24.92 25.85 -30.04
CA GLU E 371 25.91 24.75 -30.14
C GLU E 371 25.45 23.55 -29.30
N GLU E 372 24.74 23.80 -28.20
CA GLU E 372 24.30 22.71 -27.30
C GLU E 372 23.19 21.88 -27.96
N MET E 373 22.48 22.44 -28.94
CA MET E 373 21.34 21.73 -29.55
C MET E 373 21.73 21.07 -30.87
N GLU E 374 23.01 21.03 -31.22
CA GLU E 374 23.45 20.41 -32.49
C GLU E 374 23.68 18.94 -32.25
N PHE E 375 23.12 18.09 -33.12
CA PHE E 375 23.40 16.63 -33.08
C PHE E 375 24.86 16.39 -33.44
N GLN E 376 25.49 15.46 -32.74
CA GLN E 376 26.89 15.08 -33.00
C GLN E 376 26.89 13.74 -33.74
N PRO E 377 27.87 13.52 -34.64
CA PRO E 377 28.00 12.24 -35.33
C PRO E 377 28.51 11.09 -34.44
CA CA F . -1.05 -18.98 14.51
C1' PAB G . 8.28 -0.49 38.72
O1' PAB G . 7.21 -0.37 39.30
O2' PAB G . 8.29 -0.92 37.55
C1 PAB G . 9.56 -0.06 39.41
C2 PAB G . 9.84 1.30 39.58
C3 PAB G . 11.03 1.67 40.20
C4 PAB G . 11.93 0.70 40.62
C5 PAB G . 11.65 -0.67 40.45
C6 PAB G . 10.46 -1.04 39.85
N4 PAB G . 13.17 1.03 41.29
CA CA H . -7.73 22.66 0.04
C1' PAB I . 12.91 29.05 23.59
O1' PAB I . 13.67 29.81 22.97
O2' PAB I . 12.14 28.30 22.95
C1 PAB I . 12.89 29.08 25.10
C2 PAB I . 13.78 28.31 25.82
C3 PAB I . 13.74 28.31 27.21
C4 PAB I . 12.82 29.08 27.90
C5 PAB I . 11.94 29.85 27.19
C6 PAB I . 11.98 29.84 25.79
N4 PAB I . 12.80 29.05 29.36
CL CL J . -1.81 18.70 35.76
CA CA K . 21.10 -11.66 -0.64
CL CL L . 27.67 -2.37 29.15
CA CA M . 16.80 14.09 -9.35
C1' PAB N . 30.42 17.32 19.03
O1' PAB N . 31.54 16.88 18.66
O2' PAB N . 29.39 17.06 18.38
C1 PAB N . 30.32 18.17 20.28
C2 PAB N . 29.89 17.62 21.47
C3 PAB N . 29.80 18.45 22.60
C4 PAB N . 30.11 19.80 22.52
C5 PAB N . 30.52 20.37 21.31
C6 PAB N . 30.63 19.54 20.18
N4 PAB N . 29.98 20.65 23.68
CA CA O . -18.87 2.02 14.63
#